data_6EW8
# 
_entry.id   6EW8 
# 
_audit_conform.dict_name       mmcif_pdbx.dic 
_audit_conform.dict_version    5.391 
_audit_conform.dict_location   http://mmcif.pdb.org/dictionaries/ascii/mmcif_pdbx.dic 
# 
loop_
_database_2.database_id 
_database_2.database_code 
_database_2.pdbx_database_accession 
_database_2.pdbx_DOI 
PDB   6EW8         pdb_00006ew8 10.2210/pdb6ew8/pdb 
WWPDB D_1200007357 ?            ?                   
# 
loop_
_pdbx_audit_revision_history.ordinal 
_pdbx_audit_revision_history.data_content_type 
_pdbx_audit_revision_history.major_revision 
_pdbx_audit_revision_history.minor_revision 
_pdbx_audit_revision_history.revision_date 
1 'Structure model' 1 0 2018-10-24 
2 'Structure model' 1 1 2018-10-31 
3 'Structure model' 1 2 2018-11-28 
4 'Structure model' 1 3 2024-05-08 
# 
_pdbx_audit_revision_details.ordinal             1 
_pdbx_audit_revision_details.revision_ordinal    1 
_pdbx_audit_revision_details.data_content_type   'Structure model' 
_pdbx_audit_revision_details.provider            repository 
_pdbx_audit_revision_details.type                'Initial release' 
_pdbx_audit_revision_details.description         ? 
_pdbx_audit_revision_details.details             ? 
# 
loop_
_pdbx_audit_revision_group.ordinal 
_pdbx_audit_revision_group.revision_ordinal 
_pdbx_audit_revision_group.data_content_type 
_pdbx_audit_revision_group.group 
1 2 'Structure model' 'Data collection'     
2 2 'Structure model' 'Database references' 
3 3 'Structure model' 'Data collection'     
4 3 'Structure model' 'Database references' 
5 4 'Structure model' 'Data collection'     
6 4 'Structure model' 'Database references' 
# 
loop_
_pdbx_audit_revision_category.ordinal 
_pdbx_audit_revision_category.revision_ordinal 
_pdbx_audit_revision_category.data_content_type 
_pdbx_audit_revision_category.category 
1 2 'Structure model' citation           
2 2 'Structure model' citation_author    
3 3 'Structure model' citation           
4 3 'Structure model' citation_author    
5 3 'Structure model' pdbx_database_proc 
6 4 'Structure model' chem_comp_atom     
7 4 'Structure model' chem_comp_bond     
8 4 'Structure model' database_2         
# 
loop_
_pdbx_audit_revision_item.ordinal 
_pdbx_audit_revision_item.revision_ordinal 
_pdbx_audit_revision_item.data_content_type 
_pdbx_audit_revision_item.item 
1 2 'Structure model' '_citation.journal_abbrev'            
2 2 'Structure model' '_citation.pdbx_database_id_PubMed'   
3 2 'Structure model' '_citation.title'                     
4 3 'Structure model' '_citation.journal_volume'            
5 3 'Structure model' '_citation.page_first'                
6 3 'Structure model' '_citation.page_last'                 
7 3 'Structure model' '_citation_author.identifier_ORCID'   
8 4 'Structure model' '_database_2.pdbx_DOI'                
9 4 'Structure model' '_database_2.pdbx_database_accession' 
# 
_pdbx_database_status.status_code                     REL 
_pdbx_database_status.status_code_sf                  REL 
_pdbx_database_status.status_code_mr                  ? 
_pdbx_database_status.entry_id                        6EW8 
_pdbx_database_status.recvd_initial_deposition_date   2017-11-03 
_pdbx_database_status.SG_entry                        N 
_pdbx_database_status.deposit_site                    PDBE 
_pdbx_database_status.process_site                    PDBE 
_pdbx_database_status.status_code_cs                  ? 
_pdbx_database_status.methods_development_category    ? 
_pdbx_database_status.pdb_format_compatible           Y 
_pdbx_database_status.status_code_nmr_data            ? 
# 
loop_
_pdbx_database_related.db_name 
_pdbx_database_related.details 
_pdbx_database_related.db_id 
_pdbx_database_related.content_type 
PDB . 5N21 unspecified 
PDB . 5N20 unspecified 
PDB . 5N1Z unspecified 
PDB . 5N1X unspecified 
# 
loop_
_audit_author.name 
_audit_author.pdbx_ordinal 
_audit_author.identifier_ORCID 
'Robb, G.'       1 ? 
'Ferguson, A.'   2 ? 
'Hargreaves, D.' 3 ? 
# 
_citation.abstract                  ? 
_citation.abstract_id_CAS           ? 
_citation.book_id_ISBN              ? 
_citation.book_publisher            ? 
_citation.book_publisher_city       ? 
_citation.book_title                ? 
_citation.coordinate_linkage        ? 
_citation.country                   US 
_citation.database_id_Medline       ? 
_citation.details                   ? 
_citation.id                        primary 
_citation.journal_abbrev            'ACS Chem. Biol.' 
_citation.journal_id_ASTM           ? 
_citation.journal_id_CSD            ? 
_citation.journal_id_ISSN           1554-8937 
_citation.journal_full              ? 
_citation.journal_issue             ? 
_citation.journal_volume            13 
_citation.language                  ? 
_citation.page_first                3131 
_citation.page_last                 3141 
_citation.title                     
'Development of a Novel B-Cell Lymphoma 6 (BCL6) PROTAC To Provide Insight into Small Molecule Targeting of BCL6.' 
_citation.year                      2018 
_citation.database_id_CSD           ? 
_citation.pdbx_database_id_DOI      10.1021/acschembio.8b00698 
_citation.pdbx_database_id_PubMed   30335946 
_citation.unpublished_flag          ? 
# 
loop_
_citation_author.citation_id 
_citation_author.name 
_citation_author.ordinal 
_citation_author.identifier_ORCID 
primary 'McCoull, W.'    1  ? 
primary 'Cheung, T.'     2  ? 
primary 'Anderson, E.'   3  ? 
primary 'Barton, P.'     4  ? 
primary 'Burgess, J.'    5  ? 
primary 'Byth, K.'       6  ? 
primary 'Cao, Q.'        7  ? 
primary 'Castaldi, M.P.' 8  ? 
primary 'Chen, H.'       9  ? 
primary 'Chiarparin, E.' 10 ? 
primary 'Carbajo, R.J.'  11 ? 
primary 'Code, E.'       12 ? 
primary 'Cowan, S.'      13 ? 
primary 'Davey, P.R.'    14 ? 
primary 'Ferguson, A.D.' 15 ? 
primary 'Fillery, S.'    16 ? 
primary 'Fuller, N.O.'   17 ? 
primary 'Gao, N.'        18 ? 
primary 'Hargreaves, D.' 19 ? 
primary 'Howard, M.R.'   20 ? 
primary 'Hu, J.'         21 ? 
primary 'Kawatkar, A.'   22 ? 
primary 'Kemmitt, P.D.'  23 ? 
primary 'Leo, E.'        24 ? 
primary 'Molina, D.M.'   25 ? 
primary 
;O'Connell, N.
;
26 ? 
primary 'Petteruti, P.'  27 ? 
primary 'Rasmusson, T.'  28 ? 
primary 'Raubo, P.'      29 ? 
primary 'Rawlins, P.B.'  30 ? 
primary 'Ricchiuto, P.'  31 ? 
primary 'Robb, G.R.'     32 ? 
primary 'Schenone, M.'   33 ? 
primary 'Waring, M.J.'   34 ? 
primary 'Zinda, M.'      35 ? 
primary 'Fawell, S.'     36 ? 
primary 'Wilson, D.M.'   37 ? 
# 
loop_
_entity.id 
_entity.type 
_entity.src_method 
_entity.pdbx_description 
_entity.formula_weight 
_entity.pdbx_number_of_molecules 
_entity.pdbx_ec 
_entity.pdbx_mutation 
_entity.pdbx_fragment 
_entity.details 
1 polymer     man 'B-cell lymphoma 6 protein' 14344.615 1   ? ? ? ? 
2 non-polymer syn 'CHLORIDE ION'              35.453    1   ? ? ? ? 
3 non-polymer syn 'anilinopyrimidine ligand'  444.915   1   ? ? ? ? 
4 water       nat water                       18.015    100 ? ? ? ? 
# 
_entity_name_com.entity_id   1 
_entity_name_com.name        
'BCL-6,B-cell lymphoma 5 protein,BCL-5,Protein LAZ-3,Zinc finger and BTB domain-containing protein 27,Zinc finger protein 51' 
# 
_entity_poly.entity_id                      1 
_entity_poly.type                           'polypeptide(L)' 
_entity_poly.nstd_linkage                   no 
_entity_poly.nstd_monomer                   no 
_entity_poly.pdbx_seq_one_letter_code       
;DSQIQFTRHASDVLLNLNRLRSRDILTDVVIVVSREQFRAHKTVLMACSGLFYSIFTDQLKRNLSVINLDPEINPEGFNI
LLDFMYTSRLNLREGNIMAVMATAMYLQMEHVVDTCRKFIKASE
;
_entity_poly.pdbx_seq_one_letter_code_can   
;DSQIQFTRHASDVLLNLNRLRSRDILTDVVIVVSREQFRAHKTVLMACSGLFYSIFTDQLKRNLSVINLDPEINPEGFNI
LLDFMYTSRLNLREGNIMAVMATAMYLQMEHVVDTCRKFIKASE
;
_entity_poly.pdbx_strand_id                 A 
_entity_poly.pdbx_target_identifier         ? 
# 
loop_
_pdbx_entity_nonpoly.entity_id 
_pdbx_entity_nonpoly.name 
_pdbx_entity_nonpoly.comp_id 
2 'CHLORIDE ION'             CL  
3 'anilinopyrimidine ligand' C0Q 
4 water                      HOH 
# 
loop_
_entity_poly_seq.entity_id 
_entity_poly_seq.num 
_entity_poly_seq.mon_id 
_entity_poly_seq.hetero 
1 1   ASP n 
1 2   SER n 
1 3   GLN n 
1 4   ILE n 
1 5   GLN n 
1 6   PHE n 
1 7   THR n 
1 8   ARG n 
1 9   HIS n 
1 10  ALA n 
1 11  SER n 
1 12  ASP n 
1 13  VAL n 
1 14  LEU n 
1 15  LEU n 
1 16  ASN n 
1 17  LEU n 
1 18  ASN n 
1 19  ARG n 
1 20  LEU n 
1 21  ARG n 
1 22  SER n 
1 23  ARG n 
1 24  ASP n 
1 25  ILE n 
1 26  LEU n 
1 27  THR n 
1 28  ASP n 
1 29  VAL n 
1 30  VAL n 
1 31  ILE n 
1 32  VAL n 
1 33  VAL n 
1 34  SER n 
1 35  ARG n 
1 36  GLU n 
1 37  GLN n 
1 38  PHE n 
1 39  ARG n 
1 40  ALA n 
1 41  HIS n 
1 42  LYS n 
1 43  THR n 
1 44  VAL n 
1 45  LEU n 
1 46  MET n 
1 47  ALA n 
1 48  CYS n 
1 49  SER n 
1 50  GLY n 
1 51  LEU n 
1 52  PHE n 
1 53  TYR n 
1 54  SER n 
1 55  ILE n 
1 56  PHE n 
1 57  THR n 
1 58  ASP n 
1 59  GLN n 
1 60  LEU n 
1 61  LYS n 
1 62  ARG n 
1 63  ASN n 
1 64  LEU n 
1 65  SER n 
1 66  VAL n 
1 67  ILE n 
1 68  ASN n 
1 69  LEU n 
1 70  ASP n 
1 71  PRO n 
1 72  GLU n 
1 73  ILE n 
1 74  ASN n 
1 75  PRO n 
1 76  GLU n 
1 77  GLY n 
1 78  PHE n 
1 79  ASN n 
1 80  ILE n 
1 81  LEU n 
1 82  LEU n 
1 83  ASP n 
1 84  PHE n 
1 85  MET n 
1 86  TYR n 
1 87  THR n 
1 88  SER n 
1 89  ARG n 
1 90  LEU n 
1 91  ASN n 
1 92  LEU n 
1 93  ARG n 
1 94  GLU n 
1 95  GLY n 
1 96  ASN n 
1 97  ILE n 
1 98  MET n 
1 99  ALA n 
1 100 VAL n 
1 101 MET n 
1 102 ALA n 
1 103 THR n 
1 104 ALA n 
1 105 MET n 
1 106 TYR n 
1 107 LEU n 
1 108 GLN n 
1 109 MET n 
1 110 GLU n 
1 111 HIS n 
1 112 VAL n 
1 113 VAL n 
1 114 ASP n 
1 115 THR n 
1 116 CYS n 
1 117 ARG n 
1 118 LYS n 
1 119 PHE n 
1 120 ILE n 
1 121 LYS n 
1 122 ALA n 
1 123 SER n 
1 124 GLU n 
# 
_entity_src_gen.entity_id                          1 
_entity_src_gen.pdbx_src_id                        1 
_entity_src_gen.pdbx_alt_source_flag               sample 
_entity_src_gen.pdbx_seq_type                      'Biological sequence' 
_entity_src_gen.pdbx_beg_seq_num                   1 
_entity_src_gen.pdbx_end_seq_num                   124 
_entity_src_gen.gene_src_common_name               Human 
_entity_src_gen.gene_src_genus                     ? 
_entity_src_gen.pdbx_gene_src_gene                 'BCL6, BCL5, LAZ3, ZBTB27, ZNF51' 
_entity_src_gen.gene_src_species                   ? 
_entity_src_gen.gene_src_strain                    ? 
_entity_src_gen.gene_src_tissue                    ? 
_entity_src_gen.gene_src_tissue_fraction           ? 
_entity_src_gen.gene_src_details                   ? 
_entity_src_gen.pdbx_gene_src_fragment             ? 
_entity_src_gen.pdbx_gene_src_scientific_name      'Homo sapiens' 
_entity_src_gen.pdbx_gene_src_ncbi_taxonomy_id     9606 
_entity_src_gen.pdbx_gene_src_variant              ? 
_entity_src_gen.pdbx_gene_src_cell_line            ? 
_entity_src_gen.pdbx_gene_src_atcc                 ? 
_entity_src_gen.pdbx_gene_src_organ                ? 
_entity_src_gen.pdbx_gene_src_organelle            ? 
_entity_src_gen.pdbx_gene_src_cell                 ? 
_entity_src_gen.pdbx_gene_src_cellular_location    ? 
_entity_src_gen.host_org_common_name               ? 
_entity_src_gen.pdbx_host_org_scientific_name      'Escherichia coli' 
_entity_src_gen.pdbx_host_org_ncbi_taxonomy_id     562 
_entity_src_gen.host_org_genus                     ? 
_entity_src_gen.pdbx_host_org_gene                 ? 
_entity_src_gen.pdbx_host_org_organ                ? 
_entity_src_gen.host_org_species                   ? 
_entity_src_gen.pdbx_host_org_tissue               ? 
_entity_src_gen.pdbx_host_org_tissue_fraction      ? 
_entity_src_gen.pdbx_host_org_strain               ? 
_entity_src_gen.pdbx_host_org_variant              ? 
_entity_src_gen.pdbx_host_org_cell_line            ? 
_entity_src_gen.pdbx_host_org_atcc                 ? 
_entity_src_gen.pdbx_host_org_culture_collection   ? 
_entity_src_gen.pdbx_host_org_cell                 ? 
_entity_src_gen.pdbx_host_org_organelle            ? 
_entity_src_gen.pdbx_host_org_cellular_location    ? 
_entity_src_gen.pdbx_host_org_vector_type          ? 
_entity_src_gen.pdbx_host_org_vector               ? 
_entity_src_gen.host_org_details                   ? 
_entity_src_gen.expression_system_id               ? 
_entity_src_gen.plasmid_name                       ? 
_entity_src_gen.plasmid_details                    ? 
_entity_src_gen.pdbx_description                   ? 
# 
loop_
_chem_comp.id 
_chem_comp.type 
_chem_comp.mon_nstd_flag 
_chem_comp.name 
_chem_comp.pdbx_synonyms 
_chem_comp.formula 
_chem_comp.formula_weight 
ALA 'L-peptide linking' y ALANINE                    ? 'C3 H7 N O2'       89.093  
ARG 'L-peptide linking' y ARGININE                   ? 'C6 H15 N4 O2 1'   175.209 
ASN 'L-peptide linking' y ASPARAGINE                 ? 'C4 H8 N2 O3'      132.118 
ASP 'L-peptide linking' y 'ASPARTIC ACID'            ? 'C4 H7 N O4'       133.103 
C0Q non-polymer         . 'anilinopyrimidine ligand' ? 'C21 H25 Cl N6 O3' 444.915 
CL  non-polymer         . 'CHLORIDE ION'             ? 'Cl -1'            35.453  
CYS 'L-peptide linking' y CYSTEINE                   ? 'C3 H7 N O2 S'     121.158 
GLN 'L-peptide linking' y GLUTAMINE                  ? 'C5 H10 N2 O3'     146.144 
GLU 'L-peptide linking' y 'GLUTAMIC ACID'            ? 'C5 H9 N O4'       147.129 
GLY 'peptide linking'   y GLYCINE                    ? 'C2 H5 N O2'       75.067  
HIS 'L-peptide linking' y HISTIDINE                  ? 'C6 H10 N3 O2 1'   156.162 
HOH non-polymer         . WATER                      ? 'H2 O'             18.015  
ILE 'L-peptide linking' y ISOLEUCINE                 ? 'C6 H13 N O2'      131.173 
LEU 'L-peptide linking' y LEUCINE                    ? 'C6 H13 N O2'      131.173 
LYS 'L-peptide linking' y LYSINE                     ? 'C6 H15 N2 O2 1'   147.195 
MET 'L-peptide linking' y METHIONINE                 ? 'C5 H11 N O2 S'    149.211 
PHE 'L-peptide linking' y PHENYLALANINE              ? 'C9 H11 N O2'      165.189 
PRO 'L-peptide linking' y PROLINE                    ? 'C5 H9 N O2'       115.130 
SER 'L-peptide linking' y SERINE                     ? 'C3 H7 N O3'       105.093 
THR 'L-peptide linking' y THREONINE                  ? 'C4 H9 N O3'       119.119 
TYR 'L-peptide linking' y TYROSINE                   ? 'C9 H11 N O3'      181.189 
VAL 'L-peptide linking' y VALINE                     ? 'C5 H11 N O2'      117.146 
# 
loop_
_pdbx_poly_seq_scheme.asym_id 
_pdbx_poly_seq_scheme.entity_id 
_pdbx_poly_seq_scheme.seq_id 
_pdbx_poly_seq_scheme.mon_id 
_pdbx_poly_seq_scheme.ndb_seq_num 
_pdbx_poly_seq_scheme.pdb_seq_num 
_pdbx_poly_seq_scheme.auth_seq_num 
_pdbx_poly_seq_scheme.pdb_mon_id 
_pdbx_poly_seq_scheme.auth_mon_id 
_pdbx_poly_seq_scheme.pdb_strand_id 
_pdbx_poly_seq_scheme.pdb_ins_code 
_pdbx_poly_seq_scheme.hetero 
A 1 1   ASP 1   6   6   ASP ASP A . n 
A 1 2   SER 2   7   7   SER SER A . n 
A 1 3   GLN 3   8   8   GLN GLN A . n 
A 1 4   ILE 4   9   9   ILE ILE A . n 
A 1 5   GLN 5   10  10  GLN GLN A . n 
A 1 6   PHE 6   11  11  PHE PHE A . n 
A 1 7   THR 7   12  12  THR THR A . n 
A 1 8   ARG 8   13  13  ARG ARG A . n 
A 1 9   HIS 9   14  14  HIS HIS A . n 
A 1 10  ALA 10  15  15  ALA ALA A . n 
A 1 11  SER 11  16  16  SER SER A . n 
A 1 12  ASP 12  17  17  ASP ASP A . n 
A 1 13  VAL 13  18  18  VAL VAL A . n 
A 1 14  LEU 14  19  19  LEU LEU A . n 
A 1 15  LEU 15  20  20  LEU LEU A . n 
A 1 16  ASN 16  21  21  ASN ASN A . n 
A 1 17  LEU 17  22  22  LEU LEU A . n 
A 1 18  ASN 18  23  23  ASN ASN A . n 
A 1 19  ARG 19  24  24  ARG ARG A . n 
A 1 20  LEU 20  25  25  LEU LEU A . n 
A 1 21  ARG 21  26  26  ARG ARG A . n 
A 1 22  SER 22  27  27  SER SER A . n 
A 1 23  ARG 23  28  28  ARG ARG A . n 
A 1 24  ASP 24  29  29  ASP ASP A . n 
A 1 25  ILE 25  30  30  ILE ILE A . n 
A 1 26  LEU 26  31  31  LEU LEU A . n 
A 1 27  THR 27  32  32  THR THR A . n 
A 1 28  ASP 28  33  33  ASP ASP A . n 
A 1 29  VAL 29  34  34  VAL VAL A . n 
A 1 30  VAL 30  35  35  VAL VAL A . n 
A 1 31  ILE 31  36  36  ILE ILE A . n 
A 1 32  VAL 32  37  37  VAL VAL A . n 
A 1 33  VAL 33  38  38  VAL VAL A . n 
A 1 34  SER 34  39  39  SER SER A . n 
A 1 35  ARG 35  40  40  ARG ARG A . n 
A 1 36  GLU 36  41  41  GLU GLU A . n 
A 1 37  GLN 37  42  42  GLN GLN A . n 
A 1 38  PHE 38  43  43  PHE PHE A . n 
A 1 39  ARG 39  44  44  ARG ARG A . n 
A 1 40  ALA 40  45  45  ALA ALA A . n 
A 1 41  HIS 41  46  46  HIS HIS A . n 
A 1 42  LYS 42  47  47  LYS LYS A . n 
A 1 43  THR 43  48  48  THR THR A . n 
A 1 44  VAL 44  49  49  VAL VAL A . n 
A 1 45  LEU 45  50  50  LEU LEU A . n 
A 1 46  MET 46  51  51  MET MET A . n 
A 1 47  ALA 47  52  52  ALA ALA A . n 
A 1 48  CYS 48  53  53  CYS CYS A . n 
A 1 49  SER 49  54  54  SER SER A . n 
A 1 50  GLY 50  55  55  GLY GLY A . n 
A 1 51  LEU 51  56  56  LEU LEU A . n 
A 1 52  PHE 52  57  57  PHE PHE A . n 
A 1 53  TYR 53  58  58  TYR TYR A . n 
A 1 54  SER 54  59  59  SER SER A . n 
A 1 55  ILE 55  60  60  ILE ILE A . n 
A 1 56  PHE 56  61  61  PHE PHE A . n 
A 1 57  THR 57  62  62  THR THR A . n 
A 1 58  ASP 58  63  63  ASP ASP A . n 
A 1 59  GLN 59  64  64  GLN GLN A . n 
A 1 60  LEU 60  65  65  LEU LEU A . n 
A 1 61  LYS 61  66  66  LYS LYS A . n 
A 1 62  ARG 62  67  67  ARG ARG A . n 
A 1 63  ASN 63  68  68  ASN ASN A . n 
A 1 64  LEU 64  69  69  LEU LEU A . n 
A 1 65  SER 65  70  70  SER SER A . n 
A 1 66  VAL 66  71  71  VAL VAL A . n 
A 1 67  ILE 67  72  72  ILE ILE A . n 
A 1 68  ASN 68  73  73  ASN ASN A . n 
A 1 69  LEU 69  74  74  LEU LEU A . n 
A 1 70  ASP 70  75  75  ASP ASP A . n 
A 1 71  PRO 71  76  76  PRO PRO A . n 
A 1 72  GLU 72  77  77  GLU GLU A . n 
A 1 73  ILE 73  78  78  ILE ILE A . n 
A 1 74  ASN 74  79  79  ASN ASN A . n 
A 1 75  PRO 75  80  80  PRO PRO A . n 
A 1 76  GLU 76  81  81  GLU GLU A . n 
A 1 77  GLY 77  82  82  GLY GLY A . n 
A 1 78  PHE 78  83  83  PHE PHE A . n 
A 1 79  ASN 79  84  84  ASN ASN A . n 
A 1 80  ILE 80  85  85  ILE ILE A . n 
A 1 81  LEU 81  86  86  LEU LEU A . n 
A 1 82  LEU 82  87  87  LEU LEU A . n 
A 1 83  ASP 83  88  88  ASP ASP A . n 
A 1 84  PHE 84  89  89  PHE PHE A . n 
A 1 85  MET 85  90  90  MET MET A . n 
A 1 86  TYR 86  91  91  TYR TYR A . n 
A 1 87  THR 87  92  92  THR THR A . n 
A 1 88  SER 88  93  93  SER SER A . n 
A 1 89  ARG 89  94  94  ARG ARG A . n 
A 1 90  LEU 90  95  95  LEU LEU A . n 
A 1 91  ASN 91  96  96  ASN ASN A . n 
A 1 92  LEU 92  97  97  LEU LEU A . n 
A 1 93  ARG 93  98  98  ARG ARG A . n 
A 1 94  GLU 94  99  99  GLU GLU A . n 
A 1 95  GLY 95  100 100 GLY GLY A . n 
A 1 96  ASN 96  101 101 ASN ASN A . n 
A 1 97  ILE 97  102 102 ILE ILE A . n 
A 1 98  MET 98  103 103 MET MET A . n 
A 1 99  ALA 99  104 104 ALA ALA A . n 
A 1 100 VAL 100 105 105 VAL VAL A . n 
A 1 101 MET 101 106 106 MET MET A . n 
A 1 102 ALA 102 107 107 ALA ALA A . n 
A 1 103 THR 103 108 108 THR THR A . n 
A 1 104 ALA 104 109 109 ALA ALA A . n 
A 1 105 MET 105 110 110 MET MET A . n 
A 1 106 TYR 106 111 111 TYR TYR A . n 
A 1 107 LEU 107 112 112 LEU LEU A . n 
A 1 108 GLN 108 113 113 GLN GLN A . n 
A 1 109 MET 109 114 114 MET MET A . n 
A 1 110 GLU 110 115 115 GLU GLU A . n 
A 1 111 HIS 111 116 116 HIS HIS A . n 
A 1 112 VAL 112 117 117 VAL VAL A . n 
A 1 113 VAL 113 118 118 VAL VAL A . n 
A 1 114 ASP 114 119 119 ASP ASP A . n 
A 1 115 THR 115 120 120 THR THR A . n 
A 1 116 CYS 116 121 121 CYS CYS A . n 
A 1 117 ARG 117 122 122 ARG ARG A . n 
A 1 118 LYS 118 123 123 LYS LYS A . n 
A 1 119 PHE 119 124 124 PHE PHE A . n 
A 1 120 ILE 120 125 125 ILE ILE A . n 
A 1 121 LYS 121 126 126 LYS LYS A . n 
A 1 122 ALA 122 127 127 ALA ALA A . n 
A 1 123 SER 123 128 128 SER SER A . n 
A 1 124 GLU 124 129 ?   ?   ?   A . n 
# 
loop_
_pdbx_nonpoly_scheme.asym_id 
_pdbx_nonpoly_scheme.entity_id 
_pdbx_nonpoly_scheme.mon_id 
_pdbx_nonpoly_scheme.ndb_seq_num 
_pdbx_nonpoly_scheme.pdb_seq_num 
_pdbx_nonpoly_scheme.auth_seq_num 
_pdbx_nonpoly_scheme.pdb_mon_id 
_pdbx_nonpoly_scheme.auth_mon_id 
_pdbx_nonpoly_scheme.pdb_strand_id 
_pdbx_nonpoly_scheme.pdb_ins_code 
B 2 CL  1   201 1   CL  CL  A . 
C 3 C0Q 1   202 1   C0Q INH A . 
D 4 HOH 1   301 37  HOH HOH A . 
D 4 HOH 2   302 31  HOH HOH A . 
D 4 HOH 3   303 6   HOH HOH A . 
D 4 HOH 4   304 85  HOH HOH A . 
D 4 HOH 5   305 96  HOH HOH A . 
D 4 HOH 6   306 73  HOH HOH A . 
D 4 HOH 7   307 91  HOH HOH A . 
D 4 HOH 8   308 8   HOH HOH A . 
D 4 HOH 9   309 28  HOH HOH A . 
D 4 HOH 10  310 21  HOH HOH A . 
D 4 HOH 11  311 89  HOH HOH A . 
D 4 HOH 12  312 80  HOH HOH A . 
D 4 HOH 13  313 1   HOH HOH A . 
D 4 HOH 14  314 71  HOH HOH A . 
D 4 HOH 15  315 19  HOH HOH A . 
D 4 HOH 16  316 54  HOH HOH A . 
D 4 HOH 17  317 75  HOH HOH A . 
D 4 HOH 18  318 52  HOH HOH A . 
D 4 HOH 19  319 12  HOH HOH A . 
D 4 HOH 20  320 40  HOH HOH A . 
D 4 HOH 21  321 15  HOH HOH A . 
D 4 HOH 22  322 67  HOH HOH A . 
D 4 HOH 23  323 41  HOH HOH A . 
D 4 HOH 24  324 36  HOH HOH A . 
D 4 HOH 25  325 14  HOH HOH A . 
D 4 HOH 26  326 39  HOH HOH A . 
D 4 HOH 27  327 93  HOH HOH A . 
D 4 HOH 28  328 49  HOH HOH A . 
D 4 HOH 29  329 43  HOH HOH A . 
D 4 HOH 30  330 84  HOH HOH A . 
D 4 HOH 31  331 18  HOH HOH A . 
D 4 HOH 32  332 46  HOH HOH A . 
D 4 HOH 33  333 10  HOH HOH A . 
D 4 HOH 34  334 98  HOH HOH A . 
D 4 HOH 35  335 25  HOH HOH A . 
D 4 HOH 36  336 3   HOH HOH A . 
D 4 HOH 37  337 2   HOH HOH A . 
D 4 HOH 38  338 24  HOH HOH A . 
D 4 HOH 39  339 4   HOH HOH A . 
D 4 HOH 40  340 55  HOH HOH A . 
D 4 HOH 41  341 65  HOH HOH A . 
D 4 HOH 42  342 50  HOH HOH A . 
D 4 HOH 43  343 35  HOH HOH A . 
D 4 HOH 44  344 11  HOH HOH A . 
D 4 HOH 45  345 42  HOH HOH A . 
D 4 HOH 46  346 72  HOH HOH A . 
D 4 HOH 47  347 76  HOH HOH A . 
D 4 HOH 48  348 59  HOH HOH A . 
D 4 HOH 49  349 95  HOH HOH A . 
D 4 HOH 50  350 45  HOH HOH A . 
D 4 HOH 51  351 87  HOH HOH A . 
D 4 HOH 52  352 66  HOH HOH A . 
D 4 HOH 53  353 23  HOH HOH A . 
D 4 HOH 54  354 97  HOH HOH A . 
D 4 HOH 55  355 88  HOH HOH A . 
D 4 HOH 56  356 34  HOH HOH A . 
D 4 HOH 57  357 56  HOH HOH A . 
D 4 HOH 58  358 53  HOH HOH A . 
D 4 HOH 59  359 33  HOH HOH A . 
D 4 HOH 60  360 9   HOH HOH A . 
D 4 HOH 61  361 92  HOH HOH A . 
D 4 HOH 62  362 20  HOH HOH A . 
D 4 HOH 63  363 27  HOH HOH A . 
D 4 HOH 64  364 82  HOH HOH A . 
D 4 HOH 65  365 81  HOH HOH A . 
D 4 HOH 66  366 13  HOH HOH A . 
D 4 HOH 67  367 38  HOH HOH A . 
D 4 HOH 68  368 51  HOH HOH A . 
D 4 HOH 69  369 44  HOH HOH A . 
D 4 HOH 70  370 83  HOH HOH A . 
D 4 HOH 71  371 78  HOH HOH A . 
D 4 HOH 72  372 94  HOH HOH A . 
D 4 HOH 73  373 58  HOH HOH A . 
D 4 HOH 74  374 26  HOH HOH A . 
D 4 HOH 75  375 62  HOH HOH A . 
D 4 HOH 76  376 60  HOH HOH A . 
D 4 HOH 77  377 61  HOH HOH A . 
D 4 HOH 78  378 22  HOH HOH A . 
D 4 HOH 79  379 101 HOH HOH A . 
D 4 HOH 80  380 86  HOH HOH A . 
D 4 HOH 81  381 63  HOH HOH A . 
D 4 HOH 82  382 32  HOH HOH A . 
D 4 HOH 83  383 29  HOH HOH A . 
D 4 HOH 84  384 77  HOH HOH A . 
D 4 HOH 85  385 17  HOH HOH A . 
D 4 HOH 86  386 57  HOH HOH A . 
D 4 HOH 87  387 5   HOH HOH A . 
D 4 HOH 88  388 64  HOH HOH A . 
D 4 HOH 89  389 16  HOH HOH A . 
D 4 HOH 90  390 90  HOH HOH A . 
D 4 HOH 91  391 99  HOH HOH A . 
D 4 HOH 92  392 69  HOH HOH A . 
D 4 HOH 93  393 79  HOH HOH A . 
D 4 HOH 94  394 47  HOH HOH A . 
D 4 HOH 95  395 70  HOH HOH A . 
D 4 HOH 96  396 30  HOH HOH A . 
D 4 HOH 97  397 100 HOH HOH A . 
D 4 HOH 98  398 68  HOH HOH A . 
D 4 HOH 99  399 74  HOH HOH A . 
D 4 HOH 100 400 48  HOH HOH A . 
# 
loop_
_software.citation_id 
_software.classification 
_software.compiler_name 
_software.compiler_version 
_software.contact_author 
_software.contact_author_email 
_software.date 
_software.description 
_software.dependencies 
_software.hardware 
_software.language 
_software.location 
_software.mods 
_software.name 
_software.os 
_software.os_version 
_software.type 
_software.version 
_software.pdbx_ordinal 
? refinement       ? ? ? ? ? ? ? ? ? ? ? BUSTER  ? ? ? 2.11.6 1 
? 'data reduction' ? ? ? ? ? ? ? ? ? ? ? XDS     ? ? ? .      2 
? 'data scaling'   ? ? ? ? ? ? ? ? ? ? ? Aimless ? ? ? .      3 
? phasing          ? ? ? ? ? ? ? ? ? ? ? PHASER  ? ? ? .      4 
# 
_cell.entry_id           6EW8 
_cell.length_a           30.668 
_cell.length_b           73.017 
_cell.length_c           53.995 
_cell.angle_alpha        90.00 
_cell.angle_beta         104.55 
_cell.angle_gamma        90.00 
_cell.Z_PDB              4 
_cell.pdbx_unique_axis   ? 
# 
_symmetry.entry_id                         6EW8 
_symmetry.space_group_name_H-M             'C 1 2 1' 
_symmetry.pdbx_full_space_group_name_H-M   ? 
_symmetry.cell_setting                     ? 
_symmetry.Int_Tables_number                5 
# 
_exptl.absorpt_coefficient_mu     ? 
_exptl.absorpt_correction_T_max   ? 
_exptl.absorpt_correction_T_min   ? 
_exptl.absorpt_correction_type    ? 
_exptl.absorpt_process_details    ? 
_exptl.entry_id                   6EW8 
_exptl.crystals_number            1 
_exptl.details                    ? 
_exptl.method                     'X-RAY DIFFRACTION' 
_exptl.method_details             ? 
# 
_exptl_crystal.colour                      ? 
_exptl_crystal.density_diffrn              ? 
_exptl_crystal.density_Matthews            2.04 
_exptl_crystal.density_method              ? 
_exptl_crystal.density_percent_sol         39.70 
_exptl_crystal.description                 ? 
_exptl_crystal.F_000                       ? 
_exptl_crystal.id                          1 
_exptl_crystal.preparation                 ? 
_exptl_crystal.size_max                    ? 
_exptl_crystal.size_mid                    ? 
_exptl_crystal.size_min                    ? 
_exptl_crystal.size_rad                    ? 
_exptl_crystal.colour_lustre               ? 
_exptl_crystal.colour_modifier             ? 
_exptl_crystal.colour_primary              ? 
_exptl_crystal.density_meas                ? 
_exptl_crystal.density_meas_esd            ? 
_exptl_crystal.density_meas_gt             ? 
_exptl_crystal.density_meas_lt             ? 
_exptl_crystal.density_meas_temp           ? 
_exptl_crystal.density_meas_temp_esd       ? 
_exptl_crystal.density_meas_temp_gt        ? 
_exptl_crystal.density_meas_temp_lt        ? 
_exptl_crystal.pdbx_crystal_image_url      ? 
_exptl_crystal.pdbx_crystal_image_format   ? 
_exptl_crystal.pdbx_mosaicity              ? 
_exptl_crystal.pdbx_mosaicity_esd          ? 
# 
_exptl_crystal_grow.apparatus       ? 
_exptl_crystal_grow.atmosphere      ? 
_exptl_crystal_grow.crystal_id      1 
_exptl_crystal_grow.details         ? 
_exptl_crystal_grow.method          'VAPOR DIFFUSION, SITTING DROP' 
_exptl_crystal_grow.method_ref      ? 
_exptl_crystal_grow.pH              ? 
_exptl_crystal_grow.pressure        ? 
_exptl_crystal_grow.pressure_esd    ? 
_exptl_crystal_grow.seeding         ? 
_exptl_crystal_grow.seeding_ref     ? 
_exptl_crystal_grow.temp            310 
_exptl_crystal_grow.temp_details    ? 
_exptl_crystal_grow.temp_esd        ? 
_exptl_crystal_grow.time            ? 
_exptl_crystal_grow.pdbx_details    unknown 
_exptl_crystal_grow.pdbx_pH_range   ? 
# 
_diffrn.ambient_environment    ? 
_diffrn.ambient_temp           100 
_diffrn.ambient_temp_details   ? 
_diffrn.ambient_temp_esd       ? 
_diffrn.crystal_id             1 
_diffrn.crystal_support        ? 
_diffrn.crystal_treatment      ? 
_diffrn.details                ? 
_diffrn.id                     1 
_diffrn.ambient_pressure       ? 
_diffrn.ambient_pressure_esd   ? 
_diffrn.ambient_pressure_gt    ? 
_diffrn.ambient_pressure_lt    ? 
_diffrn.ambient_temp_gt        ? 
_diffrn.ambient_temp_lt        ? 
# 
_diffrn_detector.details                      ? 
_diffrn_detector.detector                     PIXEL 
_diffrn_detector.diffrn_id                    1 
_diffrn_detector.type                         'DECTRIS PILATUS3 6M' 
_diffrn_detector.area_resol_mean              ? 
_diffrn_detector.dtime                        ? 
_diffrn_detector.pdbx_frames_total            ? 
_diffrn_detector.pdbx_collection_time_total   ? 
_diffrn_detector.pdbx_collection_date         2015-10-05 
# 
_diffrn_radiation.collimation                      ? 
_diffrn_radiation.diffrn_id                        1 
_diffrn_radiation.filter_edge                      ? 
_diffrn_radiation.inhomogeneity                    ? 
_diffrn_radiation.monochromator                    ? 
_diffrn_radiation.polarisn_norm                    ? 
_diffrn_radiation.polarisn_ratio                   ? 
_diffrn_radiation.probe                            ? 
_diffrn_radiation.type                             ? 
_diffrn_radiation.xray_symbol                      ? 
_diffrn_radiation.wavelength_id                    1 
_diffrn_radiation.pdbx_monochromatic_or_laue_m_l   M 
_diffrn_radiation.pdbx_wavelength_list             ? 
_diffrn_radiation.pdbx_wavelength                  ? 
_diffrn_radiation.pdbx_diffrn_protocol             'SINGLE WAVELENGTH' 
_diffrn_radiation.pdbx_analyzer                    ? 
_diffrn_radiation.pdbx_scattering_type             x-ray 
# 
_diffrn_radiation_wavelength.id           1 
_diffrn_radiation_wavelength.wavelength   0.9 
_diffrn_radiation_wavelength.wt           1.0 
# 
_diffrn_source.current                     ? 
_diffrn_source.details                     ? 
_diffrn_source.diffrn_id                   1 
_diffrn_source.power                       ? 
_diffrn_source.size                        ? 
_diffrn_source.source                      SYNCHROTRON 
_diffrn_source.target                      ? 
_diffrn_source.type                        'APS BEAMLINE 17-ID' 
_diffrn_source.voltage                     ? 
_diffrn_source.take-off_angle              ? 
_diffrn_source.pdbx_wavelength_list        0.9 
_diffrn_source.pdbx_wavelength             ? 
_diffrn_source.pdbx_synchrotron_beamline   17-ID 
_diffrn_source.pdbx_synchrotron_site       APS 
# 
_reflns.pdbx_diffrn_id               1 
_reflns.pdbx_ordinal                 1 
_reflns.entry_id                     6EW8 
_reflns.observed_criterion_sigma_I   ? 
_reflns.observed_criterion_sigma_F   ? 
_reflns.d_resolution_low             36.51 
_reflns.d_resolution_high            1.84 
_reflns.number_obs                   8260 
_reflns.number_all                   ? 
_reflns.percent_possible_obs         82.9 
_reflns.pdbx_Rmerge_I_obs            ? 
_reflns.pdbx_Rsym_value              ? 
_reflns.pdbx_netI_over_sigmaI        18.9 
_reflns.B_iso_Wilson_estimate        25.93 
_reflns.pdbx_redundancy              3.3 
# 
_reflns_shell.pdbx_diffrn_id         1 
_reflns_shell.pdbx_ordinal           1 
_reflns_shell.d_res_high             1.84 
_reflns_shell.d_res_low              1.94 
_reflns_shell.percent_possible_all   34.4 
_reflns_shell.Rmerge_I_obs           ? 
_reflns_shell.pdbx_Rsym_value        ? 
_reflns_shell.meanI_over_sigI_obs    4.4 
_reflns_shell.pdbx_redundancy        2 
# 
_refine.pdbx_refine_id                           'X-RAY DIFFRACTION' 
_refine.entry_id                                 6EW8 
_refine.pdbx_diffrn_id                           1 
_refine.pdbx_TLS_residual_ADP_flag               ? 
_refine.ls_number_reflns_obs                     8260 
_refine.ls_number_reflns_all                     ? 
_refine.pdbx_ls_sigma_I                          ? 
_refine.pdbx_ls_sigma_F                          0.000 
_refine.pdbx_data_cutoff_high_absF               ? 
_refine.pdbx_data_cutoff_low_absF                ? 
_refine.pdbx_data_cutoff_high_rms_absF           ? 
_refine.ls_d_res_low                             36.51 
_refine.ls_d_res_high                            1.84 
_refine.ls_percent_reflns_obs                    82.3 
_refine.ls_R_factor_obs                          0.185 
_refine.ls_R_factor_all                          ? 
_refine.ls_R_factor_R_work                       0.182 
_refine.ls_R_factor_R_free                       0.244 
_refine.ls_R_factor_R_free_error                 0.000 
_refine.ls_R_factor_R_free_error_details         ? 
_refine.ls_percent_reflns_R_free                 5.150 
_refine.ls_number_reflns_R_free                  425 
_refine.ls_number_parameters                     ? 
_refine.ls_number_restraints                     ? 
_refine.occupancy_min                            ? 
_refine.occupancy_max                            ? 
_refine.correlation_coeff_Fo_to_Fc               0.937 
_refine.correlation_coeff_Fo_to_Fc_free          0.909 
_refine.B_iso_mean                               29.55 
_refine.aniso_B[1][1]                            3.39670 
_refine.aniso_B[2][2]                            0.42820 
_refine.aniso_B[3][3]                            -3.82490 
_refine.aniso_B[1][2]                            0.00000 
_refine.aniso_B[1][3]                            3.45430 
_refine.aniso_B[2][3]                            0.00000 
_refine.solvent_model_details                    ? 
_refine.solvent_model_param_ksol                 ? 
_refine.solvent_model_param_bsol                 ? 
_refine.pdbx_solvent_vdw_probe_radii             ? 
_refine.pdbx_solvent_ion_probe_radii             ? 
_refine.pdbx_solvent_shrinkage_radii             ? 
_refine.pdbx_ls_cross_valid_method               THROUGHOUT 
_refine.details                                  ? 
_refine.pdbx_starting_model                      ? 
_refine.pdbx_method_to_determine_struct          'MOLECULAR REPLACEMENT' 
_refine.pdbx_isotropic_thermal_model             ? 
_refine.pdbx_stereochemistry_target_values       ? 
_refine.pdbx_stereochem_target_val_spec_case     ? 
_refine.pdbx_R_Free_selection_details            RANDOM 
_refine.pdbx_overall_ESU_R                       ? 
_refine.pdbx_overall_ESU_R_Free                  ? 
_refine.overall_SU_ML                            ? 
_refine.pdbx_overall_phase_error                 ? 
_refine.overall_SU_B                             ? 
_refine.overall_SU_R_Cruickshank_DPI             0.199 
_refine.pdbx_overall_SU_R_free_Cruickshank_DPI   0.177 
_refine.pdbx_overall_SU_R_Blow_DPI               0.208 
_refine.pdbx_overall_SU_R_free_Blow_DPI          0.180 
# 
_refine_analyze.pdbx_refine_id                  'X-RAY DIFFRACTION' 
_refine_analyze.entry_id                        6EW8 
_refine_analyze.Luzzati_coordinate_error_obs    0.25 
_refine_analyze.Luzzati_sigma_a_obs             ? 
_refine_analyze.Luzzati_d_res_low_obs           ? 
_refine_analyze.Luzzati_coordinate_error_free   ? 
_refine_analyze.Luzzati_sigma_a_free            ? 
_refine_analyze.Luzzati_d_res_low_free          ? 
_refine_analyze.number_disordered_residues      ? 
_refine_analyze.occupancy_sum_hydrogen          ? 
_refine_analyze.occupancy_sum_non_hydrogen      ? 
# 
_refine_hist.pdbx_refine_id                   'X-RAY DIFFRACTION' 
_refine_hist.cycle_id                         LAST 
_refine_hist.pdbx_number_atoms_protein        993 
_refine_hist.pdbx_number_atoms_nucleic_acid   0 
_refine_hist.pdbx_number_atoms_ligand         32 
_refine_hist.number_atoms_solvent             100 
_refine_hist.number_atoms_total               1125 
_refine_hist.d_res_high                       1.84 
_refine_hist.d_res_low                        36.51 
# 
loop_
_refine_ls_restr.type 
_refine_ls_restr.dev_ideal 
_refine_ls_restr.dev_ideal_target 
_refine_ls_restr.weight 
_refine_ls_restr.number 
_refine_ls_restr.pdbx_refine_id 
_refine_ls_restr.pdbx_restraint_function 
t_bond_d                  0.010 ? 2.00  1080 'X-RAY DIFFRACTION' HARMONIC     
t_angle_deg               1.07  ? 2.00  1490 'X-RAY DIFFRACTION' HARMONIC     
t_dihedral_angle_d        ?     ? 2.00  400  'X-RAY DIFFRACTION' SINUSOIDAL   
t_incorr_chiral_ct        ?     ? ?     ?    'X-RAY DIFFRACTION' ?            
t_pseud_angle             ?     ? ?     ?    'X-RAY DIFFRACTION' ?            
t_trig_c_planes           ?     ? 2.00  26   'X-RAY DIFFRACTION' HARMONIC     
t_gen_planes              ?     ? 5.00  157  'X-RAY DIFFRACTION' HARMONIC     
t_it                      ?     ? 20.00 1080 'X-RAY DIFFRACTION' HARMONIC     
t_nbd                     ?     ? ?     ?    'X-RAY DIFFRACTION' ?            
t_omega_torsion           2.75  ? ?     ?    'X-RAY DIFFRACTION' ?            
t_other_torsion           17.41 ? ?     ?    'X-RAY DIFFRACTION' ?            
t_improper_torsion        ?     ? ?     ?    'X-RAY DIFFRACTION' ?            
t_chiral_improper_torsion ?     ? 5.00  140  'X-RAY DIFFRACTION' SEMIHARMONIC 
t_sum_occupancies         ?     ? ?     ?    'X-RAY DIFFRACTION' ?            
t_utility_distance        ?     ? ?     ?    'X-RAY DIFFRACTION' ?            
t_utility_angle           ?     ? ?     ?    'X-RAY DIFFRACTION' ?            
t_utility_torsion         ?     ? ?     ?    'X-RAY DIFFRACTION' ?            
t_ideal_dist_contact      ?     ? 4.00  1375 'X-RAY DIFFRACTION' SEMIHARMONIC 
# 
_refine_ls_shell.pdbx_refine_id                   'X-RAY DIFFRACTION' 
_refine_ls_shell.pdbx_total_number_of_bins_used   5 
_refine_ls_shell.d_res_high                       1.84 
_refine_ls_shell.d_res_low                        2.06 
_refine_ls_shell.number_reflns_R_work             1289 
_refine_ls_shell.R_factor_R_work                  0.217 
_refine_ls_shell.percent_reflns_obs               48.02 
_refine_ls_shell.R_factor_R_free                  0.320 
_refine_ls_shell.R_factor_R_free_error            0.000 
_refine_ls_shell.percent_reflns_R_free            5.29 
_refine_ls_shell.number_reflns_R_free             ? 
_refine_ls_shell.number_reflns_all                1361 
_refine_ls_shell.R_factor_all                     0.222 
# 
_struct.entry_id                     6EW8 
_struct.title                        'Crystal structure of the BCL6 BTB domain in complex with anilinopyrimidine ligand' 
_struct.pdbx_model_details           ? 
_struct.pdbx_formula_weight          ? 
_struct.pdbx_formula_weight_method   ? 
_struct.pdbx_model_type_details      ? 
_struct.pdbx_CASP_flag               N 
# 
_struct_keywords.entry_id        6EW8 
_struct_keywords.text            'KINASE, TRANSFERASE' 
_struct_keywords.pdbx_keywords   TRANSFERASE 
# 
loop_
_struct_asym.id 
_struct_asym.pdbx_blank_PDB_chainid_flag 
_struct_asym.pdbx_modified 
_struct_asym.entity_id 
_struct_asym.details 
A N N 1 ? 
B N N 2 ? 
C N N 3 ? 
D N N 4 ? 
# 
_struct_ref.id                         1 
_struct_ref.db_name                    UNP 
_struct_ref.db_code                    BCL6_HUMAN 
_struct_ref.pdbx_db_accession          P41182 
_struct_ref.pdbx_db_isoform            ? 
_struct_ref.entity_id                  1 
_struct_ref.pdbx_seq_one_letter_code   
;DSCIQFTRHASDVLLNLNRLRSRDILTDVVIVVSREQFRAHKTVLMACSGLFYSIFTDQLKCNLSVINLDPEINPEGFCI
LLDFMYTSRLNLREGNIMAVMATAMYLQMEHVVDTCRKFIKASE
;
_struct_ref.pdbx_align_begin           6 
# 
_struct_ref_seq.align_id                      1 
_struct_ref_seq.ref_id                        1 
_struct_ref_seq.pdbx_PDB_id_code              6EW8 
_struct_ref_seq.pdbx_strand_id                A 
_struct_ref_seq.seq_align_beg                 1 
_struct_ref_seq.pdbx_seq_align_beg_ins_code   ? 
_struct_ref_seq.seq_align_end                 124 
_struct_ref_seq.pdbx_seq_align_end_ins_code   ? 
_struct_ref_seq.pdbx_db_accession             P41182 
_struct_ref_seq.db_align_beg                  6 
_struct_ref_seq.pdbx_db_align_beg_ins_code    ? 
_struct_ref_seq.db_align_end                  129 
_struct_ref_seq.pdbx_db_align_end_ins_code    ? 
_struct_ref_seq.pdbx_auth_seq_align_beg       6 
_struct_ref_seq.pdbx_auth_seq_align_end       129 
# 
loop_
_struct_ref_seq_dif.align_id 
_struct_ref_seq_dif.pdbx_pdb_id_code 
_struct_ref_seq_dif.mon_id 
_struct_ref_seq_dif.pdbx_pdb_strand_id 
_struct_ref_seq_dif.seq_num 
_struct_ref_seq_dif.pdbx_pdb_ins_code 
_struct_ref_seq_dif.pdbx_seq_db_name 
_struct_ref_seq_dif.pdbx_seq_db_accession_code 
_struct_ref_seq_dif.db_mon_id 
_struct_ref_seq_dif.pdbx_seq_db_seq_num 
_struct_ref_seq_dif.details 
_struct_ref_seq_dif.pdbx_auth_seq_num 
_struct_ref_seq_dif.pdbx_ordinal 
1 6EW8 GLN A 3  ? UNP P41182 CYS 8  conflict 8  1 
1 6EW8 ARG A 62 ? UNP P41182 CYS 67 conflict 67 2 
1 6EW8 ASN A 79 ? UNP P41182 CYS 84 conflict 84 3 
# 
_pdbx_struct_assembly.id                   1 
_pdbx_struct_assembly.details              author_and_software_defined_assembly 
_pdbx_struct_assembly.method_details       PISA 
_pdbx_struct_assembly.oligomeric_details   dimeric 
_pdbx_struct_assembly.oligomeric_count     2 
# 
loop_
_pdbx_struct_assembly_prop.biol_id 
_pdbx_struct_assembly_prop.type 
_pdbx_struct_assembly_prop.value 
_pdbx_struct_assembly_prop.details 
1 'ABSA (A^2)' 4340  ? 
1 MORE         -54   ? 
1 'SSA (A^2)'  13050 ? 
# 
_pdbx_struct_assembly_gen.assembly_id       1 
_pdbx_struct_assembly_gen.oper_expression   1,2 
_pdbx_struct_assembly_gen.asym_id_list      A,B,C,D 
# 
_pdbx_struct_assembly_auth_evidence.id                     1 
_pdbx_struct_assembly_auth_evidence.assembly_id            1 
_pdbx_struct_assembly_auth_evidence.experimental_support   'gel filtration' 
_pdbx_struct_assembly_auth_evidence.details                ? 
# 
loop_
_pdbx_struct_oper_list.id 
_pdbx_struct_oper_list.type 
_pdbx_struct_oper_list.name 
_pdbx_struct_oper_list.symmetry_operation 
_pdbx_struct_oper_list.matrix[1][1] 
_pdbx_struct_oper_list.matrix[1][2] 
_pdbx_struct_oper_list.matrix[1][3] 
_pdbx_struct_oper_list.vector[1] 
_pdbx_struct_oper_list.matrix[2][1] 
_pdbx_struct_oper_list.matrix[2][2] 
_pdbx_struct_oper_list.matrix[2][3] 
_pdbx_struct_oper_list.vector[2] 
_pdbx_struct_oper_list.matrix[3][1] 
_pdbx_struct_oper_list.matrix[3][2] 
_pdbx_struct_oper_list.matrix[3][3] 
_pdbx_struct_oper_list.vector[3] 
1 'identity operation'         1_555 x,y,z     1.0000000000 0.0000000000  0.0000000000  0.0000000000   0.0000000000  1.0000000000  0.0000000000 0.0000000000  0.0000000000  0.0000000000 1.0000000000  0.0000000000   
2 'crystal symmetry operation' 2_554 -x,y,-z-1 0.0171960819 -0.8618945154 -0.5067959540 -13.3639562610 -0.8618945154 -0.2696962080 0.4294203065 -4.5965798455 -0.5067959540 0.4294203065 -0.7474998738 -19.0056706480 
# 
loop_
_struct_conf.conf_type_id 
_struct_conf.id 
_struct_conf.pdbx_PDB_helix_id 
_struct_conf.beg_label_comp_id 
_struct_conf.beg_label_asym_id 
_struct_conf.beg_label_seq_id 
_struct_conf.pdbx_beg_PDB_ins_code 
_struct_conf.end_label_comp_id 
_struct_conf.end_label_asym_id 
_struct_conf.end_label_seq_id 
_struct_conf.pdbx_end_PDB_ins_code 
_struct_conf.beg_auth_comp_id 
_struct_conf.beg_auth_asym_id 
_struct_conf.beg_auth_seq_id 
_struct_conf.end_auth_comp_id 
_struct_conf.end_auth_asym_id 
_struct_conf.end_auth_seq_id 
_struct_conf.pdbx_PDB_helix_class 
_struct_conf.details 
_struct_conf.pdbx_PDB_helix_length 
HELX_P HELX_P1 AA1 ARG A 8   ? ASP A 24  ? ARG A 13  ASP A 29  1 ? 17 
HELX_P HELX_P2 AA2 HIS A 41  ? SER A 49  ? HIS A 46  SER A 54  1 ? 9  
HELX_P HELX_P3 AA3 SER A 49  ? ASP A 58  ? SER A 54  ASP A 63  1 ? 10 
HELX_P HELX_P4 AA4 ASN A 74  ? SER A 88  ? ASN A 79  SER A 93  1 ? 15 
HELX_P HELX_P5 AA5 ASN A 96  ? GLN A 108 ? ASN A 101 GLN A 113 1 ? 13 
HELX_P HELX_P6 AA6 MET A 109 ? SER A 123 ? MET A 114 SER A 128 1 ? 15 
# 
_struct_conf_type.id          HELX_P 
_struct_conf_type.criteria    ? 
_struct_conf_type.reference   ? 
# 
_struct_sheet.id               AA1 
_struct_sheet.type             ? 
_struct_sheet.number_strands   3 
_struct_sheet.details          ? 
# 
loop_
_struct_sheet_order.sheet_id 
_struct_sheet_order.range_id_1 
_struct_sheet_order.range_id_2 
_struct_sheet_order.offset 
_struct_sheet_order.sense 
AA1 1 2 ? anti-parallel 
AA1 2 3 ? parallel      
# 
loop_
_struct_sheet_range.sheet_id 
_struct_sheet_range.id 
_struct_sheet_range.beg_label_comp_id 
_struct_sheet_range.beg_label_asym_id 
_struct_sheet_range.beg_label_seq_id 
_struct_sheet_range.pdbx_beg_PDB_ins_code 
_struct_sheet_range.end_label_comp_id 
_struct_sheet_range.end_label_asym_id 
_struct_sheet_range.end_label_seq_id 
_struct_sheet_range.pdbx_end_PDB_ins_code 
_struct_sheet_range.beg_auth_comp_id 
_struct_sheet_range.beg_auth_asym_id 
_struct_sheet_range.beg_auth_seq_id 
_struct_sheet_range.end_auth_comp_id 
_struct_sheet_range.end_auth_asym_id 
_struct_sheet_range.end_auth_seq_id 
AA1 1 GLU A 36 ? ALA A 40 ? GLU A 41 ALA A 45 
AA1 2 VAL A 29 ? VAL A 33 ? VAL A 34 VAL A 38 
AA1 3 VAL A 66 ? ASN A 68 ? VAL A 71 ASN A 73 
# 
loop_
_pdbx_struct_sheet_hbond.sheet_id 
_pdbx_struct_sheet_hbond.range_id_1 
_pdbx_struct_sheet_hbond.range_id_2 
_pdbx_struct_sheet_hbond.range_1_label_atom_id 
_pdbx_struct_sheet_hbond.range_1_label_comp_id 
_pdbx_struct_sheet_hbond.range_1_label_asym_id 
_pdbx_struct_sheet_hbond.range_1_label_seq_id 
_pdbx_struct_sheet_hbond.range_1_PDB_ins_code 
_pdbx_struct_sheet_hbond.range_1_auth_atom_id 
_pdbx_struct_sheet_hbond.range_1_auth_comp_id 
_pdbx_struct_sheet_hbond.range_1_auth_asym_id 
_pdbx_struct_sheet_hbond.range_1_auth_seq_id 
_pdbx_struct_sheet_hbond.range_2_label_atom_id 
_pdbx_struct_sheet_hbond.range_2_label_comp_id 
_pdbx_struct_sheet_hbond.range_2_label_asym_id 
_pdbx_struct_sheet_hbond.range_2_label_seq_id 
_pdbx_struct_sheet_hbond.range_2_PDB_ins_code 
_pdbx_struct_sheet_hbond.range_2_auth_atom_id 
_pdbx_struct_sheet_hbond.range_2_auth_comp_id 
_pdbx_struct_sheet_hbond.range_2_auth_asym_id 
_pdbx_struct_sheet_hbond.range_2_auth_seq_id 
AA1 1 2 O GLU A 36 ? O GLU A 41 N VAL A 33 ? N VAL A 38 
AA1 2 3 N VAL A 32 ? N VAL A 37 O ILE A 67 ? O ILE A 72 
# 
loop_
_struct_site.id 
_struct_site.pdbx_evidence_code 
_struct_site.pdbx_auth_asym_id 
_struct_site.pdbx_auth_comp_id 
_struct_site.pdbx_auth_seq_id 
_struct_site.pdbx_auth_ins_code 
_struct_site.pdbx_num_residues 
_struct_site.details 
AC1 Software A CL  201 ? 4  'binding site for residue CL A 201'  
AC2 Software A C0Q 202 ? 12 'binding site for residue C0Q A 202' 
# 
loop_
_struct_site_gen.id 
_struct_site_gen.site_id 
_struct_site_gen.pdbx_num_res 
_struct_site_gen.label_comp_id 
_struct_site_gen.label_asym_id 
_struct_site_gen.label_seq_id 
_struct_site_gen.pdbx_auth_ins_code 
_struct_site_gen.auth_comp_id 
_struct_site_gen.auth_asym_id 
_struct_site_gen.auth_seq_id 
_struct_site_gen.label_atom_id 
_struct_site_gen.label_alt_id 
_struct_site_gen.symmetry 
_struct_site_gen.details 
1  AC1 4  MET A 109 ? MET A 114 . ? 1_555 ? 
2  AC1 4  HIS A 111 ? HIS A 116 . ? 1_555 ? 
3  AC1 4  VAL A 112 ? VAL A 117 . ? 1_555 ? 
4  AC1 4  HOH D .   ? HOH A 344 . ? 1_555 ? 
5  AC2 12 ASN A 16  ? ASN A 21  . ? 2_554 ? 
6  AC2 12 ARG A 19  ? ARG A 24  . ? 2_554 ? 
7  AC2 12 MET A 46  ? MET A 51  . ? 1_555 ? 
8  AC2 12 ALA A 47  ? ALA A 52  . ? 1_555 ? 
9  AC2 12 CYS A 48  ? CYS A 53  . ? 1_555 ? 
10 AC2 12 GLY A 50  ? GLY A 55  . ? 1_555 ? 
11 AC2 12 TYR A 53  ? TYR A 58  . ? 1_555 ? 
12 AC2 12 GLU A 76  ? GLU A 81  . ? 1_655 ? 
13 AC2 12 ASN A 79  ? ASN A 84  . ? 1_655 ? 
14 AC2 12 GLN A 108 ? GLN A 113 . ? 1_555 ? 
15 AC2 12 GLU A 110 ? GLU A 115 . ? 1_555 ? 
16 AC2 12 HOH D .   ? HOH A 357 . ? 1_555 ? 
# 
loop_
_pdbx_validate_torsion.id 
_pdbx_validate_torsion.PDB_model_num 
_pdbx_validate_torsion.auth_comp_id 
_pdbx_validate_torsion.auth_asym_id 
_pdbx_validate_torsion.auth_seq_id 
_pdbx_validate_torsion.PDB_ins_code 
_pdbx_validate_torsion.label_alt_id 
_pdbx_validate_torsion.phi 
_pdbx_validate_torsion.psi 
1 1 ASP A 33 ? ? -141.17 13.34   
2 1 SER A 39 ? ? 56.04   -112.49 
# 
loop_
_pdbx_struct_special_symmetry.id 
_pdbx_struct_special_symmetry.PDB_model_num 
_pdbx_struct_special_symmetry.auth_asym_id 
_pdbx_struct_special_symmetry.auth_comp_id 
_pdbx_struct_special_symmetry.auth_seq_id 
_pdbx_struct_special_symmetry.PDB_ins_code 
_pdbx_struct_special_symmetry.label_asym_id 
_pdbx_struct_special_symmetry.label_comp_id 
_pdbx_struct_special_symmetry.label_seq_id 
1 1 A HOH 327 ? D HOH . 
2 1 A HOH 354 ? D HOH . 
# 
_pdbx_unobs_or_zero_occ_residues.id               1 
_pdbx_unobs_or_zero_occ_residues.PDB_model_num    1 
_pdbx_unobs_or_zero_occ_residues.polymer_flag     Y 
_pdbx_unobs_or_zero_occ_residues.occupancy_flag   1 
_pdbx_unobs_or_zero_occ_residues.auth_asym_id     A 
_pdbx_unobs_or_zero_occ_residues.auth_comp_id     GLU 
_pdbx_unobs_or_zero_occ_residues.auth_seq_id      129 
_pdbx_unobs_or_zero_occ_residues.PDB_ins_code     ? 
_pdbx_unobs_or_zero_occ_residues.label_asym_id    A 
_pdbx_unobs_or_zero_occ_residues.label_comp_id    GLU 
_pdbx_unobs_or_zero_occ_residues.label_seq_id     124 
# 
loop_
_chem_comp_atom.comp_id 
_chem_comp_atom.atom_id 
_chem_comp_atom.type_symbol 
_chem_comp_atom.pdbx_aromatic_flag 
_chem_comp_atom.pdbx_stereo_config 
_chem_comp_atom.pdbx_ordinal 
ALA N    N  N N 1   
ALA CA   C  N S 2   
ALA C    C  N N 3   
ALA O    O  N N 4   
ALA CB   C  N N 5   
ALA OXT  O  N N 6   
ALA H    H  N N 7   
ALA H2   H  N N 8   
ALA HA   H  N N 9   
ALA HB1  H  N N 10  
ALA HB2  H  N N 11  
ALA HB3  H  N N 12  
ALA HXT  H  N N 13  
ARG N    N  N N 14  
ARG CA   C  N S 15  
ARG C    C  N N 16  
ARG O    O  N N 17  
ARG CB   C  N N 18  
ARG CG   C  N N 19  
ARG CD   C  N N 20  
ARG NE   N  N N 21  
ARG CZ   C  N N 22  
ARG NH1  N  N N 23  
ARG NH2  N  N N 24  
ARG OXT  O  N N 25  
ARG H    H  N N 26  
ARG H2   H  N N 27  
ARG HA   H  N N 28  
ARG HB2  H  N N 29  
ARG HB3  H  N N 30  
ARG HG2  H  N N 31  
ARG HG3  H  N N 32  
ARG HD2  H  N N 33  
ARG HD3  H  N N 34  
ARG HE   H  N N 35  
ARG HH11 H  N N 36  
ARG HH12 H  N N 37  
ARG HH21 H  N N 38  
ARG HH22 H  N N 39  
ARG HXT  H  N N 40  
ASN N    N  N N 41  
ASN CA   C  N S 42  
ASN C    C  N N 43  
ASN O    O  N N 44  
ASN CB   C  N N 45  
ASN CG   C  N N 46  
ASN OD1  O  N N 47  
ASN ND2  N  N N 48  
ASN OXT  O  N N 49  
ASN H    H  N N 50  
ASN H2   H  N N 51  
ASN HA   H  N N 52  
ASN HB2  H  N N 53  
ASN HB3  H  N N 54  
ASN HD21 H  N N 55  
ASN HD22 H  N N 56  
ASN HXT  H  N N 57  
ASP N    N  N N 58  
ASP CA   C  N S 59  
ASP C    C  N N 60  
ASP O    O  N N 61  
ASP CB   C  N N 62  
ASP CG   C  N N 63  
ASP OD1  O  N N 64  
ASP OD2  O  N N 65  
ASP OXT  O  N N 66  
ASP H    H  N N 67  
ASP H2   H  N N 68  
ASP HA   H  N N 69  
ASP HB2  H  N N 70  
ASP HB3  H  N N 71  
ASP HD2  H  N N 72  
ASP HXT  H  N N 73  
C0Q C1   C  Y N 74  
C0Q C2   C  Y N 75  
C0Q C3   C  Y N 76  
C0Q C7   C  N N 77  
C0Q C8   C  N N 78  
C0Q C9   C  N N 79  
C0Q C10  C  N R 80  
C0Q C11  C  N N 81  
C0Q C12  C  N N 82  
C0Q C13  C  N N 83  
C0Q C14  C  Y N 84  
C0Q C15  C  Y N 85  
C0Q C16  C  Y N 86  
C0Q C19  C  N N 87  
C0Q C20  C  N N 88  
C0Q O2   O  N N 89  
C0Q N    N  N N 90  
C0Q C    C  N N 91  
C0Q C18  C  N N 92  
C0Q C4   C  Y N 93  
C0Q N5   N  N N 94  
C0Q C17  C  Y N 95  
C0Q CL   CL N N 96  
C0Q N3   N  Y N 97  
C0Q N4   N  Y N 98  
C0Q N2   N  N N 99  
C0Q N1   N  N N 100 
C0Q O1   O  N N 101 
C0Q O    O  N N 102 
C0Q C6   C  Y N 103 
C0Q C5   C  Y N 104 
C0Q H4   H  N N 105 
C0Q H6   H  N N 106 
C0Q H7   H  N N 107 
C0Q H9   H  N N 108 
C0Q H8   H  N N 109 
C0Q H11  H  N N 110 
C0Q H10  H  N N 111 
C0Q H    H  N N 112 
C0Q H13  H  N N 113 
C0Q H12  H  N N 114 
C0Q H16  H  N N 115 
C0Q H15  H  N N 116 
C0Q H17  H  N N 117 
C0Q H18  H  N N 118 
C0Q H19  H  N N 119 
C0Q H23  H  N N 120 
C0Q H24  H  N N 121 
C0Q H1   H  N N 122 
C0Q H3   H  N N 123 
C0Q H2   H  N N 124 
C0Q H21  H  N N 125 
C0Q H22  H  N N 126 
C0Q H20  H  N N 127 
C0Q H25  H  N N 128 
C0Q H5   H  N N 129 
CL  CL   CL N N 130 
CYS N    N  N N 131 
CYS CA   C  N R 132 
CYS C    C  N N 133 
CYS O    O  N N 134 
CYS CB   C  N N 135 
CYS SG   S  N N 136 
CYS OXT  O  N N 137 
CYS H    H  N N 138 
CYS H2   H  N N 139 
CYS HA   H  N N 140 
CYS HB2  H  N N 141 
CYS HB3  H  N N 142 
CYS HG   H  N N 143 
CYS HXT  H  N N 144 
GLN N    N  N N 145 
GLN CA   C  N S 146 
GLN C    C  N N 147 
GLN O    O  N N 148 
GLN CB   C  N N 149 
GLN CG   C  N N 150 
GLN CD   C  N N 151 
GLN OE1  O  N N 152 
GLN NE2  N  N N 153 
GLN OXT  O  N N 154 
GLN H    H  N N 155 
GLN H2   H  N N 156 
GLN HA   H  N N 157 
GLN HB2  H  N N 158 
GLN HB3  H  N N 159 
GLN HG2  H  N N 160 
GLN HG3  H  N N 161 
GLN HE21 H  N N 162 
GLN HE22 H  N N 163 
GLN HXT  H  N N 164 
GLU N    N  N N 165 
GLU CA   C  N S 166 
GLU C    C  N N 167 
GLU O    O  N N 168 
GLU CB   C  N N 169 
GLU CG   C  N N 170 
GLU CD   C  N N 171 
GLU OE1  O  N N 172 
GLU OE2  O  N N 173 
GLU OXT  O  N N 174 
GLU H    H  N N 175 
GLU H2   H  N N 176 
GLU HA   H  N N 177 
GLU HB2  H  N N 178 
GLU HB3  H  N N 179 
GLU HG2  H  N N 180 
GLU HG3  H  N N 181 
GLU HE2  H  N N 182 
GLU HXT  H  N N 183 
GLY N    N  N N 184 
GLY CA   C  N N 185 
GLY C    C  N N 186 
GLY O    O  N N 187 
GLY OXT  O  N N 188 
GLY H    H  N N 189 
GLY H2   H  N N 190 
GLY HA2  H  N N 191 
GLY HA3  H  N N 192 
GLY HXT  H  N N 193 
HIS N    N  N N 194 
HIS CA   C  N S 195 
HIS C    C  N N 196 
HIS O    O  N N 197 
HIS CB   C  N N 198 
HIS CG   C  Y N 199 
HIS ND1  N  Y N 200 
HIS CD2  C  Y N 201 
HIS CE1  C  Y N 202 
HIS NE2  N  Y N 203 
HIS OXT  O  N N 204 
HIS H    H  N N 205 
HIS H2   H  N N 206 
HIS HA   H  N N 207 
HIS HB2  H  N N 208 
HIS HB3  H  N N 209 
HIS HD1  H  N N 210 
HIS HD2  H  N N 211 
HIS HE1  H  N N 212 
HIS HE2  H  N N 213 
HIS HXT  H  N N 214 
HOH O    O  N N 215 
HOH H1   H  N N 216 
HOH H2   H  N N 217 
ILE N    N  N N 218 
ILE CA   C  N S 219 
ILE C    C  N N 220 
ILE O    O  N N 221 
ILE CB   C  N S 222 
ILE CG1  C  N N 223 
ILE CG2  C  N N 224 
ILE CD1  C  N N 225 
ILE OXT  O  N N 226 
ILE H    H  N N 227 
ILE H2   H  N N 228 
ILE HA   H  N N 229 
ILE HB   H  N N 230 
ILE HG12 H  N N 231 
ILE HG13 H  N N 232 
ILE HG21 H  N N 233 
ILE HG22 H  N N 234 
ILE HG23 H  N N 235 
ILE HD11 H  N N 236 
ILE HD12 H  N N 237 
ILE HD13 H  N N 238 
ILE HXT  H  N N 239 
LEU N    N  N N 240 
LEU CA   C  N S 241 
LEU C    C  N N 242 
LEU O    O  N N 243 
LEU CB   C  N N 244 
LEU CG   C  N N 245 
LEU CD1  C  N N 246 
LEU CD2  C  N N 247 
LEU OXT  O  N N 248 
LEU H    H  N N 249 
LEU H2   H  N N 250 
LEU HA   H  N N 251 
LEU HB2  H  N N 252 
LEU HB3  H  N N 253 
LEU HG   H  N N 254 
LEU HD11 H  N N 255 
LEU HD12 H  N N 256 
LEU HD13 H  N N 257 
LEU HD21 H  N N 258 
LEU HD22 H  N N 259 
LEU HD23 H  N N 260 
LEU HXT  H  N N 261 
LYS N    N  N N 262 
LYS CA   C  N S 263 
LYS C    C  N N 264 
LYS O    O  N N 265 
LYS CB   C  N N 266 
LYS CG   C  N N 267 
LYS CD   C  N N 268 
LYS CE   C  N N 269 
LYS NZ   N  N N 270 
LYS OXT  O  N N 271 
LYS H    H  N N 272 
LYS H2   H  N N 273 
LYS HA   H  N N 274 
LYS HB2  H  N N 275 
LYS HB3  H  N N 276 
LYS HG2  H  N N 277 
LYS HG3  H  N N 278 
LYS HD2  H  N N 279 
LYS HD3  H  N N 280 
LYS HE2  H  N N 281 
LYS HE3  H  N N 282 
LYS HZ1  H  N N 283 
LYS HZ2  H  N N 284 
LYS HZ3  H  N N 285 
LYS HXT  H  N N 286 
MET N    N  N N 287 
MET CA   C  N S 288 
MET C    C  N N 289 
MET O    O  N N 290 
MET CB   C  N N 291 
MET CG   C  N N 292 
MET SD   S  N N 293 
MET CE   C  N N 294 
MET OXT  O  N N 295 
MET H    H  N N 296 
MET H2   H  N N 297 
MET HA   H  N N 298 
MET HB2  H  N N 299 
MET HB3  H  N N 300 
MET HG2  H  N N 301 
MET HG3  H  N N 302 
MET HE1  H  N N 303 
MET HE2  H  N N 304 
MET HE3  H  N N 305 
MET HXT  H  N N 306 
PHE N    N  N N 307 
PHE CA   C  N S 308 
PHE C    C  N N 309 
PHE O    O  N N 310 
PHE CB   C  N N 311 
PHE CG   C  Y N 312 
PHE CD1  C  Y N 313 
PHE CD2  C  Y N 314 
PHE CE1  C  Y N 315 
PHE CE2  C  Y N 316 
PHE CZ   C  Y N 317 
PHE OXT  O  N N 318 
PHE H    H  N N 319 
PHE H2   H  N N 320 
PHE HA   H  N N 321 
PHE HB2  H  N N 322 
PHE HB3  H  N N 323 
PHE HD1  H  N N 324 
PHE HD2  H  N N 325 
PHE HE1  H  N N 326 
PHE HE2  H  N N 327 
PHE HZ   H  N N 328 
PHE HXT  H  N N 329 
PRO N    N  N N 330 
PRO CA   C  N S 331 
PRO C    C  N N 332 
PRO O    O  N N 333 
PRO CB   C  N N 334 
PRO CG   C  N N 335 
PRO CD   C  N N 336 
PRO OXT  O  N N 337 
PRO H    H  N N 338 
PRO HA   H  N N 339 
PRO HB2  H  N N 340 
PRO HB3  H  N N 341 
PRO HG2  H  N N 342 
PRO HG3  H  N N 343 
PRO HD2  H  N N 344 
PRO HD3  H  N N 345 
PRO HXT  H  N N 346 
SER N    N  N N 347 
SER CA   C  N S 348 
SER C    C  N N 349 
SER O    O  N N 350 
SER CB   C  N N 351 
SER OG   O  N N 352 
SER OXT  O  N N 353 
SER H    H  N N 354 
SER H2   H  N N 355 
SER HA   H  N N 356 
SER HB2  H  N N 357 
SER HB3  H  N N 358 
SER HG   H  N N 359 
SER HXT  H  N N 360 
THR N    N  N N 361 
THR CA   C  N S 362 
THR C    C  N N 363 
THR O    O  N N 364 
THR CB   C  N R 365 
THR OG1  O  N N 366 
THR CG2  C  N N 367 
THR OXT  O  N N 368 
THR H    H  N N 369 
THR H2   H  N N 370 
THR HA   H  N N 371 
THR HB   H  N N 372 
THR HG1  H  N N 373 
THR HG21 H  N N 374 
THR HG22 H  N N 375 
THR HG23 H  N N 376 
THR HXT  H  N N 377 
TYR N    N  N N 378 
TYR CA   C  N S 379 
TYR C    C  N N 380 
TYR O    O  N N 381 
TYR CB   C  N N 382 
TYR CG   C  Y N 383 
TYR CD1  C  Y N 384 
TYR CD2  C  Y N 385 
TYR CE1  C  Y N 386 
TYR CE2  C  Y N 387 
TYR CZ   C  Y N 388 
TYR OH   O  N N 389 
TYR OXT  O  N N 390 
TYR H    H  N N 391 
TYR H2   H  N N 392 
TYR HA   H  N N 393 
TYR HB2  H  N N 394 
TYR HB3  H  N N 395 
TYR HD1  H  N N 396 
TYR HD2  H  N N 397 
TYR HE1  H  N N 398 
TYR HE2  H  N N 399 
TYR HH   H  N N 400 
TYR HXT  H  N N 401 
VAL N    N  N N 402 
VAL CA   C  N S 403 
VAL C    C  N N 404 
VAL O    O  N N 405 
VAL CB   C  N N 406 
VAL CG1  C  N N 407 
VAL CG2  C  N N 408 
VAL OXT  O  N N 409 
VAL H    H  N N 410 
VAL H2   H  N N 411 
VAL HA   H  N N 412 
VAL HB   H  N N 413 
VAL HG11 H  N N 414 
VAL HG12 H  N N 415 
VAL HG13 H  N N 416 
VAL HG21 H  N N 417 
VAL HG22 H  N N 418 
VAL HG23 H  N N 419 
VAL HXT  H  N N 420 
# 
loop_
_chem_comp_bond.comp_id 
_chem_comp_bond.atom_id_1 
_chem_comp_bond.atom_id_2 
_chem_comp_bond.value_order 
_chem_comp_bond.pdbx_aromatic_flag 
_chem_comp_bond.pdbx_stereo_config 
_chem_comp_bond.pdbx_ordinal 
ALA N   CA   sing N N 1   
ALA N   H    sing N N 2   
ALA N   H2   sing N N 3   
ALA CA  C    sing N N 4   
ALA CA  CB   sing N N 5   
ALA CA  HA   sing N N 6   
ALA C   O    doub N N 7   
ALA C   OXT  sing N N 8   
ALA CB  HB1  sing N N 9   
ALA CB  HB2  sing N N 10  
ALA CB  HB3  sing N N 11  
ALA OXT HXT  sing N N 12  
ARG N   CA   sing N N 13  
ARG N   H    sing N N 14  
ARG N   H2   sing N N 15  
ARG CA  C    sing N N 16  
ARG CA  CB   sing N N 17  
ARG CA  HA   sing N N 18  
ARG C   O    doub N N 19  
ARG C   OXT  sing N N 20  
ARG CB  CG   sing N N 21  
ARG CB  HB2  sing N N 22  
ARG CB  HB3  sing N N 23  
ARG CG  CD   sing N N 24  
ARG CG  HG2  sing N N 25  
ARG CG  HG3  sing N N 26  
ARG CD  NE   sing N N 27  
ARG CD  HD2  sing N N 28  
ARG CD  HD3  sing N N 29  
ARG NE  CZ   sing N N 30  
ARG NE  HE   sing N N 31  
ARG CZ  NH1  sing N N 32  
ARG CZ  NH2  doub N N 33  
ARG NH1 HH11 sing N N 34  
ARG NH1 HH12 sing N N 35  
ARG NH2 HH21 sing N N 36  
ARG NH2 HH22 sing N N 37  
ARG OXT HXT  sing N N 38  
ASN N   CA   sing N N 39  
ASN N   H    sing N N 40  
ASN N   H2   sing N N 41  
ASN CA  C    sing N N 42  
ASN CA  CB   sing N N 43  
ASN CA  HA   sing N N 44  
ASN C   O    doub N N 45  
ASN C   OXT  sing N N 46  
ASN CB  CG   sing N N 47  
ASN CB  HB2  sing N N 48  
ASN CB  HB3  sing N N 49  
ASN CG  OD1  doub N N 50  
ASN CG  ND2  sing N N 51  
ASN ND2 HD21 sing N N 52  
ASN ND2 HD22 sing N N 53  
ASN OXT HXT  sing N N 54  
ASP N   CA   sing N N 55  
ASP N   H    sing N N 56  
ASP N   H2   sing N N 57  
ASP CA  C    sing N N 58  
ASP CA  CB   sing N N 59  
ASP CA  HA   sing N N 60  
ASP C   O    doub N N 61  
ASP C   OXT  sing N N 62  
ASP CB  CG   sing N N 63  
ASP CB  HB2  sing N N 64  
ASP CB  HB3  sing N N 65  
ASP CG  OD1  doub N N 66  
ASP CG  OD2  sing N N 67  
ASP OD2 HD2  sing N N 68  
ASP OXT HXT  sing N N 69  
C0Q CL  C16  sing N N 70  
C0Q C15 C16  doub Y N 71  
C0Q C15 N3   sing Y N 72  
C0Q C16 C17  sing Y N 73  
C0Q N3  C14  doub Y N 74  
C0Q C17 N5   sing N N 75  
C0Q C17 N4   doub Y N 76  
C0Q C14 N4   sing Y N 77  
C0Q C14 N2   sing N N 78  
C0Q C13 C12  sing N N 79  
C0Q C13 N2   sing N N 80  
C0Q N5  C4   sing N N 81  
C0Q C12 N1   sing N N 82  
C0Q N2  C10  sing N N 83  
C0Q C4  C3   doub Y N 84  
C0Q C4  C5   sing Y N 85  
C0Q C3  C2   sing Y N 86  
C0Q C10 C11  sing N N 87  
C0Q C10 C9   sing N N 88  
C0Q N1  C11  sing N N 89  
C0Q C5  C6   doub Y N 90  
C0Q C2  C18  sing N N 91  
C0Q C2  C1   doub Y N 92  
C0Q C18 C19  sing N N 93  
C0Q C9  O1   sing N N 94  
C0Q C19 C20  sing N N 95  
C0Q C6  C1   sing Y N 96  
C0Q C6  O    sing N N 97  
C0Q O1  C8   sing N N 98  
C0Q C1  N    sing N N 99  
C0Q O   C7   sing N N 100 
C0Q C20 N    sing N N 101 
C0Q C20 O2   doub N N 102 
C0Q N   C    sing N N 103 
C0Q C7  C8   sing N N 104 
C0Q C3  H4   sing N N 105 
C0Q C7  H6   sing N N 106 
C0Q C7  H7   sing N N 107 
C0Q C8  H9   sing N N 108 
C0Q C8  H8   sing N N 109 
C0Q C9  H11  sing N N 110 
C0Q C9  H10  sing N N 111 
C0Q C10 H    sing N N 112 
C0Q C11 H13  sing N N 113 
C0Q C11 H12  sing N N 114 
C0Q C12 H16  sing N N 115 
C0Q C12 H15  sing N N 116 
C0Q C13 H17  sing N N 117 
C0Q C13 H18  sing N N 118 
C0Q C15 H19  sing N N 119 
C0Q C19 H23  sing N N 120 
C0Q C19 H24  sing N N 121 
C0Q C   H1   sing N N 122 
C0Q C   H3   sing N N 123 
C0Q C   H2   sing N N 124 
C0Q C18 H21  sing N N 125 
C0Q C18 H22  sing N N 126 
C0Q N5  H20  sing N N 127 
C0Q N1  H25  sing N N 128 
C0Q C5  H5   sing N N 129 
CYS N   CA   sing N N 130 
CYS N   H    sing N N 131 
CYS N   H2   sing N N 132 
CYS CA  C    sing N N 133 
CYS CA  CB   sing N N 134 
CYS CA  HA   sing N N 135 
CYS C   O    doub N N 136 
CYS C   OXT  sing N N 137 
CYS CB  SG   sing N N 138 
CYS CB  HB2  sing N N 139 
CYS CB  HB3  sing N N 140 
CYS SG  HG   sing N N 141 
CYS OXT HXT  sing N N 142 
GLN N   CA   sing N N 143 
GLN N   H    sing N N 144 
GLN N   H2   sing N N 145 
GLN CA  C    sing N N 146 
GLN CA  CB   sing N N 147 
GLN CA  HA   sing N N 148 
GLN C   O    doub N N 149 
GLN C   OXT  sing N N 150 
GLN CB  CG   sing N N 151 
GLN CB  HB2  sing N N 152 
GLN CB  HB3  sing N N 153 
GLN CG  CD   sing N N 154 
GLN CG  HG2  sing N N 155 
GLN CG  HG3  sing N N 156 
GLN CD  OE1  doub N N 157 
GLN CD  NE2  sing N N 158 
GLN NE2 HE21 sing N N 159 
GLN NE2 HE22 sing N N 160 
GLN OXT HXT  sing N N 161 
GLU N   CA   sing N N 162 
GLU N   H    sing N N 163 
GLU N   H2   sing N N 164 
GLU CA  C    sing N N 165 
GLU CA  CB   sing N N 166 
GLU CA  HA   sing N N 167 
GLU C   O    doub N N 168 
GLU C   OXT  sing N N 169 
GLU CB  CG   sing N N 170 
GLU CB  HB2  sing N N 171 
GLU CB  HB3  sing N N 172 
GLU CG  CD   sing N N 173 
GLU CG  HG2  sing N N 174 
GLU CG  HG3  sing N N 175 
GLU CD  OE1  doub N N 176 
GLU CD  OE2  sing N N 177 
GLU OE2 HE2  sing N N 178 
GLU OXT HXT  sing N N 179 
GLY N   CA   sing N N 180 
GLY N   H    sing N N 181 
GLY N   H2   sing N N 182 
GLY CA  C    sing N N 183 
GLY CA  HA2  sing N N 184 
GLY CA  HA3  sing N N 185 
GLY C   O    doub N N 186 
GLY C   OXT  sing N N 187 
GLY OXT HXT  sing N N 188 
HIS N   CA   sing N N 189 
HIS N   H    sing N N 190 
HIS N   H2   sing N N 191 
HIS CA  C    sing N N 192 
HIS CA  CB   sing N N 193 
HIS CA  HA   sing N N 194 
HIS C   O    doub N N 195 
HIS C   OXT  sing N N 196 
HIS CB  CG   sing N N 197 
HIS CB  HB2  sing N N 198 
HIS CB  HB3  sing N N 199 
HIS CG  ND1  sing Y N 200 
HIS CG  CD2  doub Y N 201 
HIS ND1 CE1  doub Y N 202 
HIS ND1 HD1  sing N N 203 
HIS CD2 NE2  sing Y N 204 
HIS CD2 HD2  sing N N 205 
HIS CE1 NE2  sing Y N 206 
HIS CE1 HE1  sing N N 207 
HIS NE2 HE2  sing N N 208 
HIS OXT HXT  sing N N 209 
HOH O   H1   sing N N 210 
HOH O   H2   sing N N 211 
ILE N   CA   sing N N 212 
ILE N   H    sing N N 213 
ILE N   H2   sing N N 214 
ILE CA  C    sing N N 215 
ILE CA  CB   sing N N 216 
ILE CA  HA   sing N N 217 
ILE C   O    doub N N 218 
ILE C   OXT  sing N N 219 
ILE CB  CG1  sing N N 220 
ILE CB  CG2  sing N N 221 
ILE CB  HB   sing N N 222 
ILE CG1 CD1  sing N N 223 
ILE CG1 HG12 sing N N 224 
ILE CG1 HG13 sing N N 225 
ILE CG2 HG21 sing N N 226 
ILE CG2 HG22 sing N N 227 
ILE CG2 HG23 sing N N 228 
ILE CD1 HD11 sing N N 229 
ILE CD1 HD12 sing N N 230 
ILE CD1 HD13 sing N N 231 
ILE OXT HXT  sing N N 232 
LEU N   CA   sing N N 233 
LEU N   H    sing N N 234 
LEU N   H2   sing N N 235 
LEU CA  C    sing N N 236 
LEU CA  CB   sing N N 237 
LEU CA  HA   sing N N 238 
LEU C   O    doub N N 239 
LEU C   OXT  sing N N 240 
LEU CB  CG   sing N N 241 
LEU CB  HB2  sing N N 242 
LEU CB  HB3  sing N N 243 
LEU CG  CD1  sing N N 244 
LEU CG  CD2  sing N N 245 
LEU CG  HG   sing N N 246 
LEU CD1 HD11 sing N N 247 
LEU CD1 HD12 sing N N 248 
LEU CD1 HD13 sing N N 249 
LEU CD2 HD21 sing N N 250 
LEU CD2 HD22 sing N N 251 
LEU CD2 HD23 sing N N 252 
LEU OXT HXT  sing N N 253 
LYS N   CA   sing N N 254 
LYS N   H    sing N N 255 
LYS N   H2   sing N N 256 
LYS CA  C    sing N N 257 
LYS CA  CB   sing N N 258 
LYS CA  HA   sing N N 259 
LYS C   O    doub N N 260 
LYS C   OXT  sing N N 261 
LYS CB  CG   sing N N 262 
LYS CB  HB2  sing N N 263 
LYS CB  HB3  sing N N 264 
LYS CG  CD   sing N N 265 
LYS CG  HG2  sing N N 266 
LYS CG  HG3  sing N N 267 
LYS CD  CE   sing N N 268 
LYS CD  HD2  sing N N 269 
LYS CD  HD3  sing N N 270 
LYS CE  NZ   sing N N 271 
LYS CE  HE2  sing N N 272 
LYS CE  HE3  sing N N 273 
LYS NZ  HZ1  sing N N 274 
LYS NZ  HZ2  sing N N 275 
LYS NZ  HZ3  sing N N 276 
LYS OXT HXT  sing N N 277 
MET N   CA   sing N N 278 
MET N   H    sing N N 279 
MET N   H2   sing N N 280 
MET CA  C    sing N N 281 
MET CA  CB   sing N N 282 
MET CA  HA   sing N N 283 
MET C   O    doub N N 284 
MET C   OXT  sing N N 285 
MET CB  CG   sing N N 286 
MET CB  HB2  sing N N 287 
MET CB  HB3  sing N N 288 
MET CG  SD   sing N N 289 
MET CG  HG2  sing N N 290 
MET CG  HG3  sing N N 291 
MET SD  CE   sing N N 292 
MET CE  HE1  sing N N 293 
MET CE  HE2  sing N N 294 
MET CE  HE3  sing N N 295 
MET OXT HXT  sing N N 296 
PHE N   CA   sing N N 297 
PHE N   H    sing N N 298 
PHE N   H2   sing N N 299 
PHE CA  C    sing N N 300 
PHE CA  CB   sing N N 301 
PHE CA  HA   sing N N 302 
PHE C   O    doub N N 303 
PHE C   OXT  sing N N 304 
PHE CB  CG   sing N N 305 
PHE CB  HB2  sing N N 306 
PHE CB  HB3  sing N N 307 
PHE CG  CD1  doub Y N 308 
PHE CG  CD2  sing Y N 309 
PHE CD1 CE1  sing Y N 310 
PHE CD1 HD1  sing N N 311 
PHE CD2 CE2  doub Y N 312 
PHE CD2 HD2  sing N N 313 
PHE CE1 CZ   doub Y N 314 
PHE CE1 HE1  sing N N 315 
PHE CE2 CZ   sing Y N 316 
PHE CE2 HE2  sing N N 317 
PHE CZ  HZ   sing N N 318 
PHE OXT HXT  sing N N 319 
PRO N   CA   sing N N 320 
PRO N   CD   sing N N 321 
PRO N   H    sing N N 322 
PRO CA  C    sing N N 323 
PRO CA  CB   sing N N 324 
PRO CA  HA   sing N N 325 
PRO C   O    doub N N 326 
PRO C   OXT  sing N N 327 
PRO CB  CG   sing N N 328 
PRO CB  HB2  sing N N 329 
PRO CB  HB3  sing N N 330 
PRO CG  CD   sing N N 331 
PRO CG  HG2  sing N N 332 
PRO CG  HG3  sing N N 333 
PRO CD  HD2  sing N N 334 
PRO CD  HD3  sing N N 335 
PRO OXT HXT  sing N N 336 
SER N   CA   sing N N 337 
SER N   H    sing N N 338 
SER N   H2   sing N N 339 
SER CA  C    sing N N 340 
SER CA  CB   sing N N 341 
SER CA  HA   sing N N 342 
SER C   O    doub N N 343 
SER C   OXT  sing N N 344 
SER CB  OG   sing N N 345 
SER CB  HB2  sing N N 346 
SER CB  HB3  sing N N 347 
SER OG  HG   sing N N 348 
SER OXT HXT  sing N N 349 
THR N   CA   sing N N 350 
THR N   H    sing N N 351 
THR N   H2   sing N N 352 
THR CA  C    sing N N 353 
THR CA  CB   sing N N 354 
THR CA  HA   sing N N 355 
THR C   O    doub N N 356 
THR C   OXT  sing N N 357 
THR CB  OG1  sing N N 358 
THR CB  CG2  sing N N 359 
THR CB  HB   sing N N 360 
THR OG1 HG1  sing N N 361 
THR CG2 HG21 sing N N 362 
THR CG2 HG22 sing N N 363 
THR CG2 HG23 sing N N 364 
THR OXT HXT  sing N N 365 
TYR N   CA   sing N N 366 
TYR N   H    sing N N 367 
TYR N   H2   sing N N 368 
TYR CA  C    sing N N 369 
TYR CA  CB   sing N N 370 
TYR CA  HA   sing N N 371 
TYR C   O    doub N N 372 
TYR C   OXT  sing N N 373 
TYR CB  CG   sing N N 374 
TYR CB  HB2  sing N N 375 
TYR CB  HB3  sing N N 376 
TYR CG  CD1  doub Y N 377 
TYR CG  CD2  sing Y N 378 
TYR CD1 CE1  sing Y N 379 
TYR CD1 HD1  sing N N 380 
TYR CD2 CE2  doub Y N 381 
TYR CD2 HD2  sing N N 382 
TYR CE1 CZ   doub Y N 383 
TYR CE1 HE1  sing N N 384 
TYR CE2 CZ   sing Y N 385 
TYR CE2 HE2  sing N N 386 
TYR CZ  OH   sing N N 387 
TYR OH  HH   sing N N 388 
TYR OXT HXT  sing N N 389 
VAL N   CA   sing N N 390 
VAL N   H    sing N N 391 
VAL N   H2   sing N N 392 
VAL CA  C    sing N N 393 
VAL CA  CB   sing N N 394 
VAL CA  HA   sing N N 395 
VAL C   O    doub N N 396 
VAL C   OXT  sing N N 397 
VAL CB  CG1  sing N N 398 
VAL CB  CG2  sing N N 399 
VAL CB  HB   sing N N 400 
VAL CG1 HG11 sing N N 401 
VAL CG1 HG12 sing N N 402 
VAL CG1 HG13 sing N N 403 
VAL CG2 HG21 sing N N 404 
VAL CG2 HG22 sing N N 405 
VAL CG2 HG23 sing N N 406 
VAL OXT HXT  sing N N 407 
# 
_atom_sites.entry_id                    6EW8 
_atom_sites.fract_transf_matrix[1][1]   0.00967492 
_atom_sites.fract_transf_matrix[1][2]   0.02406099 
_atom_sites.fract_transf_matrix[1][3]   -0.02150124 
_atom_sites.fract_transf_matrix[2][1]   -0.00976673 
_atom_sites.fract_transf_matrix[2][2]   0.00827559 
_atom_sites.fract_transf_matrix[2][3]   0.00486606 
_atom_sites.fract_transf_matrix[3][1]   0.01322371 
_atom_sites.fract_transf_matrix[3][2]   0.00997346 
_atom_sites.fract_transf_matrix[3][3]   0.00957985 
_atom_sites.fract_transf_vector[1]      -0.084373 
_atom_sites.fract_transf_vector[2]      0.026559 
_atom_sites.fract_transf_vector[3]      -0.297685 
# 
loop_
_atom_type.symbol 
C  
CL 
H  
N  
O  
S  
# 
loop_
_atom_site.group_PDB 
_atom_site.id 
_atom_site.type_symbol 
_atom_site.label_atom_id 
_atom_site.label_alt_id 
_atom_site.label_comp_id 
_atom_site.label_asym_id 
_atom_site.label_entity_id 
_atom_site.label_seq_id 
_atom_site.pdbx_PDB_ins_code 
_atom_site.Cartn_x 
_atom_site.Cartn_y 
_atom_site.Cartn_z 
_atom_site.occupancy 
_atom_site.B_iso_or_equiv 
_atom_site.pdbx_formal_charge 
_atom_site.auth_seq_id 
_atom_site.auth_comp_id 
_atom_site.auth_asym_id 
_atom_site.auth_atom_id 
_atom_site.pdbx_PDB_model_num 
ATOM   1    N  N   . ASP A 1 1   ? -18.805 15.386  -20.947 1.00 52.38  ? 6   ASP A N   1 
ATOM   2    C  CA  . ASP A 1 1   ? -18.847 14.339  -19.925 1.00 51.52  ? 6   ASP A CA  1 
ATOM   3    C  C   . ASP A 1 1   ? -20.142 13.506  -20.007 1.00 51.52  ? 6   ASP A C   1 
ATOM   4    O  O   . ASP A 1 1   ? -20.735 13.142  -18.983 1.00 51.81  ? 6   ASP A O   1 
ATOM   5    C  CB  . ASP A 1 1   ? -18.579 14.903  -18.509 1.00 54.00  ? 6   ASP A CB  1 
ATOM   6    C  CG  . ASP A 1 1   ? -19.231 16.241  -18.196 1.00 66.96  ? 6   ASP A CG  1 
ATOM   7    O  OD1 . ASP A 1 1   ? -18.510 17.269  -18.199 1.00 66.84  ? 6   ASP A OD1 1 
ATOM   8    O  OD2 . ASP A 1 1   ? -20.455 16.256  -17.916 1.00 74.41  ? 6   ASP A OD2 1 
ATOM   9    N  N   . SER A 1 2   ? -20.527 13.153  -21.249 1.00 43.83  ? 7   SER A N   1 
ATOM   10   C  CA  . SER A 1 2   ? -21.727 12.385  -21.606 1.00 41.37  ? 7   SER A CA  1 
ATOM   11   C  C   . SER A 1 2   ? -21.747 10.922  -21.097 1.00 38.29  ? 7   SER A C   1 
ATOM   12   O  O   . SER A 1 2   ? -22.785 10.261  -21.197 1.00 38.60  ? 7   SER A O   1 
ATOM   13   C  CB  . SER A 1 2   ? -21.926 12.430  -23.124 1.00 44.79  ? 7   SER A CB  1 
ATOM   14   O  OG  . SER A 1 2   ? -22.873 11.487  -23.607 1.00 51.47  ? 7   SER A OG  1 
ATOM   15   N  N   . GLN A 1 3   ? -20.622 10.417  -20.564 1.00 29.03  ? 8   GLN A N   1 
ATOM   16   C  CA  . GLN A 1 3   ? -20.522 9.023   -20.112 1.00 25.69  ? 8   GLN A CA  1 
ATOM   17   C  C   . GLN A 1 3   ? -21.260 8.766   -18.792 1.00 24.63  ? 8   GLN A C   1 
ATOM   18   O  O   . GLN A 1 3   ? -21.348 9.664   -17.945 1.00 21.79  ? 8   GLN A O   1 
ATOM   19   C  CB  . GLN A 1 3   ? -19.049 8.567   -20.050 1.00 26.17  ? 8   GLN A CB  1 
ATOM   20   C  CG  . GLN A 1 3   ? -18.394 8.469   -21.435 1.00 20.87  ? 8   GLN A CG  1 
ATOM   21   C  CD  . GLN A 1 3   ? -17.015 7.879   -21.425 1.00 33.07  ? 8   GLN A CD  1 
ATOM   22   O  OE1 . GLN A 1 3   ? -16.738 6.911   -20.729 1.00 30.39  ? 8   GLN A OE1 1 
ATOM   23   N  NE2 . GLN A 1 3   ? -16.128 8.412   -22.257 1.00 23.77  ? 8   GLN A NE2 1 
ATOM   24   N  N   . ILE A 1 4   ? -21.824 7.545   -18.637 1.00 18.70  ? 9   ILE A N   1 
ATOM   25   C  CA  . ILE A 1 4   ? -22.515 7.161   -17.403 1.00 18.56  ? 9   ILE A CA  1 
ATOM   26   C  C   . ILE A 1 4   ? -21.448 6.785   -16.374 1.00 21.95  ? 9   ILE A C   1 
ATOM   27   O  O   . ILE A 1 4   ? -20.521 6.031   -16.688 1.00 20.58  ? 9   ILE A O   1 
ATOM   28   C  CB  . ILE A 1 4   ? -23.554 6.023   -17.608 1.00 21.38  ? 9   ILE A CB  1 
ATOM   29   C  CG1 . ILE A 1 4   ? -24.578 6.385   -18.715 1.00 21.49  ? 9   ILE A CG1 1 
ATOM   30   C  CG2 . ILE A 1 4   ? -24.278 5.689   -16.268 1.00 21.20  ? 9   ILE A CG2 1 
ATOM   31   C  CD1 . ILE A 1 4   ? -25.309 5.203   -19.295 1.00 24.73  ? 9   ILE A CD1 1 
ATOM   32   N  N   . GLN A 1 5   ? -21.577 7.336   -15.167 1.00 19.42  ? 10  GLN A N   1 
ATOM   33   C  CA  . GLN A 1 5   ? -20.675 7.111   -14.050 1.00 19.19  ? 10  GLN A CA  1 
ATOM   34   C  C   . GLN A 1 5   ? -21.210 6.009   -13.131 1.00 23.29  ? 10  GLN A C   1 
ATOM   35   O  O   . GLN A 1 5   ? -22.359 6.056   -12.672 1.00 22.53  ? 10  GLN A O   1 
ATOM   36   C  CB  . GLN A 1 5   ? -20.462 8.439   -13.288 1.00 21.38  ? 10  GLN A CB  1 
ATOM   37   C  CG  . GLN A 1 5   ? -19.679 8.350   -11.964 1.00 38.15  ? 10  GLN A CG  1 
ATOM   38   C  CD  . GLN A 1 5   ? -18.253 7.839   -12.061 1.00 53.24  ? 10  GLN A CD  1 
ATOM   39   O  OE1 . GLN A 1 5   ? -17.839 6.975   -11.286 1.00 40.74  ? 10  GLN A OE1 1 
ATOM   40   N  NE2 . GLN A 1 5   ? -17.445 8.409   -12.951 1.00 55.64  ? 10  GLN A NE2 1 
ATOM   41   N  N   . PHE A 1 6   ? -20.368 5.008   -12.882 1.00 18.37  ? 11  PHE A N   1 
ATOM   42   C  CA  . PHE A 1 6   ? -20.682 3.899   -11.994 1.00 17.89  ? 11  PHE A CA  1 
ATOM   43   C  C   . PHE A 1 6   ? -19.907 4.190   -10.734 1.00 24.48  ? 11  PHE A C   1 
ATOM   44   O  O   . PHE A 1 6   ? -18.693 3.975   -10.671 1.00 23.41  ? 11  PHE A O   1 
ATOM   45   C  CB  . PHE A 1 6   ? -20.250 2.561   -12.629 1.00 19.08  ? 11  PHE A CB  1 
ATOM   46   C  CG  . PHE A 1 6   ? -21.138 2.073   -13.757 1.00 19.98  ? 11  PHE A CG  1 
ATOM   47   C  CD1 . PHE A 1 6   ? -21.338 2.848   -14.897 1.00 21.79  ? 11  PHE A CD1 1 
ATOM   48   C  CD2 . PHE A 1 6   ? -21.703 0.800   -13.716 1.00 21.76  ? 11  PHE A CD2 1 
ATOM   49   C  CE1 . PHE A 1 6   ? -22.110 2.372   -15.960 1.00 23.02  ? 11  PHE A CE1 1 
ATOM   50   C  CE2 . PHE A 1 6   ? -22.451 0.317   -14.793 1.00 24.06  ? 11  PHE A CE2 1 
ATOM   51   C  CZ  . PHE A 1 6   ? -22.650 1.110   -15.905 1.00 22.12  ? 11  PHE A CZ  1 
ATOM   52   N  N   . THR A 1 7   ? -20.616 4.739   -9.746  1.00 23.37  ? 12  THR A N   1 
ATOM   53   C  CA  . THR A 1 7   ? -20.085 5.172   -8.458  1.00 23.70  ? 12  THR A CA  1 
ATOM   54   C  C   . THR A 1 7   ? -19.486 4.024   -7.646  1.00 26.65  ? 12  THR A C   1 
ATOM   55   O  O   . THR A 1 7   ? -18.566 4.272   -6.876  1.00 27.48  ? 12  THR A O   1 
ATOM   56   C  CB  . THR A 1 7   ? -21.154 5.954   -7.679  1.00 33.30  ? 12  THR A CB  1 
ATOM   57   O  OG1 . THR A 1 7   ? -22.254 5.083   -7.400  1.00 34.13  ? 12  THR A OG1 1 
ATOM   58   C  CG2 . THR A 1 7   ? -21.647 7.185   -8.445  1.00 32.96  ? 12  THR A CG2 1 
ATOM   59   N  N   . ARG A 1 8   ? -19.977 2.780   -7.836  1.00 22.45  ? 13  ARG A N   1 
ATOM   60   C  CA  . ARG A 1 8   ? -19.491 1.605   -7.090  1.00 22.06  ? 13  ARG A CA  1 
ATOM   61   C  C   . ARG A 1 8   ? -18.407 0.785   -7.809  1.00 22.54  ? 13  ARG A C   1 
ATOM   62   O  O   . ARG A 1 8   ? -17.817 -0.109  -7.192  1.00 21.03  ? 13  ARG A O   1 
ATOM   63   C  CB  . ARG A 1 8   ? -20.666 0.679   -6.708  1.00 26.45  ? 13  ARG A CB  1 
ATOM   64   C  CG  . ARG A 1 8   ? -21.732 1.336   -5.812  1.00 40.74  ? 13  ARG A CG  1 
ATOM   65   C  CD  . ARG A 1 8   ? -22.871 0.390   -5.448  1.00 50.51  ? 13  ARG A CD  1 
ATOM   66   N  NE  . ARG A 1 8   ? -23.806 0.162   -6.557  1.00 60.01  ? 13  ARG A NE  1 
ATOM   67   C  CZ  . ARG A 1 8   ? -23.858 -0.951  -7.287  1.00 78.93  ? 13  ARG A CZ  1 
ATOM   68   N  NH1 . ARG A 1 8   ? -23.024 -1.957  -7.043  1.00 69.52  ? 13  ARG A NH1 1 
ATOM   69   N  NH2 . ARG A 1 8   ? -24.741 -1.066  -8.270  1.00 63.84  ? 13  ARG A NH2 1 
ATOM   70   N  N   . HIS A 1 9   ? -18.165 1.058   -9.108  1.00 16.66  ? 14  HIS A N   1 
ATOM   71   C  CA  . HIS A 1 9   ? -17.231 0.281   -9.917  1.00 15.14  ? 14  HIS A CA  1 
ATOM   72   C  C   . HIS A 1 9   ? -15.797 0.228   -9.380  1.00 17.59  ? 14  HIS A C   1 
ATOM   73   O  O   . HIS A 1 9   ? -15.235 -0.870  -9.316  1.00 17.53  ? 14  HIS A O   1 
ATOM   74   C  CB  . HIS A 1 9   ? -17.241 0.751   -11.385 1.00 15.42  ? 14  HIS A CB  1 
ATOM   75   C  CG  . HIS A 1 9   ? -16.285 -0.006  -12.254 1.00 18.17  ? 14  HIS A CG  1 
ATOM   76   N  ND1 . HIS A 1 9   ? -16.490 -1.342  -12.562 1.00 18.79  ? 14  HIS A ND1 1 
ATOM   77   C  CD2 . HIS A 1 9   ? -15.100 0.380   -12.776 1.00 18.91  ? 14  HIS A CD2 1 
ATOM   78   C  CE1 . HIS A 1 9   ? -15.446 -1.706  -13.282 1.00 17.79  ? 14  HIS A CE1 1 
ATOM   79   N  NE2 . HIS A 1 9   ? -14.597 -0.700  -13.454 1.00 18.23  ? 14  HIS A NE2 1 
ATOM   80   N  N   . ALA A 1 10  ? -15.209 1.382   -9.005  1.00 14.24  ? 15  ALA A N   1 
ATOM   81   C  CA  . ALA A 1 10  ? -13.828 1.409   -8.517  1.00 15.81  ? 15  ALA A CA  1 
ATOM   82   C  C   . ALA A 1 10  ? -13.656 0.558   -7.265  1.00 17.21  ? 15  ALA A C   1 
ATOM   83   O  O   . ALA A 1 10  ? -12.713 -0.227  -7.206  1.00 15.08  ? 15  ALA A O   1 
ATOM   84   C  CB  . ALA A 1 10  ? -13.342 2.847   -8.286  1.00 16.52  ? 15  ALA A CB  1 
ATOM   85   N  N   . SER A 1 11  ? -14.589 0.674   -6.298  1.00 15.08  ? 16  SER A N   1 
ATOM   86   C  CA  . SER A 1 11  ? -14.568 -0.114  -5.062  1.00 16.29  ? 16  SER A CA  1 
ATOM   87   C  C   . SER A 1 11  ? -14.759 -1.611  -5.342  1.00 18.04  ? 16  SER A C   1 
ATOM   88   O  O   . SER A 1 11  ? -14.103 -2.436  -4.712  1.00 16.09  ? 16  SER A O   1 
ATOM   89   C  CB  . SER A 1 11  ? -15.624 0.390   -4.084  1.00 21.87  ? 16  SER A CB  1 
ATOM   90   O  OG  . SER A 1 11  ? -16.919 0.296   -4.651  1.00 33.55  ? 16  SER A OG  1 
ATOM   91   N  N   . ASP A 1 12  ? -15.625 -1.961  -6.311  1.00 15.33  ? 17  ASP A N   1 
ATOM   92   C  CA  . ASP A 1 12  ? -15.832 -3.351  -6.735  1.00 14.58  ? 17  ASP A CA  1 
ATOM   93   C  C   . ASP A 1 12  ? -14.543 -3.932  -7.268  1.00 12.54  ? 17  ASP A C   1 
ATOM   94   O  O   . ASP A 1 12  ? -14.205 -5.052  -6.909  1.00 10.86  ? 17  ASP A O   1 
ATOM   95   C  CB  . ASP A 1 12  ? -16.932 -3.459  -7.812  1.00 17.48  ? 17  ASP A CB  1 
ATOM   96   C  CG  . ASP A 1 12  ? -18.360 -3.293  -7.319  1.00 32.85  ? 17  ASP A CG  1 
ATOM   97   O  OD1 . ASP A 1 12  ? -18.550 -3.014  -6.106  1.00 34.74  ? 17  ASP A OD1 1 
ATOM   98   O  OD2 . ASP A 1 12  ? -19.290 -3.481  -8.133  1.00 36.50  ? 17  ASP A OD2 1 
ATOM   99   N  N   . VAL A 1 13  ? -13.811 -3.167  -8.108  1.00 10.28  ? 18  VAL A N   1 
ATOM   100  C  CA  . VAL A 1 13  ? -12.530 -3.586  -8.705  1.00 9.88   ? 18  VAL A CA  1 
ATOM   101  C  C   . VAL A 1 13  ? -11.537 -3.847  -7.577  1.00 13.08  ? 18  VAL A C   1 
ATOM   102  O  O   . VAL A 1 13  ? -10.904 -4.897  -7.545  1.00 11.77  ? 18  VAL A O   1 
ATOM   103  C  CB  . VAL A 1 13  ? -11.957 -2.542  -9.703  1.00 13.99  ? 18  VAL A CB  1 
ATOM   104  C  CG1 . VAL A 1 13  ? -10.568 -2.953  -10.198 1.00 13.90  ? 18  VAL A CG1 1 
ATOM   105  C  CG2 . VAL A 1 13  ? -12.896 -2.328  -10.884 1.00 13.40  ? 18  VAL A CG2 1 
ATOM   106  N  N   . LEU A 1 14  ? -11.410 -2.885  -6.641  1.00 12.91  ? 19  LEU A N   1 
ATOM   107  C  CA  . LEU A 1 14  ? -10.468 -3.013  -5.527  1.00 12.90  ? 19  LEU A CA  1 
ATOM   108  C  C   . LEU A 1 14  ? -10.788 -4.217  -4.664  1.00 15.05  ? 19  LEU A C   1 
ATOM   109  O  O   . LEU A 1 14  ? -9.879  -4.988  -4.336  1.00 13.94  ? 19  LEU A O   1 
ATOM   110  C  CB  . LEU A 1 14  ? -10.362 -1.721  -4.707  1.00 13.49  ? 19  LEU A CB  1 
ATOM   111  C  CG  . LEU A 1 14  ? -9.089  -1.529  -3.858  1.00 19.15  ? 19  LEU A CG  1 
ATOM   112  C  CD1 . LEU A 1 14  ? -7.852  -1.258  -4.725  1.00 21.08  ? 19  LEU A CD1 1 
ATOM   113  C  CD2 . LEU A 1 14  ? -9.248  -0.360  -2.900  1.00 19.63  ? 19  LEU A CD2 1 
ATOM   114  N  N   . LEU A 1 15  ? -12.075 -4.441  -4.392  1.00 13.41  ? 20  LEU A N   1 
ATOM   115  C  CA  . LEU A 1 15  ? -12.517 -5.623  -3.634  1.00 13.79  ? 20  LEU A CA  1 
ATOM   116  C  C   . LEU A 1 15  ? -12.032 -6.919  -4.321  1.00 14.44  ? 20  LEU A C   1 
ATOM   117  O  O   . LEU A 1 15  ? -11.520 -7.815  -3.660  1.00 13.25  ? 20  LEU A O   1 
ATOM   118  C  CB  . LEU A 1 15  ? -14.068 -5.611  -3.503  1.00 14.55  ? 20  LEU A CB  1 
ATOM   119  C  CG  . LEU A 1 15  ? -14.695 -6.626  -2.523  1.00 20.89  ? 20  LEU A CG  1 
ATOM   120  C  CD1 . LEU A 1 15  ? -14.621 -6.139  -1.100  1.00 22.79  ? 20  LEU A CD1 1 
ATOM   121  C  CD2 . LEU A 1 15  ? -16.158 -6.850  -2.846  1.00 23.49  ? 20  LEU A CD2 1 
ATOM   122  N  N   . ASN A 1 16  ? -12.160 -6.998  -5.645  1.00 10.64  ? 21  ASN A N   1 
ATOM   123  C  CA  . ASN A 1 16  ? -11.759 -8.190  -6.392  1.00 10.41  ? 21  ASN A CA  1 
ATOM   124  C  C   . ASN A 1 16  ? -10.244 -8.357  -6.480  1.00 14.31  ? 21  ASN A C   1 
ATOM   125  O  O   . ASN A 1 16  ? -9.757  -9.490  -6.465  1.00 12.76  ? 21  ASN A O   1 
ATOM   126  C  CB  . ASN A 1 16  ? -12.435 -8.204  -7.771  1.00 15.63  ? 21  ASN A CB  1 
ATOM   127  C  CG  . ASN A 1 16  ? -13.902 -8.571  -7.723  1.00 28.15  ? 21  ASN A CG  1 
ATOM   128  O  OD1 . ASN A 1 16  ? -14.428 -9.044  -6.705  1.00 25.60  ? 21  ASN A OD1 1 
ATOM   129  N  ND2 . ASN A 1 16  ? -14.602 -8.357  -8.829  1.00 19.10  ? 21  ASN A ND2 1 
ATOM   130  N  N   . LEU A 1 17  ? -9.486  -7.240  -6.438  1.00 11.92  ? 22  LEU A N   1 
ATOM   131  C  CA  . LEU A 1 17  ? -8.030  -7.298  -6.433  1.00 11.49  ? 22  LEU A CA  1 
ATOM   132  C  C   . LEU A 1 17  ? -7.563  -7.816  -5.085  1.00 14.93  ? 22  LEU A C   1 
ATOM   133  O  O   . LEU A 1 17  ? -6.565  -8.534  -5.011  1.00 13.81  ? 22  LEU A O   1 
ATOM   134  C  CB  . LEU A 1 17  ? -7.409  -5.914  -6.708  1.00 11.53  ? 22  LEU A CB  1 
ATOM   135  C  CG  . LEU A 1 17  ? -7.673  -5.319  -8.101  1.00 15.28  ? 22  LEU A CG  1 
ATOM   136  C  CD1 . LEU A 1 17  ? -7.232  -3.864  -8.148  1.00 16.48  ? 22  LEU A CD1 1 
ATOM   137  C  CD2 . LEU A 1 17  ? -6.975  -6.112  -9.157  1.00 17.73  ? 22  LEU A CD2 1 
ATOM   138  N  N   . ASN A 1 18  ? -8.269  -7.431  -4.022  1.00 12.88  ? 23  ASN A N   1 
ATOM   139  C  CA  . ASN A 1 18  ? -7.943  -7.911  -2.696  1.00 13.42  ? 23  ASN A CA  1 
ATOM   140  C  C   . ASN A 1 18  ? -8.218  -9.398  -2.547  1.00 17.23  ? 23  ASN A C   1 
ATOM   141  O  O   . ASN A 1 18  ? -7.421  -10.105 -1.928  1.00 18.91  ? 23  ASN A O   1 
ATOM   142  C  CB  . ASN A 1 18  ? -8.599  -7.090  -1.600  1.00 13.23  ? 23  ASN A CB  1 
ATOM   143  C  CG  . ASN A 1 18  ? -7.848  -7.237  -0.310  1.00 21.90  ? 23  ASN A CG  1 
ATOM   144  O  OD1 . ASN A 1 18  ? -6.657  -7.628  -0.276  1.00 11.68  ? 23  ASN A OD1 1 
ATOM   145  N  ND2 . ASN A 1 18  ? -8.536  -6.967  0.777   1.00 16.79  ? 23  ASN A ND2 1 
ATOM   146  N  N   . ARG A 1 19  ? -9.290  -9.874  -3.172  1.00 13.76  ? 24  ARG A N   1 
ATOM   147  C  CA  . ARG A 1 19  ? -9.659  -11.302 -3.245  1.00 13.57  ? 24  ARG A CA  1 
ATOM   148  C  C   . ARG A 1 19  ? -8.559  -12.057 -4.031  1.00 18.03  ? 24  ARG A C   1 
ATOM   149  O  O   . ARG A 1 19  ? -8.104  -13.123 -3.597  1.00 16.49  ? 24  ARG A O   1 
ATOM   150  C  CB  . ARG A 1 19  ? -11.013 -11.461 -3.940  1.00 13.00  ? 24  ARG A CB  1 
ATOM   151  C  CG  . ARG A 1 19  ? -12.214 -11.069 -3.066  1.00 25.77  ? 24  ARG A CG  1 
ATOM   152  C  CD  . ARG A 1 19  ? -13.503 -11.118 -3.891  1.00 30.52  ? 24  ARG A CD  1 
ATOM   153  N  NE  . ARG A 1 19  ? -14.713 -11.024 -3.074  1.00 43.25  ? 24  ARG A NE  1 
ATOM   154  C  CZ  . ARG A 1 19  ? -15.915 -10.681 -3.538  1.00 61.62  ? 24  ARG A CZ  1 
ATOM   155  N  NH1 . ARG A 1 19  ? -16.961 -10.636 -2.721  1.00 42.74  ? 24  ARG A NH1 1 
ATOM   156  N  NH2 . ARG A 1 19  ? -16.078 -10.368 -4.819  1.00 50.96  ? 24  ARG A NH2 1 
ATOM   157  N  N   . LEU A 1 20  ? -8.070  -11.461 -5.149  1.00 17.40  ? 25  LEU A N   1 
ATOM   158  C  CA  . LEU A 1 20  ? -6.973  -12.057 -5.933  1.00 17.37  ? 25  LEU A CA  1 
ATOM   159  C  C   . LEU A 1 20  ? -5.739  -12.212 -5.044  1.00 18.54  ? 25  LEU A C   1 
ATOM   160  O  O   . LEU A 1 20  ? -5.172  -13.299 -4.986  1.00 19.52  ? 25  LEU A O   1 
ATOM   161  C  CB  . LEU A 1 20  ? -6.644  -11.226 -7.201  1.00 17.17  ? 25  LEU A CB  1 
ATOM   162  C  CG  . LEU A 1 20  ? -7.709  -11.166 -8.308  1.00 21.16  ? 25  LEU A CG  1 
ATOM   163  C  CD1 . LEU A 1 20  ? -7.227  -10.311 -9.481  1.00 20.40  ? 25  LEU A CD1 1 
ATOM   164  C  CD2 . LEU A 1 20  ? -8.132  -12.572 -8.789  1.00 25.55  ? 25  LEU A CD2 1 
ATOM   165  N  N   . ARG A 1 21  ? -5.362  -11.143 -4.307  1.00 13.54  ? 26  ARG A N   1 
ATOM   166  C  CA  . ARG A 1 21  ? -4.247  -11.183 -3.357  1.00 13.42  ? 26  ARG A CA  1 
ATOM   167  C  C   . ARG A 1 21  ? -4.471  -12.261 -2.278  1.00 16.04  ? 26  ARG A C   1 
ATOM   168  O  O   . ARG A 1 21  ? -3.526  -12.986 -1.927  1.00 14.90  ? 26  ARG A O   1 
ATOM   169  C  CB  . ARG A 1 21  ? -4.011  -9.807  -2.705  1.00 10.80  ? 26  ARG A CB  1 
ATOM   170  C  CG  . ARG A 1 21  ? -2.861  -9.829  -1.687  1.00 15.70  ? 26  ARG A CG  1 
ATOM   171  C  CD  . ARG A 1 21  ? -2.520  -8.481  -1.126  1.00 24.12  ? 26  ARG A CD  1 
ATOM   172  N  NE  . ARG A 1 21  ? -3.592  -7.891  -0.314  1.00 25.65  ? 26  ARG A NE  1 
ATOM   173  C  CZ  . ARG A 1 21  ? -3.493  -7.631  0.988   1.00 26.57  ? 26  ARG A CZ  1 
ATOM   174  N  NH1 . ARG A 1 21  ? -2.401  -7.976  1.660   1.00 17.47  ? 26  ARG A NH1 1 
ATOM   175  N  NH2 . ARG A 1 21  ? -4.501  -7.056  1.636   1.00 17.70  ? 26  ARG A NH2 1 
ATOM   176  N  N   . SER A 1 22  ? -5.724  -12.369 -1.771  1.00 15.66  ? 27  SER A N   1 
ATOM   177  C  CA  A SER A 1 22  ? -6.095  -13.347 -0.739  0.50 16.47  ? 27  SER A CA  1 
ATOM   178  C  CA  B SER A 1 22  ? -6.053  -13.342 -0.725  0.50 16.73  ? 27  SER A CA  1 
ATOM   179  C  C   . SER A 1 22  ? -5.934  -14.770 -1.243  1.00 22.00  ? 27  SER A C   1 
ATOM   180  O  O   . SER A 1 22  ? -5.629  -15.670 -0.466  1.00 22.13  ? 27  SER A O   1 
ATOM   181  C  CB  A SER A 1 22  ? -7.530  -13.125 -0.274  0.50 18.52  ? 27  SER A CB  1 
ATOM   182  C  CB  B SER A 1 22  ? -7.434  -13.075 -0.132  0.50 19.60  ? 27  SER A CB  1 
ATOM   183  O  OG  A SER A 1 22  ? -7.577  -12.144 0.745   0.50 23.19  ? 27  SER A OG  1 
ATOM   184  O  OG  B SER A 1 22  ? -8.479  -13.564 -0.956  0.50 27.34  ? 27  SER A OG  1 
ATOM   185  N  N   . ARG A 1 23  ? -6.134  -14.967 -2.560  1.00 20.33  ? 28  ARG A N   1 
ATOM   186  C  CA  . ARG A 1 23  ? -6.042  -16.281 -3.211  1.00 20.55  ? 28  ARG A CA  1 
ATOM   187  C  C   . ARG A 1 23  ? -4.683  -16.526 -3.874  1.00 23.02  ? 28  ARG A C   1 
ATOM   188  O  O   . ARG A 1 23  ? -4.467  -17.604 -4.431  1.00 22.11  ? 28  ARG A O   1 
ATOM   189  C  CB  . ARG A 1 23  ? -7.191  -16.458 -4.209  1.00 22.13  ? 28  ARG A CB  1 
ATOM   190  C  CG  . ARG A 1 23  ? -8.483  -16.866 -3.536  1.00 30.00  ? 28  ARG A CG  1 
ATOM   191  C  CD  . ARG A 1 23  ? -9.593  -17.042 -4.530  1.00 47.10  ? 28  ARG A CD  1 
ATOM   192  N  NE  . ARG A 1 23  ? -9.539  -18.326 -5.225  1.00 59.62  ? 28  ARG A NE  1 
ATOM   193  C  CZ  . ARG A 1 23  ? -10.412 -18.703 -6.151  1.00 75.59  ? 28  ARG A CZ  1 
ATOM   194  N  NH1 . ARG A 1 23  ? -11.424 -17.909 -6.481  1.00 60.97  ? 28  ARG A NH1 1 
ATOM   195  N  NH2 . ARG A 1 23  ? -10.291 -19.882 -6.746  1.00 65.95  ? 28  ARG A NH2 1 
ATOM   196  N  N   . ASP A 1 24  ? -3.759  -15.534 -3.755  1.00 19.13  ? 29  ASP A N   1 
ATOM   197  C  CA  . ASP A 1 24  ? -2.388  -15.469 -4.302  1.00 19.21  ? 29  ASP A CA  1 
ATOM   198  C  C   . ASP A 1 24  ? -2.392  -15.584 -5.826  1.00 22.71  ? 29  ASP A C   1 
ATOM   199  O  O   . ASP A 1 24  ? -1.459  -16.142 -6.419  1.00 22.23  ? 29  ASP A O   1 
ATOM   200  C  CB  . ASP A 1 24  ? -1.445  -16.519 -3.649  1.00 20.52  ? 29  ASP A CB  1 
ATOM   201  C  CG  . ASP A 1 24  ? 0.033   -16.173 -3.751  1.00 26.89  ? 29  ASP A CG  1 
ATOM   202  O  OD1 . ASP A 1 24  ? 0.374   -14.980 -3.612  1.00 27.14  ? 29  ASP A OD1 1 
ATOM   203  O  OD2 . ASP A 1 24  ? 0.854   -17.105 -3.952  1.00 28.65  ? 29  ASP A OD2 1 
ATOM   204  N  N   . ILE A 1 25  ? -3.458  -15.042 -6.452  1.00 18.38  ? 30  ILE A N   1 
ATOM   205  C  CA  . ILE A 1 25  ? -3.660  -15.077 -7.893  1.00 17.85  ? 30  ILE A CA  1 
ATOM   206  C  C   . ILE A 1 25  ? -3.023  -13.848 -8.539  1.00 23.16  ? 30  ILE A C   1 
ATOM   207  O  O   . ILE A 1 25  ? -3.380  -12.706 -8.218  1.00 21.59  ? 30  ILE A O   1 
ATOM   208  C  CB  . ILE A 1 25  ? -5.130  -15.312 -8.313  1.00 19.98  ? 30  ILE A CB  1 
ATOM   209  C  CG1 . ILE A 1 25  ? -5.679  -16.655 -7.756  1.00 19.67  ? 30  ILE A CG1 1 
ATOM   210  C  CG2 . ILE A 1 25  ? -5.297  -15.249 -9.840  1.00 18.52  ? 30  ILE A CG2 1 
ATOM   211  C  CD1 . ILE A 1 25  ? -7.243  -16.857 -7.963  1.00 21.73  ? 30  ILE A CD1 1 
ATOM   212  N  N   . LEU A 1 26  ? -2.031  -14.122 -9.422  1.00 20.06  ? 31  LEU A N   1 
ATOM   213  C  CA  . LEU A 1 26  ? -1.244  -13.196 -10.238 1.00 20.13  ? 31  LEU A CA  1 
ATOM   214  C  C   . LEU A 1 26  ? -0.463  -12.169 -9.428  1.00 22.86  ? 31  LEU A C   1 
ATOM   215  O  O   . LEU A 1 26  ? -0.098  -11.120 -9.948  1.00 21.94  ? 31  LEU A O   1 
ATOM   216  C  CB  . LEU A 1 26  ? -2.103  -12.531 -11.339 1.00 20.57  ? 31  LEU A CB  1 
ATOM   217  C  CG  . LEU A 1 26  ? -2.646  -13.489 -12.407 1.00 24.81  ? 31  LEU A CG  1 
ATOM   218  C  CD1 . LEU A 1 26  ? -3.874  -12.909 -13.093 1.00 25.45  ? 31  LEU A CD1 1 
ATOM   219  C  CD2 . LEU A 1 26  ? -1.567  -13.920 -13.407 1.00 25.04  ? 31  LEU A CD2 1 
ATOM   220  N  N   . THR A 1 27  ? -0.113  -12.522 -8.175  1.00 19.74  ? 32  THR A N   1 
ATOM   221  C  CA  . THR A 1 27  ? 0.779   -11.746 -7.330  1.00 19.87  ? 32  THR A CA  1 
ATOM   222  C  C   . THR A 1 27  ? 2.158   -11.948 -7.968  1.00 23.58  ? 32  THR A C   1 
ATOM   223  O  O   . THR A 1 27  ? 2.420   -13.023 -8.528  1.00 23.18  ? 32  THR A O   1 
ATOM   224  C  CB  . THR A 1 27  ? 0.705   -12.221 -5.864  1.00 26.52  ? 32  THR A CB  1 
ATOM   225  O  OG1 . THR A 1 27  ? 1.028   -13.612 -5.809  1.00 20.67  ? 32  THR A OG1 1 
ATOM   226  C  CG2 . THR A 1 27  ? -0.680  -11.977 -5.247  1.00 20.84  ? 32  THR A CG2 1 
ATOM   227  N  N   . ASP A 1 28  ? 3.011   -10.918 -7.939  1.00 18.98  ? 33  ASP A N   1 
ATOM   228  C  CA  . ASP A 1 28  ? 4.274   -10.966 -8.667  1.00 18.09  ? 33  ASP A CA  1 
ATOM   229  C  C   . ASP A 1 28  ? 5.453   -10.342 -7.945  1.00 23.47  ? 33  ASP A C   1 
ATOM   230  O  O   . ASP A 1 28  ? 6.502   -10.128 -8.551  1.00 24.85  ? 33  ASP A O   1 
ATOM   231  C  CB  . ASP A 1 28  ? 4.054   -10.311 -10.061 1.00 19.42  ? 33  ASP A CB  1 
ATOM   232  C  CG  . ASP A 1 28  ? 3.568   -8.865  -10.019 1.00 25.49  ? 33  ASP A CG  1 
ATOM   233  O  OD1 . ASP A 1 28  ? 3.380   -8.319  -8.887  1.00 22.61  ? 33  ASP A OD1 1 
ATOM   234  O  OD2 . ASP A 1 28  ? 3.387   -8.268  -11.112 1.00 29.24  ? 33  ASP A OD2 1 
ATOM   235  N  N   . VAL A 1 29  ? 5.299   -10.069 -6.641  1.00 18.72  ? 34  VAL A N   1 
ATOM   236  C  CA  . VAL A 1 29  ? 6.323   -9.463  -5.800  1.00 16.86  ? 34  VAL A CA  1 
ATOM   237  C  C   . VAL A 1 29  ? 6.103   -9.853  -4.319  1.00 21.39  ? 34  VAL A C   1 
ATOM   238  O  O   . VAL A 1 29  ? 4.981   -10.140 -3.917  1.00 19.38  ? 34  VAL A O   1 
ATOM   239  C  CB  . VAL A 1 29  ? 6.402   -7.921  -6.016  1.00 19.07  ? 34  VAL A CB  1 
ATOM   240  C  CG1 . VAL A 1 29  ? 5.292   -7.158  -5.270  1.00 18.26  ? 34  VAL A CG1 1 
ATOM   241  C  CG2 . VAL A 1 29  ? 7.784   -7.365  -5.662  1.00 17.80  ? 34  VAL A CG2 1 
ATOM   242  N  N   . VAL A 1 30  ? 7.186   -9.878  -3.532  1.00 19.62  ? 35  VAL A N   1 
ATOM   243  C  CA  . VAL A 1 30  ? 7.159   -10.099 -2.098  1.00 18.99  ? 35  VAL A CA  1 
ATOM   244  C  C   . VAL A 1 30  ? 7.901   -8.942  -1.487  1.00 21.42  ? 35  VAL A C   1 
ATOM   245  O  O   . VAL A 1 30  ? 8.968   -8.555  -1.986  1.00 20.16  ? 35  VAL A O   1 
ATOM   246  C  CB  . VAL A 1 30  ? 7.638   -11.493 -1.594  1.00 23.76  ? 35  VAL A CB  1 
ATOM   247  C  CG1 . VAL A 1 30  ? 9.149   -11.646 -1.678  1.00 23.65  ? 35  VAL A CG1 1 
ATOM   248  C  CG2 . VAL A 1 30  ? 7.158   -11.742 -0.161  1.00 23.72  ? 35  VAL A CG2 1 
ATOM   249  N  N   . ILE A 1 31  ? 7.287   -8.333  -0.473  1.00 17.66  ? 36  ILE A N   1 
ATOM   250  C  CA  . ILE A 1 31  ? 7.863   -7.214  0.255   1.00 18.62  ? 36  ILE A CA  1 
ATOM   251  C  C   . ILE A 1 31  ? 8.314   -7.811  1.571   1.00 24.57  ? 36  ILE A C   1 
ATOM   252  O  O   . ILE A 1 31  ? 7.490   -8.308  2.349   1.00 22.96  ? 36  ILE A O   1 
ATOM   253  C  CB  . ILE A 1 31  ? 6.875   -6.032  0.487   1.00 20.88  ? 36  ILE A CB  1 
ATOM   254  C  CG1 . ILE A 1 31  ? 6.217   -5.517  -0.823  1.00 20.03  ? 36  ILE A CG1 1 
ATOM   255  C  CG2 . ILE A 1 31  ? 7.559   -4.894  1.264   1.00 20.86  ? 36  ILE A CG2 1 
ATOM   256  C  CD1 . ILE A 1 31  ? 7.127   -5.345  -2.079  1.00 15.92  ? 36  ILE A CD1 1 
ATOM   257  N  N   . VAL A 1 32  ? 9.617   -7.788  1.796   1.00 22.53  ? 37  VAL A N   1 
ATOM   258  C  CA  . VAL A 1 32  ? 10.202  -8.322  3.014   1.00 22.76  ? 37  VAL A CA  1 
ATOM   259  C  C   . VAL A 1 32  ? 10.378  -7.180  3.977   1.00 26.62  ? 37  VAL A C   1 
ATOM   260  O  O   . VAL A 1 32  ? 11.044  -6.196  3.649   1.00 27.28  ? 37  VAL A O   1 
ATOM   261  C  CB  . VAL A 1 32  ? 11.523  -9.092  2.742   1.00 26.45  ? 37  VAL A CB  1 
ATOM   262  C  CG1 . VAL A 1 32  ? 12.114  -9.641  4.043   1.00 26.22  ? 37  VAL A CG1 1 
ATOM   263  C  CG2 . VAL A 1 32  ? 11.304  -10.211 1.726   1.00 25.77  ? 37  VAL A CG2 1 
ATOM   264  N  N   . VAL A 1 33  ? 9.715   -7.285  5.143   1.00 24.74  ? 38  VAL A N   1 
ATOM   265  C  CA  . VAL A 1 33  ? 9.754   -6.316  6.238   1.00 25.85  ? 38  VAL A CA  1 
ATOM   266  C  C   . VAL A 1 33  ? 10.278  -7.090  7.466   1.00 33.33  ? 38  VAL A C   1 
ATOM   267  O  O   . VAL A 1 33  ? 9.497   -7.727  8.178   1.00 33.60  ? 38  VAL A O   1 
ATOM   268  C  CB  . VAL A 1 33  ? 8.386   -5.619  6.514   1.00 28.47  ? 38  VAL A CB  1 
ATOM   269  C  CG1 . VAL A 1 33  ? 8.549   -4.466  7.497   1.00 27.91  ? 38  VAL A CG1 1 
ATOM   270  C  CG2 . VAL A 1 33  ? 7.736   -5.125  5.234   1.00 28.32  ? 38  VAL A CG2 1 
ATOM   271  N  N   . SER A 1 34  ? 11.609  -7.054  7.676   1.00 31.50  ? 39  SER A N   1 
ATOM   272  C  CA  . SER A 1 34  ? 12.320  -7.748  8.754   1.00 31.62  ? 39  SER A CA  1 
ATOM   273  C  C   . SER A 1 34  ? 12.017  -9.261  8.710   1.00 32.80  ? 39  SER A C   1 
ATOM   274  O  O   . SER A 1 34  ? 12.383  -9.887  7.725   1.00 30.93  ? 39  SER A O   1 
ATOM   275  C  CB  . SER A 1 34  ? 12.065  -7.091  10.114  1.00 37.46  ? 39  SER A CB  1 
ATOM   276  O  OG  . SER A 1 34  ? 12.640  -5.793  10.184  1.00 46.72  ? 39  SER A OG  1 
ATOM   277  N  N   . ARG A 1 35  ? 11.303  -9.842  9.698   1.00 29.79  ? 40  ARG A N   1 
ATOM   278  C  CA  . ARG A 1 35  ? 11.016  -11.283 9.654   1.00 29.48  ? 40  ARG A CA  1 
ATOM   279  C  C   . ARG A 1 35  ? 9.692   -11.627 8.935   1.00 34.73  ? 40  ARG A C   1 
ATOM   280  O  O   . ARG A 1 35  ? 9.335   -12.807 8.822   1.00 35.29  ? 40  ARG A O   1 
ATOM   281  C  CB  . ARG A 1 35  ? 11.057  -11.892 11.065  1.00 31.65  ? 40  ARG A CB  1 
ATOM   282  C  CG  . ARG A 1 35  ? 12.423  -11.828 11.747  1.00 39.26  ? 40  ARG A CG  1 
ATOM   283  C  CD  . ARG A 1 35  ? 12.533  -12.841 12.872  1.00 54.90  ? 40  ARG A CD  1 
ATOM   284  N  NE  . ARG A 1 35  ? 11.666  -12.525 14.009  1.00 66.21  ? 40  ARG A NE  1 
ATOM   285  C  CZ  . ARG A 1 35  ? 10.999  -13.429 14.724  1.00 79.05  ? 40  ARG A CZ  1 
ATOM   286  N  NH1 . ARG A 1 35  ? 11.086  -14.720 14.425  1.00 57.88  ? 40  ARG A NH1 1 
ATOM   287  N  NH2 . ARG A 1 35  ? 10.237  -13.046 15.740  1.00 70.14  ? 40  ARG A NH2 1 
ATOM   288  N  N   . GLU A 1 36  ? 8.974   -10.599 8.445   1.00 30.56  ? 41  GLU A N   1 
ATOM   289  C  CA  . GLU A 1 36  ? 7.680   -10.763 7.786   1.00 29.47  ? 41  GLU A CA  1 
ATOM   290  C  C   . GLU A 1 36  ? 7.747   -10.538 6.281   1.00 30.84  ? 41  GLU A C   1 
ATOM   291  O  O   . GLU A 1 36  ? 8.472   -9.652  5.818   1.00 29.75  ? 41  GLU A O   1 
ATOM   292  C  CB  . GLU A 1 36  ? 6.646   -9.829  8.417   1.00 30.77  ? 41  GLU A CB  1 
ATOM   293  C  CG  . GLU A 1 36  ? 6.275   -10.219 9.836   1.00 40.82  ? 41  GLU A CG  1 
ATOM   294  C  CD  . GLU A 1 36  ? 4.785   -10.207 10.083  1.00 54.69  ? 41  GLU A CD  1 
ATOM   295  O  OE1 . GLU A 1 36  ? 4.100   -11.149 9.622   1.00 41.14  ? 41  GLU A OE1 1 
ATOM   296  O  OE2 . GLU A 1 36  ? 4.291   -9.226  10.684  1.00 52.42  ? 41  GLU A OE2 1 
ATOM   297  N  N   . GLN A 1 37  ? 6.997   -11.353 5.527   1.00 25.63  ? 42  GLN A N   1 
ATOM   298  C  CA  . GLN A 1 37  ? 6.903   -11.289 4.063   1.00 25.26  ? 42  GLN A CA  1 
ATOM   299  C  C   . GLN A 1 37  ? 5.459   -11.063 3.660   1.00 27.97  ? 42  GLN A C   1 
ATOM   300  O  O   . GLN A 1 37  ? 4.554   -11.689 4.223   1.00 26.82  ? 42  GLN A O   1 
ATOM   301  C  CB  . GLN A 1 37  ? 7.414   -12.586 3.412   1.00 27.02  ? 42  GLN A CB  1 
ATOM   302  C  CG  . GLN A 1 37  ? 8.928   -12.712 3.425   1.00 45.90  ? 42  GLN A CG  1 
ATOM   303  C  CD  . GLN A 1 37  ? 9.393   -14.058 2.938   1.00 58.05  ? 42  GLN A CD  1 
ATOM   304  O  OE1 . GLN A 1 37  ? 9.086   -14.497 1.816   1.00 45.07  ? 42  GLN A OE1 1 
ATOM   305  N  NE2 . GLN A 1 37  ? 10.168  -14.737 3.774   1.00 53.37  ? 42  GLN A NE2 1 
ATOM   306  N  N   . PHE A 1 38  ? 5.245   -10.189 2.668   1.00 23.44  ? 43  PHE A N   1 
ATOM   307  C  CA  . PHE A 1 38  ? 3.916   -9.851  2.173   1.00 22.16  ? 43  PHE A CA  1 
ATOM   308  C  C   . PHE A 1 38  ? 3.879   -9.884  0.633   1.00 24.10  ? 43  PHE A C   1 
ATOM   309  O  O   . PHE A 1 38  ? 4.574   -9.103  -0.013  1.00 22.32  ? 43  PHE A O   1 
ATOM   310  C  CB  . PHE A 1 38  ? 3.497   -8.464  2.692   1.00 23.80  ? 43  PHE A CB  1 
ATOM   311  C  CG  . PHE A 1 38  ? 3.604   -8.248  4.183   1.00 25.87  ? 43  PHE A CG  1 
ATOM   312  C  CD1 . PHE A 1 38  ? 4.776   -7.751  4.749   1.00 29.89  ? 43  PHE A CD1 1 
ATOM   313  C  CD2 . PHE A 1 38  ? 2.531   -8.521  5.022   1.00 29.05  ? 43  PHE A CD2 1 
ATOM   314  C  CE1 . PHE A 1 38  ? 4.871   -7.535  6.129   1.00 30.57  ? 43  PHE A CE1 1 
ATOM   315  C  CE2 . PHE A 1 38  ? 2.639   -8.330  6.406   1.00 31.59  ? 43  PHE A CE2 1 
ATOM   316  C  CZ  . PHE A 1 38  ? 3.804   -7.826  6.945   1.00 29.99  ? 43  PHE A CZ  1 
ATOM   317  N  N   . ARG A 1 39  ? 3.059   -10.781 0.060   1.00 20.54  ? 44  ARG A N   1 
ATOM   318  C  CA  . ARG A 1 39  ? 2.863   -10.920 -1.386  1.00 19.92  ? 44  ARG A CA  1 
ATOM   319  C  C   . ARG A 1 39  ? 1.823   -9.904  -1.873  1.00 22.95  ? 44  ARG A C   1 
ATOM   320  O  O   . ARG A 1 39  ? 0.866   -9.576  -1.156  1.00 23.09  ? 44  ARG A O   1 
ATOM   321  C  CB  . ARG A 1 39  ? 2.440   -12.338 -1.763  1.00 17.16  ? 44  ARG A CB  1 
ATOM   322  C  CG  . ARG A 1 39  ? 3.476   -13.383 -1.341  1.00 26.11  ? 44  ARG A CG  1 
ATOM   323  C  CD  . ARG A 1 39  ? 3.493   -14.607 -2.225  1.00 20.14  ? 44  ARG A CD  1 
ATOM   324  N  NE  . ARG A 1 39  ? 3.431   -14.269 -3.647  1.00 24.38  ? 44  ARG A NE  1 
ATOM   325  C  CZ  . ARG A 1 39  ? 4.475   -13.929 -4.391  1.00 37.24  ? 44  ARG A CZ  1 
ATOM   326  N  NH1 . ARG A 1 39  ? 5.695   -13.904 -3.867  1.00 21.14  ? 44  ARG A NH1 1 
ATOM   327  N  NH2 . ARG A 1 39  ? 4.312   -13.621 -5.671  1.00 26.08  ? 44  ARG A NH2 1 
ATOM   328  N  N   . ALA A 1 40  ? 2.012   -9.406  -3.086  1.00 16.07  ? 45  ALA A N   1 
ATOM   329  C  CA  . ALA A 1 40  ? 1.129   -8.375  -3.626  1.00 14.46  ? 45  ALA A CA  1 
ATOM   330  C  C   . ALA A 1 40  ? 1.265   -8.285  -5.116  1.00 19.39  ? 45  ALA A C   1 
ATOM   331  O  O   . ALA A 1 40  ? 2.032   -9.040  -5.713  1.00 21.02  ? 45  ALA A O   1 
ATOM   332  C  CB  . ALA A 1 40  ? 1.467   -7.026  -2.995  1.00 14.93  ? 45  ALA A CB  1 
ATOM   333  N  N   . HIS A 1 41  ? 0.514   -7.342  -5.717  1.00 14.44  ? 46  HIS A N   1 
ATOM   334  C  CA  . HIS A 1 41  ? 0.518   -6.999  -7.141  1.00 13.26  ? 46  HIS A CA  1 
ATOM   335  C  C   . HIS A 1 41  ? 1.286   -5.681  -7.268  1.00 16.24  ? 46  HIS A C   1 
ATOM   336  O  O   . HIS A 1 41  ? 0.971   -4.680  -6.595  1.00 13.74  ? 46  HIS A O   1 
ATOM   337  C  CB  . HIS A 1 41  ? -0.926  -6.829  -7.629  1.00 13.88  ? 46  HIS A CB  1 
ATOM   338  C  CG  . HIS A 1 41  ? -1.751  -8.074  -7.477  1.00 16.72  ? 46  HIS A CG  1 
ATOM   339  N  ND1 . HIS A 1 41  ? -2.589  -8.256  -6.399  1.00 18.36  ? 46  HIS A ND1 1 
ATOM   340  C  CD2 . HIS A 1 41  ? -1.770  -9.194  -8.237  1.00 17.43  ? 46  HIS A CD2 1 
ATOM   341  C  CE1 . HIS A 1 41  ? -3.136  -9.450  -6.567  1.00 17.59  ? 46  HIS A CE1 1 
ATOM   342  N  NE2 . HIS A 1 41  ? -2.686  -10.042 -7.671  1.00 17.42  ? 46  HIS A NE2 1 
ATOM   343  N  N   . LYS A 1 42  ? 2.325   -5.695  -8.092  1.00 13.89  ? 47  LYS A N   1 
ATOM   344  C  CA  . LYS A 1 42  ? 3.155   -4.526  -8.341  1.00 13.61  ? 47  LYS A CA  1 
ATOM   345  C  C   . LYS A 1 42  ? 2.297   -3.388  -8.859  1.00 16.27  ? 47  LYS A C   1 
ATOM   346  O  O   . LYS A 1 42  ? 2.522   -2.260  -8.452  1.00 16.88  ? 47  LYS A O   1 
ATOM   347  C  CB  . LYS A 1 42  ? 4.239   -4.866  -9.371  1.00 17.78  ? 47  LYS A CB  1 
ATOM   348  C  CG  . LYS A 1 42  ? 5.417   -5.663  -8.775  1.00 19.54  ? 47  LYS A CG  1 
ATOM   349  C  CD  . LYS A 1 42  ? 6.517   -5.818  -9.803  1.00 30.01  ? 47  LYS A CD  1 
ATOM   350  C  CE  . LYS A 1 42  ? 6.826   -7.234  -10.166 1.00 30.32  ? 47  LYS A CE  1 
ATOM   351  N  NZ  . LYS A 1 42  ? 8.112   -7.317  -10.899 1.00 30.44  ? 47  LYS A NZ  1 
ATOM   352  N  N   . THR A 1 43  ? 1.310   -3.680  -9.731  1.00 14.70  ? 48  THR A N   1 
ATOM   353  C  CA  . THR A 1 43  ? 0.416   -2.644  -10.307 1.00 14.14  ? 48  THR A CA  1 
ATOM   354  C  C   . THR A 1 43  ? -0.285  -1.923  -9.169  1.00 16.02  ? 48  THR A C   1 
ATOM   355  O  O   . THR A 1 43  ? -0.303  -0.691  -9.177  1.00 14.69  ? 48  THR A O   1 
ATOM   356  C  CB  . THR A 1 43  ? -0.570  -3.216  -11.317 1.00 21.43  ? 48  THR A CB  1 
ATOM   357  O  OG1 . THR A 1 43  ? -1.257  -4.316  -10.719 1.00 22.48  ? 48  THR A OG1 1 
ATOM   358  C  CG2 . THR A 1 43  ? 0.094   -3.626  -12.657 1.00 15.87  ? 48  THR A CG2 1 
ATOM   359  N  N   . VAL A 1 44  ? -0.767  -2.692  -8.135  1.00 12.38  ? 49  VAL A N   1 
ATOM   360  C  CA  . VAL A 1 44  ? -1.420  -2.107  -6.948  1.00 11.43  ? 49  VAL A CA  1 
ATOM   361  C  C   . VAL A 1 44  ? -0.452  -1.252  -6.122  1.00 16.02  ? 49  VAL A C   1 
ATOM   362  O  O   . VAL A 1 44  ? -0.811  -0.129  -5.738  1.00 16.52  ? 49  VAL A O   1 
ATOM   363  C  CB  . VAL A 1 44  ? -2.182  -3.115  -6.066  1.00 14.34  ? 49  VAL A CB  1 
ATOM   364  C  CG1 . VAL A 1 44  ? -2.756  -2.420  -4.833  1.00 13.20  ? 49  VAL A CG1 1 
ATOM   365  C  CG2 . VAL A 1 44  ? -3.291  -3.820  -6.852  1.00 14.57  ? 49  VAL A CG2 1 
ATOM   366  N  N   . LEU A 1 45  ? 0.748   -1.788  -5.798  1.00 12.48  ? 50  LEU A N   1 
ATOM   367  C  CA  . LEU A 1 45  ? 1.748   -1.049  -5.024  1.00 13.05  ? 50  LEU A CA  1 
ATOM   368  C  C   . LEU A 1 45  ? 2.154   0.273   -5.679  1.00 16.73  ? 50  LEU A C   1 
ATOM   369  O  O   . LEU A 1 45  ? 2.347   1.277   -4.976  1.00 17.55  ? 50  LEU A O   1 
ATOM   370  C  CB  . LEU A 1 45  ? 3.005   -1.896  -4.751  1.00 14.08  ? 50  LEU A CB  1 
ATOM   371  C  CG  . LEU A 1 45  ? 2.886   -3.218  -4.013  1.00 18.90  ? 50  LEU A CG  1 
ATOM   372  C  CD1 . LEU A 1 45  ? 4.257   -3.903  -3.984  1.00 19.53  ? 50  LEU A CD1 1 
ATOM   373  C  CD2 . LEU A 1 45  ? 2.448   -3.013  -2.563  1.00 19.97  ? 50  LEU A CD2 1 
ATOM   374  N  N   . MET A 1 46  ? 2.344   0.262   -7.019  1.00 13.13  ? 51  MET A N   1 
ATOM   375  C  CA  . MET A 1 46  ? 2.702   1.447   -7.805  1.00 12.99  ? 51  MET A CA  1 
ATOM   376  C  C   . MET A 1 46  ? 1.558   2.477   -7.793  1.00 15.68  ? 51  MET A C   1 
ATOM   377  O  O   . MET A 1 46  ? 1.815   3.676   -7.768  1.00 15.72  ? 51  MET A O   1 
ATOM   378  C  CB  . MET A 1 46  ? 2.943   1.060   -9.266  1.00 15.18  ? 51  MET A CB  1 
ATOM   379  C  CG  . MET A 1 46  ? 4.286   0.436   -9.542  1.00 19.29  ? 51  MET A CG  1 
ATOM   380  S  SD  . MET A 1 46  ? 4.386   0.027   -11.310 1.00 23.32  ? 51  MET A SD  1 
ATOM   381  C  CE  . MET A 1 46  ? 5.117   1.429   -11.850 1.00 20.59  ? 51  MET A CE  1 
ATOM   382  N  N   . ALA A 1 47  ? 0.306   1.998   -7.796  1.00 12.88  ? 52  ALA A N   1 
ATOM   383  C  CA  . ALA A 1 47  ? -0.890  2.835   -7.813  1.00 13.84  ? 52  ALA A CA  1 
ATOM   384  C  C   . ALA A 1 47  ? -1.121  3.533   -6.472  1.00 17.93  ? 52  ALA A C   1 
ATOM   385  O  O   . ALA A 1 47  ? -1.851  4.529   -6.418  1.00 17.69  ? 52  ALA A O   1 
ATOM   386  C  CB  . ALA A 1 47  ? -2.107  1.981   -8.167  1.00 14.52  ? 52  ALA A CB  1 
ATOM   387  N  N   . CYS A 1 48  ? -0.511  3.020   -5.397  1.00 13.17  ? 53  CYS A N   1 
ATOM   388  C  CA  . CYS A 1 48  ? -0.712  3.544   -4.039  1.00 12.01  ? 53  CYS A CA  1 
ATOM   389  C  C   . CYS A 1 48  ? 0.520   4.173   -3.357  1.00 17.20  ? 53  CYS A C   1 
ATOM   390  O  O   . CYS A 1 48  ? 0.368   4.881   -2.362  1.00 16.33  ? 53  CYS A O   1 
ATOM   391  C  CB  . CYS A 1 48  ? -1.278  2.436   -3.159  1.00 11.44  ? 53  CYS A CB  1 
ATOM   392  S  SG  . CYS A 1 48  ? -2.818  1.707   -3.766  1.00 14.27  ? 53  CYS A SG  1 
ATOM   393  N  N   . SER A 1 49  ? 1.729   3.870   -3.832  1.00 15.34  ? 54  SER A N   1 
ATOM   394  C  CA  . SER A 1 49  ? 2.946   4.299   -3.137  1.00 13.92  ? 54  SER A CA  1 
ATOM   395  C  C   . SER A 1 49  ? 3.967   4.945   -4.049  1.00 16.62  ? 54  SER A C   1 
ATOM   396  O  O   . SER A 1 49  ? 4.367   4.331   -5.035  1.00 13.20  ? 54  SER A O   1 
ATOM   397  C  CB  . SER A 1 49  ? 3.543   3.089   -2.414  1.00 14.01  ? 54  SER A CB  1 
ATOM   398  O  OG  . SER A 1 49  ? 4.914   3.189   -2.064  1.00 16.29  ? 54  SER A OG  1 
ATOM   399  N  N   . GLY A 1 50  ? 4.407   6.161   -3.684  1.00 14.93  ? 55  GLY A N   1 
ATOM   400  C  CA  . GLY A 1 50  ? 5.439   6.872   -4.447  1.00 15.34  ? 55  GLY A CA  1 
ATOM   401  C  C   . GLY A 1 50  ? 6.732   6.087   -4.473  1.00 19.47  ? 55  GLY A C   1 
ATOM   402  O  O   . GLY A 1 50  ? 7.455   6.100   -5.480  1.00 18.68  ? 55  GLY A O   1 
ATOM   403  N  N   . LEU A 1 51  ? 7.024   5.384   -3.343  1.00 18.43  ? 56  LEU A N   1 
ATOM   404  C  CA  . LEU A 1 51  ? 8.225   4.555   -3.183  1.00 19.21  ? 56  LEU A CA  1 
ATOM   405  C  C   . LEU A 1 51  ? 8.191   3.407   -4.160  1.00 21.62  ? 56  LEU A C   1 
ATOM   406  O  O   . LEU A 1 51  ? 9.091   3.306   -4.981  1.00 23.10  ? 56  LEU A O   1 
ATOM   407  C  CB  . LEU A 1 51  ? 8.421   4.073   -1.724  1.00 19.59  ? 56  LEU A CB  1 
ATOM   408  C  CG  . LEU A 1 51  ? 9.763   3.378   -1.408  1.00 25.38  ? 56  LEU A CG  1 
ATOM   409  C  CD1 . LEU A 1 51  ? 10.871  4.385   -1.140  1.00 24.86  ? 56  LEU A CD1 1 
ATOM   410  C  CD2 . LEU A 1 51  ? 9.630   2.409   -0.244  1.00 28.11  ? 56  LEU A CD2 1 
ATOM   411  N  N   . PHE A 1 52  ? 7.118   2.599   -4.145  1.00 16.23  ? 57  PHE A N   1 
ATOM   412  C  CA  . PHE A 1 52  ? 6.967   1.496   -5.088  1.00 15.44  ? 57  PHE A CA  1 
ATOM   413  C  C   . PHE A 1 52  ? 6.808   1.967   -6.531  1.00 18.11  ? 57  PHE A C   1 
ATOM   414  O  O   . PHE A 1 52  ? 7.280   1.290   -7.442  1.00 16.16  ? 57  PHE A O   1 
ATOM   415  C  CB  . PHE A 1 52  ? 5.838   0.540   -4.676  1.00 17.04  ? 57  PHE A CB  1 
ATOM   416  C  CG  . PHE A 1 52  ? 6.055   -0.204  -3.375  1.00 18.51  ? 57  PHE A CG  1 
ATOM   417  C  CD1 . PHE A 1 52  ? 7.169   -1.021  -3.197  1.00 21.54  ? 57  PHE A CD1 1 
ATOM   418  C  CD2 . PHE A 1 52  ? 5.106   -0.152  -2.359  1.00 18.94  ? 57  PHE A CD2 1 
ATOM   419  C  CE1 . PHE A 1 52  ? 7.358   -1.722  -2.002  1.00 22.16  ? 57  PHE A CE1 1 
ATOM   420  C  CE2 . PHE A 1 52  ? 5.296   -0.856  -1.163  1.00 21.67  ? 57  PHE A CE2 1 
ATOM   421  C  CZ  . PHE A 1 52  ? 6.414   -1.639  -0.993  1.00 20.65  ? 57  PHE A CZ  1 
ATOM   422  N  N   . TYR A 1 53  ? 6.178   3.137   -6.753  1.00 17.38  ? 58  TYR A N   1 
ATOM   423  C  CA  . TYR A 1 53  ? 6.041   3.664   -8.125  1.00 18.49  ? 58  TYR A CA  1 
ATOM   424  C  C   . TYR A 1 53  ? 7.424   3.974   -8.685  1.00 20.37  ? 58  TYR A C   1 
ATOM   425  O  O   . TYR A 1 53  ? 7.699   3.563   -9.801  1.00 17.45  ? 58  TYR A O   1 
ATOM   426  C  CB  . TYR A 1 53  ? 5.187   4.939   -8.160  1.00 21.20  ? 58  TYR A CB  1 
ATOM   427  C  CG  . TYR A 1 53  ? 5.143   5.621   -9.514  1.00 24.84  ? 58  TYR A CG  1 
ATOM   428  C  CD1 . TYR A 1 53  ? 4.249   5.208   -10.497 1.00 26.87  ? 58  TYR A CD1 1 
ATOM   429  C  CD2 . TYR A 1 53  ? 6.002   6.677   -9.814  1.00 26.04  ? 58  TYR A CD2 1 
ATOM   430  C  CE1 . TYR A 1 53  ? 4.188   5.850   -11.733 1.00 29.73  ? 58  TYR A CE1 1 
ATOM   431  C  CE2 . TYR A 1 53  ? 5.938   7.335   -11.042 1.00 27.72  ? 58  TYR A CE2 1 
ATOM   432  C  CZ  . TYR A 1 53  ? 5.023   6.925   -11.994 1.00 36.91  ? 58  TYR A CZ  1 
ATOM   433  O  OH  . TYR A 1 53  ? 4.992   7.549   -13.221 1.00 43.81  ? 58  TYR A OH  1 
ATOM   434  N  N   . SER A 1 54  ? 8.278   4.677   -7.900  1.00 18.41  ? 59  SER A N   1 
ATOM   435  C  CA  A SER A 1 54  ? 9.638   5.066   -8.310  0.32 18.80  ? 59  SER A CA  1 
ATOM   436  C  CA  B SER A 1 54  ? 9.623   5.060   -8.343  0.68 18.68  ? 59  SER A CA  1 
ATOM   437  C  C   . SER A 1 54  ? 10.517  3.857   -8.624  1.00 24.02  ? 59  SER A C   1 
ATOM   438  O  O   . SER A 1 54  ? 11.305  3.896   -9.584  1.00 22.64  ? 59  SER A O   1 
ATOM   439  C  CB  A SER A 1 54  ? 10.296  5.966   -7.267  0.32 21.42  ? 59  SER A CB  1 
ATOM   440  C  CB  B SER A 1 54  ? 10.257  6.036   -7.366  0.68 19.65  ? 59  SER A CB  1 
ATOM   441  O  OG  A SER A 1 54  ? 10.625  5.274   -6.073  0.32 28.82  ? 59  SER A OG  1 
ATOM   442  O  OG  B SER A 1 54  ? 9.625   7.299   -7.516  0.68 23.96  ? 59  SER A OG  1 
ATOM   443  N  N   . ILE A 1 55  ? 10.350  2.767   -7.844  1.00 22.01  ? 60  ILE A N   1 
ATOM   444  C  CA  . ILE A 1 55  ? 11.077  1.519   -8.036  1.00 22.27  ? 60  ILE A CA  1 
ATOM   445  C  C   . ILE A 1 55  ? 10.669  0.823   -9.348  1.00 27.98  ? 60  ILE A C   1 
ATOM   446  O  O   . ILE A 1 55  ? 11.528  0.686   -10.208 1.00 29.33  ? 60  ILE A O   1 
ATOM   447  C  CB  . ILE A 1 55  ? 11.023  0.548   -6.803  1.00 25.29  ? 60  ILE A CB  1 
ATOM   448  C  CG1 . ILE A 1 55  ? 11.654  1.177   -5.545  1.00 25.87  ? 60  ILE A CG1 1 
ATOM   449  C  CG2 . ILE A 1 55  ? 11.691  -0.808  -7.113  1.00 25.37  ? 60  ILE A CG2 1 
ATOM   450  C  CD1 . ILE A 1 55  ? 11.196  0.513   -4.165  1.00 29.02  ? 60  ILE A CD1 1 
ATOM   451  N  N   . PHE A 1 56  ? 9.392   0.367   -9.507  1.00 23.98  ? 61  PHE A N   1 
ATOM   452  C  CA  . PHE A 1 56  ? 8.978   -0.435  -10.656 1.00 23.21  ? 61  PHE A CA  1 
ATOM   453  C  C   . PHE A 1 56  ? 8.814   0.335   -11.990 1.00 26.58  ? 61  PHE A C   1 
ATOM   454  O  O   . PHE A 1 56  ? 8.852   -0.341  -13.019 1.00 26.12  ? 61  PHE A O   1 
ATOM   455  C  CB  . PHE A 1 56  ? 7.733   -1.284  -10.350 1.00 25.12  ? 61  PHE A CB  1 
ATOM   456  C  CG  . PHE A 1 56  ? 7.852   -2.119  -9.088  1.00 26.55  ? 61  PHE A CG  1 
ATOM   457  C  CD1 . PHE A 1 56  ? 8.741   -3.185  -9.019  1.00 29.53  ? 61  PHE A CD1 1 
ATOM   458  C  CD2 . PHE A 1 56  ? 7.068   -1.842  -7.975  1.00 28.84  ? 61  PHE A CD2 1 
ATOM   459  C  CE1 . PHE A 1 56  ? 8.853   -3.951  -7.853  1.00 31.26  ? 61  PHE A CE1 1 
ATOM   460  C  CE2 . PHE A 1 56  ? 7.165   -2.619  -6.815  1.00 31.65  ? 61  PHE A CE2 1 
ATOM   461  C  CZ  . PHE A 1 56  ? 8.054   -3.671  -6.762  1.00 29.87  ? 61  PHE A CZ  1 
ATOM   462  N  N   . THR A 1 57  ? 8.688   1.695   -12.012 1.00 24.69  ? 62  THR A N   1 
ATOM   463  C  CA  A THR A 1 57  ? 8.590   2.404   -13.295 0.26 24.99  ? 62  THR A CA  1 
ATOM   464  C  CA  B THR A 1 57  ? 8.615   2.435   -13.290 0.74 25.42  ? 62  THR A CA  1 
ATOM   465  C  C   . THR A 1 57  ? 9.950   2.363   -14.019 1.00 29.93  ? 62  THR A C   1 
ATOM   466  O  O   . THR A 1 57  ? 9.988   2.432   -15.246 1.00 30.40  ? 62  THR A O   1 
ATOM   467  C  CB  A THR A 1 57  ? 7.968   3.813   -13.161 0.26 31.30  ? 62  THR A CB  1 
ATOM   468  C  CB  B THR A 1 57  ? 8.249   3.916   -13.127 0.74 33.17  ? 62  THR A CB  1 
ATOM   469  O  OG1 A THR A 1 57  ? 7.484   4.224   -14.441 0.26 29.23  ? 62  THR A OG1 1 
ATOM   470  O  OG1 B THR A 1 57  ? 8.932   4.488   -12.016 0.74 36.87  ? 62  THR A OG1 1 
ATOM   471  C  CG2 A THR A 1 57  ? 8.935   4.859   -12.598 0.26 29.59  ? 62  THR A CG2 1 
ATOM   472  C  CG2 B THR A 1 57  ? 6.776   4.142   -13.039 0.74 29.83  ? 62  THR A CG2 1 
ATOM   473  N  N   . ASP A 1 58  ? 11.049  2.241   -13.251 1.00 27.26  ? 63  ASP A N   1 
ATOM   474  C  CA  . ASP A 1 58  ? 12.408  2.149   -13.780 1.00 27.09  ? 63  ASP A CA  1 
ATOM   475  C  C   . ASP A 1 58  ? 12.537  0.766   -14.433 1.00 29.74  ? 63  ASP A C   1 
ATOM   476  O  O   . ASP A 1 58  ? 12.431  -0.248  -13.741 1.00 28.33  ? 63  ASP A O   1 
ATOM   477  C  CB  . ASP A 1 58  ? 13.416  2.308   -12.631 1.00 29.17  ? 63  ASP A CB  1 
ATOM   478  C  CG  . ASP A 1 58  ? 14.875  2.420   -13.056 1.00 38.06  ? 63  ASP A CG  1 
ATOM   479  O  OD1 . ASP A 1 58  ? 15.132  2.791   -14.230 1.00 39.38  ? 63  ASP A OD1 1 
ATOM   480  O  OD2 . ASP A 1 58  ? 15.752  2.162   -12.217 1.00 40.56  ? 63  ASP A OD2 1 
ATOM   481  N  N   . GLN A 1 59  ? 12.709  0.726   -15.770 1.00 25.84  ? 64  GLN A N   1 
ATOM   482  C  CA  . GLN A 1 59  ? 12.802  -0.529  -16.536 1.00 25.76  ? 64  GLN A CA  1 
ATOM   483  C  C   . GLN A 1 59  ? 13.882  -1.498  -16.021 1.00 28.41  ? 64  GLN A C   1 
ATOM   484  O  O   . GLN A 1 59  ? 13.785  -2.701  -16.243 1.00 28.20  ? 64  GLN A O   1 
ATOM   485  C  CB  . GLN A 1 59  ? 12.975  -0.258  -18.039 1.00 27.88  ? 64  GLN A CB  1 
ATOM   486  C  CG  . GLN A 1 59  ? 11.819  0.509   -18.691 1.00 51.82  ? 64  GLN A CG  1 
ATOM   487  C  CD  . GLN A 1 59  ? 11.944  0.581   -20.198 1.00 76.51  ? 64  GLN A CD  1 
ATOM   488  O  OE1 . GLN A 1 59  ? 12.976  0.990   -20.756 1.00 68.46  ? 64  GLN A OE1 1 
ATOM   489  N  NE2 . GLN A 1 59  ? 10.873  0.212   -20.892 1.00 75.14  ? 64  GLN A NE2 1 
ATOM   490  N  N   . LEU A 1 60  ? 14.882  -0.979  -15.297 1.00 25.78  ? 65  LEU A N   1 
ATOM   491  C  CA  . LEU A 1 60  ? 15.937  -1.765  -14.678 1.00 26.13  ? 65  LEU A CA  1 
ATOM   492  C  C   . LEU A 1 60  ? 15.389  -2.542  -13.468 1.00 28.46  ? 65  LEU A C   1 
ATOM   493  O  O   . LEU A 1 60  ? 15.789  -3.682  -13.237 1.00 26.71  ? 65  LEU A O   1 
ATOM   494  C  CB  . LEU A 1 60  ? 17.061  -0.811  -14.238 1.00 27.38  ? 65  LEU A CB  1 
ATOM   495  C  CG  . LEU A 1 60  ? 18.313  -1.455  -13.659 1.00 34.20  ? 65  LEU A CG  1 
ATOM   496  C  CD1 . LEU A 1 60  ? 19.515  -1.144  -14.508 1.00 34.63  ? 65  LEU A CD1 1 
ATOM   497  C  CD2 . LEU A 1 60  ? 18.530  -1.021  -12.220 1.00 38.71  ? 65  LEU A CD2 1 
ATOM   498  N  N   . LYS A 1 61  ? 14.485  -1.917  -12.693 1.00 26.20  ? 66  LYS A N   1 
ATOM   499  C  CA  . LYS A 1 61  ? 13.921  -2.491  -11.466 1.00 26.87  ? 66  LYS A CA  1 
ATOM   500  C  C   . LYS A 1 61  ? 12.543  -3.158  -11.636 1.00 30.44  ? 66  LYS A C   1 
ATOM   501  O  O   . LYS A 1 61  ? 12.098  -3.849  -10.730 1.00 31.66  ? 66  LYS A O   1 
ATOM   502  C  CB  . LYS A 1 61  ? 13.858  -1.410  -10.372 1.00 29.88  ? 66  LYS A CB  1 
ATOM   503  C  CG  . LYS A 1 61  ? 15.211  -0.991  -9.801  1.00 43.60  ? 66  LYS A CG  1 
ATOM   504  C  CD  . LYS A 1 61  ? 15.088  0.319   -9.025  1.00 51.39  ? 66  LYS A CD  1 
ATOM   505  C  CE  . LYS A 1 61  ? 16.288  0.578   -8.156  1.00 55.30  ? 66  LYS A CE  1 
ATOM   506  N  NZ  . LYS A 1 61  ? 16.362  2.003   -7.744  1.00 63.34  ? 66  LYS A NZ  1 
ATOM   507  N  N   . ARG A 1 62  ? 11.886  -2.934  -12.777 1.00 26.08  ? 67  ARG A N   1 
ATOM   508  C  CA  . ARG A 1 62  ? 10.557  -3.416  -13.171 1.00 26.35  ? 67  ARG A CA  1 
ATOM   509  C  C   . ARG A 1 62  ? 10.302  -4.903  -12.895 1.00 29.97  ? 67  ARG A C   1 
ATOM   510  O  O   . ARG A 1 62  ? 9.206   -5.246  -12.451 1.00 27.73  ? 67  ARG A O   1 
ATOM   511  C  CB  . ARG A 1 62  ? 10.340  -3.086  -14.669 1.00 28.37  ? 67  ARG A CB  1 
ATOM   512  C  CG  . ARG A 1 62  ? 9.030   -3.556  -15.332 1.00 34.86  ? 67  ARG A CG  1 
ATOM   513  C  CD  . ARG A 1 62  ? 7.912   -2.520  -15.371 1.00 29.54  ? 67  ARG A CD  1 
ATOM   514  N  NE  . ARG A 1 62  ? 8.368   -1.157  -15.672 1.00 24.13  ? 67  ARG A NE  1 
ATOM   515  C  CZ  . ARG A 1 62  ? 8.273   -0.563  -16.860 1.00 34.18  ? 67  ARG A CZ  1 
ATOM   516  N  NH1 . ARG A 1 62  ? 7.763   -1.215  -17.899 1.00 26.17  ? 67  ARG A NH1 1 
ATOM   517  N  NH2 . ARG A 1 62  ? 8.690   0.684   -17.017 1.00 23.51  ? 67  ARG A NH2 1 
ATOM   518  N  N   . ASN A 1 63  ? 11.290  -5.777  -13.182 1.00 27.35  ? 68  ASN A N   1 
ATOM   519  C  CA  . ASN A 1 63  ? 11.154  -7.229  -13.035 1.00 27.54  ? 68  ASN A CA  1 
ATOM   520  C  C   . ASN A 1 63  ? 11.597  -7.794  -11.658 1.00 29.96  ? 68  ASN A C   1 
ATOM   521  O  O   . ASN A 1 63  ? 11.708  -9.007  -11.533 1.00 28.77  ? 68  ASN A O   1 
ATOM   522  C  CB  . ASN A 1 63  ? 11.870  -7.961  -14.187 1.00 30.99  ? 68  ASN A CB  1 
ATOM   523  C  CG  . ASN A 1 63  ? 11.075  -7.984  -15.469 1.00 64.48  ? 68  ASN A CG  1 
ATOM   524  O  OD1 . ASN A 1 63  ? 10.232  -8.862  -15.685 1.00 66.56  ? 68  ASN A OD1 1 
ATOM   525  N  ND2 . ASN A 1 63  ? 11.307  -7.011  -16.342 1.00 54.75  ? 68  ASN A ND2 1 
ATOM   526  N  N   . LEU A 1 64  ? 11.810  -6.938  -10.636 1.00 27.87  ? 69  LEU A N   1 
ATOM   527  C  CA  . LEU A 1 64  ? 12.196  -7.399  -9.294  1.00 28.29  ? 69  LEU A CA  1 
ATOM   528  C  C   . LEU A 1 64  ? 11.042  -8.190  -8.673  1.00 34.13  ? 69  LEU A C   1 
ATOM   529  O  O   . LEU A 1 64  ? 9.884   -7.794  -8.782  1.00 33.81  ? 69  LEU A O   1 
ATOM   530  C  CB  . LEU A 1 64  ? 12.595  -6.230  -8.374  1.00 28.61  ? 69  LEU A CB  1 
ATOM   531  C  CG  . LEU A 1 64  ? 14.060  -5.768  -8.436  1.00 34.08  ? 69  LEU A CG  1 
ATOM   532  C  CD1 . LEU A 1 64  ? 14.196  -4.337  -7.980  1.00 34.85  ? 69  LEU A CD1 1 
ATOM   533  C  CD2 . LEU A 1 64  ? 14.954  -6.631  -7.564  1.00 36.88  ? 69  LEU A CD2 1 
ATOM   534  N  N   . SER A 1 65  ? 11.353  -9.329  -8.073  1.00 30.42  ? 70  SER A N   1 
ATOM   535  C  CA  . SER A 1 65  ? 10.330  -10.153 -7.452  1.00 29.30  ? 70  SER A CA  1 
ATOM   536  C  C   . SER A 1 65  ? 10.367  -10.002 -5.936  1.00 30.61  ? 70  SER A C   1 
ATOM   537  O  O   . SER A 1 65  ? 9.442   -10.450 -5.270  1.00 28.49  ? 70  SER A O   1 
ATOM   538  C  CB  . SER A 1 65  ? 10.473  -11.609 -7.886  1.00 32.28  ? 70  SER A CB  1 
ATOM   539  O  OG  . SER A 1 65  ? 11.775  -12.095 -7.599  1.00 43.11  ? 70  SER A OG  1 
ATOM   540  N  N   . VAL A 1 66  ? 11.429  -9.359  -5.384  1.00 27.07  ? 71  VAL A N   1 
ATOM   541  C  CA  . VAL A 1 66  ? 11.608  -9.181  -3.941  1.00 26.81  ? 71  VAL A CA  1 
ATOM   542  C  C   . VAL A 1 66  ? 12.061  -7.760  -3.614  1.00 29.14  ? 71  VAL A C   1 
ATOM   543  O  O   . VAL A 1 66  ? 13.027  -7.274  -4.195  1.00 29.09  ? 71  VAL A O   1 
ATOM   544  C  CB  . VAL A 1 66  ? 12.593  -10.234 -3.335  1.00 32.23  ? 71  VAL A CB  1 
ATOM   545  C  CG1 . VAL A 1 66  ? 12.642  -10.155 -1.809  1.00 32.82  ? 71  VAL A CG1 1 
ATOM   546  C  CG2 . VAL A 1 66  ? 12.269  -11.660 -3.786  1.00 32.07  ? 71  VAL A CG2 1 
ATOM   547  N  N   . ILE A 1 67  ? 11.405  -7.117  -2.650  1.00 24.96  ? 72  ILE A N   1 
ATOM   548  C  CA  . ILE A 1 67  ? 11.781  -5.781  -2.179  1.00 25.94  ? 72  ILE A CA  1 
ATOM   549  C  C   . ILE A 1 67  ? 12.038  -5.844  -0.675  1.00 31.10  ? 72  ILE A C   1 
ATOM   550  O  O   . ILE A 1 67  ? 11.210  -6.380  0.061   1.00 32.22  ? 72  ILE A O   1 
ATOM   551  C  CB  . ILE A 1 67  ? 10.720  -4.696  -2.555  1.00 29.00  ? 72  ILE A CB  1 
ATOM   552  C  CG1 . ILE A 1 67  ? 10.363  -4.708  -4.081  1.00 29.92  ? 72  ILE A CG1 1 
ATOM   553  C  CG2 . ILE A 1 67  ? 11.118  -3.289  -2.065  1.00 27.53  ? 72  ILE A CG2 1 
ATOM   554  C  CD1 . ILE A 1 67  ? 11.535  -4.411  -5.140  1.00 40.49  ? 72  ILE A CD1 1 
ATOM   555  N  N   . ASN A 1 68  ? 13.158  -5.284  -0.223  1.00 27.13  ? 73  ASN A N   1 
ATOM   556  C  CA  . ASN A 1 68  ? 13.511  -5.250  1.181   1.00 27.04  ? 73  ASN A CA  1 
ATOM   557  C  C   . ASN A 1 68  ? 13.420  -3.822  1.708   1.00 32.91  ? 73  ASN A C   1 
ATOM   558  O  O   . ASN A 1 68  ? 14.012  -2.910  1.135   1.00 32.94  ? 73  ASN A O   1 
ATOM   559  C  CB  . ASN A 1 68  ? 14.893  -5.850  1.403   1.00 28.35  ? 73  ASN A CB  1 
ATOM   560  C  CG  . ASN A 1 68  ? 14.934  -7.332  1.130   1.00 42.24  ? 73  ASN A CG  1 
ATOM   561  O  OD1 . ASN A 1 68  ? 14.631  -8.146  1.999   1.00 28.41  ? 73  ASN A OD1 1 
ATOM   562  N  ND2 . ASN A 1 68  ? 15.325  -7.719  -0.077  1.00 37.30  ? 73  ASN A ND2 1 
ATOM   563  N  N   . LEU A 1 69  ? 12.639  -3.619  2.776   1.00 29.42  ? 74  LEU A N   1 
ATOM   564  C  CA  . LEU A 1 69  ? 12.452  -2.292  3.366   1.00 29.62  ? 74  LEU A CA  1 
ATOM   565  C  C   . LEU A 1 69  ? 13.439  -2.013  4.509   1.00 34.12  ? 74  LEU A C   1 
ATOM   566  O  O   . LEU A 1 69  ? 14.035  -2.951  5.042   1.00 33.71  ? 74  LEU A O   1 
ATOM   567  C  CB  . LEU A 1 69  ? 10.992  -2.108  3.832   1.00 29.48  ? 74  LEU A CB  1 
ATOM   568  C  CG  . LEU A 1 69  ? 9.837   -2.453  2.851   1.00 32.96  ? 74  LEU A CG  1 
ATOM   569  C  CD1 . LEU A 1 69  ? 8.499   -2.001  3.438   1.00 32.72  ? 74  LEU A CD1 1 
ATOM   570  C  CD2 . LEU A 1 69  ? 10.008  -1.787  1.469   1.00 33.30  ? 74  LEU A CD2 1 
ATOM   571  N  N   . ASP A 1 70  ? 13.610  -0.722  4.875   1.00 31.43  ? 75  ASP A N   1 
ATOM   572  C  CA  . ASP A 1 70  ? 14.473  -0.250  5.966   1.00 31.97  ? 75  ASP A CA  1 
ATOM   573  C  C   . ASP A 1 70  ? 14.193  -1.070  7.251   1.00 35.11  ? 75  ASP A C   1 
ATOM   574  O  O   . ASP A 1 70  ? 13.018  -1.239  7.609   1.00 34.72  ? 75  ASP A O   1 
ATOM   575  C  CB  . ASP A 1 70  ? 14.260  1.273   6.195   1.00 34.81  ? 75  ASP A CB  1 
ATOM   576  C  CG  . ASP A 1 70  ? 14.571  1.842   7.583   1.00 50.90  ? 75  ASP A CG  1 
ATOM   577  O  OD1 . ASP A 1 70  ? 15.697  1.610   8.088   1.00 50.74  ? 75  ASP A OD1 1 
ATOM   578  O  OD2 . ASP A 1 70  ? 13.724  2.601   8.117   1.00 58.60  ? 75  ASP A OD2 1 
ATOM   579  N  N   . PRO A 1 71  ? 15.239  -1.623  7.921   1.00 30.20  ? 76  PRO A N   1 
ATOM   580  C  CA  . PRO A 1 71  ? 15.000  -2.414  9.154   1.00 29.87  ? 76  PRO A CA  1 
ATOM   581  C  C   . PRO A 1 71  ? 14.262  -1.681  10.292  1.00 31.15  ? 76  PRO A C   1 
ATOM   582  O  O   . PRO A 1 71  ? 13.767  -2.340  11.205  1.00 29.40  ? 76  PRO A O   1 
ATOM   583  C  CB  . PRO A 1 71  ? 16.409  -2.853  9.583   1.00 31.92  ? 76  PRO A CB  1 
ATOM   584  C  CG  . PRO A 1 71  ? 17.332  -1.933  8.895   1.00 36.59  ? 76  PRO A CG  1 
ATOM   585  C  CD  . PRO A 1 71  ? 16.680  -1.555  7.604   1.00 32.12  ? 76  PRO A CD  1 
ATOM   586  N  N   . GLU A 1 72  ? 14.191  -0.329  10.248  1.00 27.16  ? 77  GLU A N   1 
ATOM   587  C  CA  . GLU A 1 72  ? 13.444  0.465   11.243  1.00 27.11  ? 77  GLU A CA  1 
ATOM   588  C  C   . GLU A 1 72  ? 11.937  0.542   10.864  1.00 31.71  ? 77  GLU A C   1 
ATOM   589  O  O   . GLU A 1 72  ? 11.161  1.157   11.597  1.00 32.42  ? 77  GLU A O   1 
ATOM   590  C  CB  . GLU A 1 72  ? 14.041  1.885   11.422  1.00 27.97  ? 77  GLU A CB  1 
ATOM   591  C  CG  . GLU A 1 72  ? 15.488  1.917   11.901  1.00 30.49  ? 77  GLU A CG  1 
ATOM   592  C  CD  . GLU A 1 72  ? 15.835  1.064   13.105  1.00 41.27  ? 77  GLU A CD  1 
ATOM   593  O  OE1 . GLU A 1 72  ? 15.185  1.229   14.163  1.00 22.91  ? 77  GLU A OE1 1 
ATOM   594  O  OE2 . GLU A 1 72  ? 16.741  0.210   12.983  1.00 32.59  ? 77  GLU A OE2 1 
ATOM   595  N  N   . ILE A 1 73  ? 11.539  -0.075  9.724   1.00 28.50  ? 78  ILE A N   1 
ATOM   596  C  CA  . ILE A 1 73  ? 10.141  -0.113  9.245   1.00 28.55  ? 78  ILE A CA  1 
ATOM   597  C  C   . ILE A 1 73  ? 9.367   -1.206  9.989   1.00 29.74  ? 78  ILE A C   1 
ATOM   598  O  O   . ILE A 1 73  ? 9.763   -2.369  9.974   1.00 28.05  ? 78  ILE A O   1 
ATOM   599  C  CB  . ILE A 1 73  ? 10.029  -0.194  7.680   1.00 32.13  ? 78  ILE A CB  1 
ATOM   600  C  CG1 . ILE A 1 73  ? 10.410  1.149   7.012   1.00 32.31  ? 78  ILE A CG1 1 
ATOM   601  C  CG2 . ILE A 1 73  ? 8.648   -0.713  7.182   1.00 33.01  ? 78  ILE A CG2 1 
ATOM   602  C  CD1 . ILE A 1 73  ? 9.688   2.461   7.600   1.00 39.21  ? 78  ILE A CD1 1 
ATOM   603  N  N   . ASN A 1 74  ? 8.305   -0.799  10.678  1.00 26.29  ? 79  ASN A N   1 
ATOM   604  C  CA  . ASN A 1 74  ? 7.467   -1.667  11.500  1.00 26.39  ? 79  ASN A CA  1 
ATOM   605  C  C   . ASN A 1 74  ? 6.561   -2.613  10.657  1.00 29.11  ? 79  ASN A C   1 
ATOM   606  O  O   . ASN A 1 74  ? 5.749   -2.114  9.874   1.00 28.26  ? 79  ASN A O   1 
ATOM   607  C  CB  . ASN A 1 74  ? 6.668   -0.809  12.491  1.00 26.73  ? 79  ASN A CB  1 
ATOM   608  C  CG  . ASN A 1 74  ? 5.788   -1.617  13.393  1.00 48.27  ? 79  ASN A CG  1 
ATOM   609  O  OD1 . ASN A 1 74  ? 4.577   -1.706  13.170  1.00 37.88  ? 79  ASN A OD1 1 
ATOM   610  N  ND2 . ASN A 1 74  ? 6.393   -2.279  14.387  1.00 39.13  ? 79  ASN A ND2 1 
ATOM   611  N  N   . PRO A 1 75  ? 6.730   -3.964  10.772  1.00 26.08  ? 80  PRO A N   1 
ATOM   612  C  CA  . PRO A 1 75  ? 5.927   -4.898  9.954   1.00 24.51  ? 80  PRO A CA  1 
ATOM   613  C  C   . PRO A 1 75  ? 4.419   -4.738  10.078  1.00 24.23  ? 80  PRO A C   1 
ATOM   614  O  O   . PRO A 1 75  ? 3.733   -4.842  9.069   1.00 20.77  ? 80  PRO A O   1 
ATOM   615  C  CB  . PRO A 1 75  ? 6.406   -6.285  10.408  1.00 26.55  ? 80  PRO A CB  1 
ATOM   616  C  CG  . PRO A 1 75  ? 7.761   -6.054  10.971  1.00 31.65  ? 80  PRO A CG  1 
ATOM   617  C  CD  . PRO A 1 75  ? 7.688   -4.707  11.624  1.00 27.59  ? 80  PRO A CD  1 
ATOM   618  N  N   . GLU A 1 76  ? 3.912   -4.437  11.296  1.00 21.84  ? 81  GLU A N   1 
ATOM   619  C  CA  . GLU A 1 76  ? 2.482   -4.206  11.548  1.00 21.55  ? 81  GLU A CA  1 
ATOM   620  C  C   . GLU A 1 76  ? 2.019   -2.899  10.862  1.00 22.86  ? 81  GLU A C   1 
ATOM   621  O  O   . GLU A 1 76  ? 0.885   -2.809  10.420  1.00 21.98  ? 81  GLU A O   1 
ATOM   622  C  CB  . GLU A 1 76  ? 2.220   -4.168  13.067  1.00 23.57  ? 81  GLU A CB  1 
ATOM   623  C  CG  . GLU A 1 76  ? 0.775   -3.959  13.482  1.00 37.43  ? 81  GLU A CG  1 
ATOM   624  C  CD  . GLU A 1 76  ? 0.566   -3.517  14.920  1.00 59.57  ? 81  GLU A CD  1 
ATOM   625  O  OE1 . GLU A 1 76  ? 1.518   -2.993  15.543  1.00 60.91  ? 81  GLU A OE1 1 
ATOM   626  O  OE2 . GLU A 1 76  ? -0.569  -3.683  15.422  1.00 55.26  ? 81  GLU A OE2 1 
ATOM   627  N  N   . GLY A 1 77  ? 2.903   -1.903  10.788  1.00 18.07  ? 82  GLY A N   1 
ATOM   628  C  CA  . GLY A 1 77  ? 2.612   -0.623  10.166  1.00 16.19  ? 82  GLY A CA  1 
ATOM   629  C  C   . GLY A 1 77  ? 2.540   -0.788  8.667   1.00 16.99  ? 82  GLY A C   1 
ATOM   630  O  O   . GLY A 1 77  ? 1.658   -0.196  8.024   1.00 14.14  ? 82  GLY A O   1 
ATOM   631  N  N   . PHE A 1 78  ? 3.424   -1.676  8.111   1.00 12.87  ? 83  PHE A N   1 
ATOM   632  C  CA  . PHE A 1 78  ? 3.403   -1.969  6.677   1.00 12.03  ? 83  PHE A CA  1 
ATOM   633  C  C   . PHE A 1 78  ? 2.131   -2.731  6.359   1.00 17.38  ? 83  PHE A C   1 
ATOM   634  O  O   . PHE A 1 78  ? 1.473   -2.420  5.360   1.00 17.19  ? 83  PHE A O   1 
ATOM   635  C  CB  . PHE A 1 78  ? 4.610   -2.807  6.231   1.00 13.01  ? 83  PHE A CB  1 
ATOM   636  C  CG  . PHE A 1 78  ? 4.512   -3.156  4.766   1.00 14.88  ? 83  PHE A CG  1 
ATOM   637  C  CD1 . PHE A 1 78  ? 4.780   -2.201  3.787   1.00 17.65  ? 83  PHE A CD1 1 
ATOM   638  C  CD2 . PHE A 1 78  ? 4.077   -4.414  4.361   1.00 16.88  ? 83  PHE A CD2 1 
ATOM   639  C  CE1 . PHE A 1 78  ? 4.665   -2.519  2.438   1.00 18.51  ? 83  PHE A CE1 1 
ATOM   640  C  CE2 . PHE A 1 78  ? 3.957   -4.725  3.010   1.00 19.54  ? 83  PHE A CE2 1 
ATOM   641  C  CZ  . PHE A 1 78  ? 4.259   -3.781  2.058   1.00 17.33  ? 83  PHE A CZ  1 
ATOM   642  N  N   . ASN A 1 79  ? 1.806   -3.747  7.186   1.00 14.44  ? 84  ASN A N   1 
ATOM   643  C  CA  . ASN A 1 79  ? 0.606   -4.570  7.000   1.00 15.20  ? 84  ASN A CA  1 
ATOM   644  C  C   . ASN A 1 79  ? -0.657  -3.709  6.958   1.00 16.88  ? 84  ASN A C   1 
ATOM   645  O  O   . ASN A 1 79  ? -1.517  -3.958  6.115   1.00 16.55  ? 84  ASN A O   1 
ATOM   646  C  CB  . ASN A 1 79  ? 0.483   -5.647  8.110   1.00 20.55  ? 84  ASN A CB  1 
ATOM   647  C  CG  . ASN A 1 79  ? -0.275  -6.896  7.689   1.00 43.69  ? 84  ASN A CG  1 
ATOM   648  O  OD1 . ASN A 1 79  ? -0.966  -6.933  6.662   1.00 35.79  ? 84  ASN A OD1 1 
ATOM   649  N  ND2 . ASN A 1 79  ? -0.107  -7.979  8.446   1.00 32.38  ? 84  ASN A ND2 1 
ATOM   650  N  N   . ILE A 1 80  ? -0.778  -2.716  7.875   1.00 12.91  ? 85  ILE A N   1 
ATOM   651  C  CA  . ILE A 1 80  ? -1.930  -1.805  7.946   1.00 12.14  ? 85  ILE A CA  1 
ATOM   652  C  C   . ILE A 1 80  ? -2.056  -0.998  6.635   1.00 15.17  ? 85  ILE A C   1 
ATOM   653  O  O   . ILE A 1 80  ? -3.154  -0.853  6.096   1.00 11.56  ? 85  ILE A O   1 
ATOM   654  C  CB  . ILE A 1 80  ? -1.857  -0.932  9.236   1.00 15.67  ? 85  ILE A CB  1 
ATOM   655  C  CG1 . ILE A 1 80  ? -2.303  -1.777  10.478  1.00 15.68  ? 85  ILE A CG1 1 
ATOM   656  C  CG2 . ILE A 1 80  ? -2.703  0.357   9.126   1.00 16.75  ? 85  ILE A CG2 1 
ATOM   657  C  CD1 . ILE A 1 80  ? -1.773  -1.223  11.852  1.00 18.71  ? 85  ILE A CD1 1 
ATOM   658  N  N   . LEU A 1 81  ? -0.906  -0.534  6.094   1.00 13.41  ? 86  LEU A N   1 
ATOM   659  C  CA  . LEU A 1 81  ? -0.889  0.208   4.833   1.00 12.28  ? 86  LEU A CA  1 
ATOM   660  C  C   . LEU A 1 81  ? -1.117  -0.676  3.611   1.00 14.15  ? 86  LEU A C   1 
ATOM   661  O  O   . LEU A 1 81  ? -1.750  -0.210  2.664   1.00 13.87  ? 86  LEU A O   1 
ATOM   662  C  CB  . LEU A 1 81  ? 0.397   1.043   4.706   1.00 12.79  ? 86  LEU A CB  1 
ATOM   663  C  CG  . LEU A 1 81  ? 0.498   2.130   5.779   1.00 16.34  ? 86  LEU A CG  1 
ATOM   664  C  CD1 . LEU A 1 81  ? 1.876   2.698   5.829   1.00 16.29  ? 86  LEU A CD1 1 
ATOM   665  C  CD2 . LEU A 1 81  ? -0.560  3.210   5.578   1.00 18.65  ? 86  LEU A CD2 1 
ATOM   666  N  N   . LEU A 1 82  ? -0.650  -1.943  3.641   1.00 9.96   ? 87  LEU A N   1 
ATOM   667  C  CA  . LEU A 1 82  ? -0.877  -2.892  2.539   1.00 10.99  ? 87  LEU A CA  1 
ATOM   668  C  C   . LEU A 1 82  ? -2.388  -3.179  2.463   1.00 16.12  ? 87  LEU A C   1 
ATOM   669  O  O   . LEU A 1 82  ? -2.970  -3.196  1.377   1.00 15.15  ? 87  LEU A O   1 
ATOM   670  C  CB  . LEU A 1 82  ? -0.080  -4.198  2.731   1.00 10.96  ? 87  LEU A CB  1 
ATOM   671  C  CG  . LEU A 1 82  ? -0.201  -5.225  1.561   1.00 15.75  ? 87  LEU A CG  1 
ATOM   672  C  CD1 . LEU A 1 82  ? 0.246   -4.604  0.205   1.00 14.75  ? 87  LEU A CD1 1 
ATOM   673  C  CD2 . LEU A 1 82  ? 0.632   -6.444  1.825   1.00 18.99  ? 87  LEU A CD2 1 
ATOM   674  N  N   . ASP A 1 83  ? -3.026  -3.315  3.645   1.00 16.03  ? 88  ASP A N   1 
ATOM   675  C  CA  . ASP A 1 83  ? -4.473  -3.505  3.770   1.00 14.93  ? 88  ASP A CA  1 
ATOM   676  C  C   . ASP A 1 83  ? -5.158  -2.276  3.254   1.00 14.85  ? 88  ASP A C   1 
ATOM   677  O  O   . ASP A 1 83  ? -6.141  -2.409  2.542   1.00 13.43  ? 88  ASP A O   1 
ATOM   678  C  CB  . ASP A 1 83  ? -4.869  -3.760  5.233   1.00 16.94  ? 88  ASP A CB  1 
ATOM   679  C  CG  . ASP A 1 83  ? -4.654  -5.179  5.725   1.00 25.05  ? 88  ASP A CG  1 
ATOM   680  O  OD1 . ASP A 1 83  ? -4.439  -6.079  4.882   1.00 23.68  ? 88  ASP A OD1 1 
ATOM   681  O  OD2 . ASP A 1 83  ? -4.756  -5.397  6.950   1.00 28.51  ? 88  ASP A OD2 1 
ATOM   682  N  N   . PHE A 1 84  ? -4.659  -1.072  3.605   1.00 12.99  ? 89  PHE A N   1 
ATOM   683  C  CA  . PHE A 1 84  ? -5.268  0.163   3.117   1.00 13.48  ? 89  PHE A CA  1 
ATOM   684  C  C   . PHE A 1 84  ? -5.277  0.206   1.587   1.00 17.09  ? 89  PHE A C   1 
ATOM   685  O  O   . PHE A 1 84  ? -6.299  0.534   0.991   1.00 16.38  ? 89  PHE A O   1 
ATOM   686  C  CB  . PHE A 1 84  ? -4.591  1.434   3.694   1.00 14.16  ? 89  PHE A CB  1 
ATOM   687  C  CG  . PHE A 1 84  ? -5.014  2.693   2.973   1.00 14.55  ? 89  PHE A CG  1 
ATOM   688  C  CD1 . PHE A 1 84  ? -6.253  3.268   3.214   1.00 16.07  ? 89  PHE A CD1 1 
ATOM   689  C  CD2 . PHE A 1 84  ? -4.209  3.256   1.986   1.00 16.08  ? 89  PHE A CD2 1 
ATOM   690  C  CE1 . PHE A 1 84  ? -6.682  4.362   2.470   1.00 16.06  ? 89  PHE A CE1 1 
ATOM   691  C  CE2 . PHE A 1 84  ? -4.633  4.377   1.271   1.00 16.90  ? 89  PHE A CE2 1 
ATOM   692  C  CZ  . PHE A 1 84  ? -5.855  4.930   1.528   1.00 14.57  ? 89  PHE A CZ  1 
ATOM   693  N  N   . MET A 1 85  ? -4.109  -0.052  0.964   1.00 13.77  ? 90  MET A N   1 
ATOM   694  C  CA  . MET A 1 85  ? -3.946  -0.054  -0.497  1.00 11.35  ? 90  MET A CA  1 
ATOM   695  C  C   . MET A 1 85  ? -5.043  -0.865  -1.189  1.00 13.31  ? 90  MET A C   1 
ATOM   696  O  O   . MET A 1 85  ? -5.652  -0.398  -2.147  1.00 11.40  ? 90  MET A O   1 
ATOM   697  C  CB  . MET A 1 85  ? -2.582  -0.674  -0.856  1.00 12.74  ? 90  MET A CB  1 
ATOM   698  C  CG  . MET A 1 85  ? -1.406  0.188   -0.426  1.00 14.20  ? 90  MET A CG  1 
ATOM   699  S  SD  . MET A 1 85  ? 0.113   -0.516  -1.089  1.00 15.48  ? 90  MET A SD  1 
ATOM   700  C  CE  . MET A 1 85  ? 1.264   0.185   0.013   1.00 13.29  ? 90  MET A CE  1 
ATOM   701  N  N   . TYR A 1 86  ? -5.333  -2.037  -0.647  1.00 11.38  ? 91  TYR A N   1 
ATOM   702  C  CA  . TYR A 1 86  ? -6.316  -2.949  -1.189  1.00 11.72  ? 91  TYR A CA  1 
ATOM   703  C  C   . TYR A 1 86  ? -7.776  -2.757  -0.709  1.00 16.26  ? 91  TYR A C   1 
ATOM   704  O  O   . TYR A 1 86  ? -8.659  -3.441  -1.233  1.00 16.40  ? 91  TYR A O   1 
ATOM   705  C  CB  . TYR A 1 86  ? -5.863  -4.371  -0.899  1.00 11.41  ? 91  TYR A CB  1 
ATOM   706  C  CG  . TYR A 1 86  ? -4.819  -4.881  -1.867  1.00 11.46  ? 91  TYR A CG  1 
ATOM   707  C  CD1 . TYR A 1 86  ? -5.188  -5.546  -3.029  1.00 12.91  ? 91  TYR A CD1 1 
ATOM   708  C  CD2 . TYR A 1 86  ? -3.458  -4.740  -1.595  1.00 11.04  ? 91  TYR A CD2 1 
ATOM   709  C  CE1 . TYR A 1 86  ? -4.234  -6.062  -3.903  1.00 15.48  ? 91  TYR A CE1 1 
ATOM   710  C  CE2 . TYR A 1 86  ? -2.491  -5.275  -2.451  1.00 12.48  ? 91  TYR A CE2 1 
ATOM   711  C  CZ  . TYR A 1 86  ? -2.887  -5.926  -3.607  1.00 18.14  ? 91  TYR A CZ  1 
ATOM   712  O  OH  . TYR A 1 86  ? -1.960  -6.422  -4.476  1.00 16.68  ? 91  TYR A OH  1 
ATOM   713  N  N   . THR A 1 87  ? -8.038  -1.885  0.283   1.00 13.66  ? 92  THR A N   1 
ATOM   714  C  CA  . THR A 1 87  ? -9.397  -1.747  0.827   1.00 12.99  ? 92  THR A CA  1 
ATOM   715  C  C   . THR A 1 87  ? -9.975  -0.315  0.944   1.00 16.94  ? 92  THR A C   1 
ATOM   716  O  O   . THR A 1 87  ? -11.195 -0.199  1.132   1.00 16.98  ? 92  THR A O   1 
ATOM   717  C  CB  . THR A 1 87  ? -9.482  -2.385  2.239   1.00 17.08  ? 92  THR A CB  1 
ATOM   718  O  OG1 . THR A 1 87  ? -8.639  -1.662  3.145   1.00 11.90  ? 92  THR A OG1 1 
ATOM   719  C  CG2 . THR A 1 87  ? -9.172  -3.874  2.263   1.00 11.66  ? 92  THR A CG2 1 
ATOM   720  N  N   . SER A 1 88  ? -9.124  0.751   0.939   1.00 10.81  ? 93  SER A N   1 
ATOM   721  C  CA  . SER A 1 88  ? -9.527  2.162   1.157   1.00 12.02  ? 93  SER A CA  1 
ATOM   722  C  C   . SER A 1 88  ? -9.831  2.379   2.655   1.00 13.96  ? 93  SER A C   1 
ATOM   723  O  O   . SER A 1 88  ? -10.291 3.445   3.051   1.00 15.97  ? 93  SER A O   1 
ATOM   724  C  CB  . SER A 1 88  ? -10.744 2.565   0.319   1.00 13.41  ? 93  SER A CB  1 
ATOM   725  O  OG  . SER A 1 88  ? -10.587 2.337   -1.070  1.00 16.99  ? 93  SER A OG  1 
ATOM   726  N  N   . ARG A 1 89  ? -9.534  1.387   3.479   1.00 9.87   ? 94  ARG A N   1 
ATOM   727  C  CA  . ARG A 1 89  ? -9.765  1.474   4.925   1.00 11.17  ? 94  ARG A CA  1 
ATOM   728  C  C   . ARG A 1 89  ? -8.445  1.425   5.677   1.00 18.41  ? 94  ARG A C   1 
ATOM   729  O  O   . ARG A 1 89  ? -7.634  0.503   5.486   1.00 18.48  ? 94  ARG A O   1 
ATOM   730  C  CB  . ARG A 1 89  ? -10.715 0.370   5.417   1.00 14.91  ? 94  ARG A CB  1 
ATOM   731  C  CG  . ARG A 1 89  ? -12.139 0.456   4.851   1.00 30.94  ? 94  ARG A CG  1 
ATOM   732  C  CD  . ARG A 1 89  ? -13.045 -0.643  5.386   1.00 46.23  ? 94  ARG A CD  1 
ATOM   733  N  NE  . ARG A 1 89  ? -12.656 -1.968  4.891   1.00 64.41  ? 94  ARG A NE  1 
ATOM   734  C  CZ  . ARG A 1 89  ? -12.186 -2.959  5.648   1.00 79.32  ? 94  ARG A CZ  1 
ATOM   735  N  NH1 . ARG A 1 89  ? -12.057 -2.798  6.961   1.00 59.89  ? 94  ARG A NH1 1 
ATOM   736  N  NH2 . ARG A 1 89  ? -11.853 -4.120  5.100   1.00 68.92  ? 94  ARG A NH2 1 
ATOM   737  N  N   . LEU A 1 90  ? -8.214  2.454   6.503   1.00 17.94  ? 95  LEU A N   1 
ATOM   738  C  CA  . LEU A 1 90  ? -7.003  2.605   7.302   1.00 16.97  ? 95  LEU A CA  1 
ATOM   739  C  C   . LEU A 1 90  ? -7.287  2.376   8.781   1.00 21.39  ? 95  LEU A C   1 
ATOM   740  O  O   . LEU A 1 90  ? -8.159  3.045   9.366   1.00 19.94  ? 95  LEU A O   1 
ATOM   741  C  CB  . LEU A 1 90  ? -6.402  4.005   7.052   1.00 17.01  ? 95  LEU A CB  1 
ATOM   742  C  CG  . LEU A 1 90  ? -5.107  4.386   7.780   1.00 21.44  ? 95  LEU A CG  1 
ATOM   743  C  CD1 . LEU A 1 90  ? -3.915  3.608   7.228   1.00 21.70  ? 95  LEU A CD1 1 
ATOM   744  C  CD2 . LEU A 1 90  ? -4.871  5.896   7.688   1.00 20.83  ? 95  LEU A CD2 1 
ATOM   745  N  N   . ASN A 1 91  ? -6.536  1.437   9.381   1.00 20.12  ? 96  ASN A N   1 
ATOM   746  C  CA  . ASN A 1 91  ? -6.652  1.124   10.795  1.00 20.91  ? 96  ASN A CA  1 
ATOM   747  C  C   . ASN A 1 91  ? -5.718  2.053   11.580  1.00 26.45  ? 96  ASN A C   1 
ATOM   748  O  O   . ASN A 1 91  ? -4.574  1.692   11.895  1.00 25.59  ? 96  ASN A O   1 
ATOM   749  C  CB  . ASN A 1 91  ? -6.387  -0.376  11.077  1.00 22.67  ? 96  ASN A CB  1 
ATOM   750  C  CG  . ASN A 1 91  ? -6.462  -0.803  12.544  1.00 35.36  ? 96  ASN A CG  1 
ATOM   751  O  OD1 . ASN A 1 91  ? -5.877  -1.806  12.944  1.00 26.59  ? 96  ASN A OD1 1 
ATOM   752  N  ND2 . ASN A 1 91  ? -7.167  -0.055  13.385  1.00 26.32  ? 96  ASN A ND2 1 
ATOM   753  N  N   . LEU A 1 92  ? -6.216  3.268   11.849  1.00 23.91  ? 97  LEU A N   1 
ATOM   754  C  CA  . LEU A 1 92  ? -5.507  4.296   12.612  1.00 25.08  ? 97  LEU A CA  1 
ATOM   755  C  C   . LEU A 1 92  ? -6.013  4.303   14.041  1.00 31.28  ? 97  LEU A C   1 
ATOM   756  O  O   . LEU A 1 92  ? -7.221  4.320   14.263  1.00 31.59  ? 97  LEU A O   1 
ATOM   757  C  CB  . LEU A 1 92  ? -5.687  5.693   11.995  1.00 25.07  ? 97  LEU A CB  1 
ATOM   758  C  CG  . LEU A 1 92  ? -4.462  6.372   11.387  1.00 29.34  ? 97  LEU A CG  1 
ATOM   759  C  CD1 . LEU A 1 92  ? -4.731  7.821   11.113  1.00 28.01  ? 97  LEU A CD1 1 
ATOM   760  C  CD2 . LEU A 1 92  ? -3.248  6.241   12.271  1.00 32.48  ? 97  LEU A CD2 1 
ATOM   761  N  N   . ARG A 1 93  ? -5.081  4.257   14.997  1.00 30.03  ? 98  ARG A N   1 
ATOM   762  C  CA  . ARG A 1 93  ? -5.317  4.240   16.446  1.00 31.06  ? 98  ARG A CA  1 
ATOM   763  C  C   . ARG A 1 93  ? -4.216  5.059   17.116  1.00 36.64  ? 98  ARG A C   1 
ATOM   764  O  O   . ARG A 1 93  ? -3.138  5.192   16.540  1.00 36.40  ? 98  ARG A O   1 
ATOM   765  C  CB  . ARG A 1 93  ? -5.227  2.794   16.964  1.00 31.81  ? 98  ARG A CB  1 
ATOM   766  C  CG  . ARG A 1 93  ? -6.445  1.924   16.689  1.00 48.45  ? 98  ARG A CG  1 
ATOM   767  C  CD  . ARG A 1 93  ? -6.083  0.452   16.624  1.00 63.65  ? 98  ARG A CD  1 
ATOM   768  N  NE  . ARG A 1 93  ? -5.842  -0.136  17.943  1.00 80.24  ? 98  ARG A NE  1 
ATOM   769  C  CZ  . ARG A 1 93  ? -5.643  -1.435  18.161  1.00 100.66 ? 98  ARG A CZ  1 
ATOM   770  N  NH1 . ARG A 1 93  ? -5.657  -2.296  17.150  1.00 88.88  ? 98  ARG A NH1 1 
ATOM   771  N  NH2 . ARG A 1 93  ? -5.435  -1.884  19.391  1.00 90.44  ? 98  ARG A NH2 1 
ATOM   772  N  N   . GLU A 1 94  ? -4.441  5.548   18.360  1.00 34.70  ? 99  GLU A N   1 
ATOM   773  C  CA  . GLU A 1 94  ? -3.407  6.281   19.100  1.00 34.36  ? 99  GLU A CA  1 
ATOM   774  C  C   . GLU A 1 94  ? -2.225  5.341   19.404  1.00 36.62  ? 99  GLU A C   1 
ATOM   775  O  O   . GLU A 1 94  ? -1.078  5.769   19.337  1.00 37.18  ? 99  GLU A O   1 
ATOM   776  C  CB  . GLU A 1 94  ? -3.983  6.944   20.374  1.00 36.32  ? 99  GLU A CB  1 
ATOM   777  C  CG  . GLU A 1 94  ? -2.975  7.691   21.249  1.00 49.06  ? 99  GLU A CG  1 
ATOM   778  C  CD  . GLU A 1 94  ? -2.055  8.693   20.573  1.00 69.89  ? 99  GLU A CD  1 
ATOM   779  O  OE1 . GLU A 1 94  ? -0.834  8.642   20.841  1.00 54.76  ? 99  GLU A OE1 1 
ATOM   780  O  OE2 . GLU A 1 94  ? -2.553  9.528   19.781  1.00 66.92  ? 99  GLU A OE2 1 
ATOM   781  N  N   . GLY A 1 95  ? -2.513  4.058   19.625  1.00 31.35  ? 100 GLY A N   1 
ATOM   782  C  CA  . GLY A 1 95  ? -1.494  3.044   19.873  1.00 30.68  ? 100 GLY A CA  1 
ATOM   783  C  C   . GLY A 1 95  ? -0.632  2.677   18.674  1.00 34.10  ? 100 GLY A C   1 
ATOM   784  O  O   . GLY A 1 95  ? 0.380   1.991   18.850  1.00 35.01  ? 100 GLY A O   1 
ATOM   785  N  N   . ASN A 1 96  ? -1.012  3.114   17.437  1.00 28.02  ? 101 ASN A N   1 
ATOM   786  C  CA  . ASN A 1 96  ? -0.226  2.792   16.238  1.00 25.93  ? 101 ASN A CA  1 
ATOM   787  C  C   . ASN A 1 96  ? 0.034   3.985   15.301  1.00 26.65  ? 101 ASN A C   1 
ATOM   788  O  O   . ASN A 1 96  ? 0.689   3.790   14.275  1.00 25.36  ? 101 ASN A O   1 
ATOM   789  C  CB  . ASN A 1 96  ? -0.857  1.615   15.460  1.00 24.78  ? 101 ASN A CB  1 
ATOM   790  C  CG  . ASN A 1 96  ? -2.100  1.928   14.643  1.00 29.35  ? 101 ASN A CG  1 
ATOM   791  O  OD1 . ASN A 1 96  ? -2.450  3.085   14.363  1.00 22.92  ? 101 ASN A OD1 1 
ATOM   792  N  ND2 . ASN A 1 96  ? -2.817  0.886   14.257  1.00 23.34  ? 101 ASN A ND2 1 
ATOM   793  N  N   . ILE A 1 97  ? -0.482  5.192   15.629  1.00 23.68  ? 102 ILE A N   1 
ATOM   794  C  CA  . ILE A 1 97  ? -0.361  6.399   14.796  1.00 24.86  ? 102 ILE A CA  1 
ATOM   795  C  C   . ILE A 1 97  ? 1.092   6.678   14.346  1.00 30.62  ? 102 ILE A C   1 
ATOM   796  O  O   . ILE A 1 97  ? 1.320   6.844   13.145  1.00 29.51  ? 102 ILE A O   1 
ATOM   797  C  CB  . ILE A 1 97  ? -1.031  7.670   15.416  1.00 28.43  ? 102 ILE A CB  1 
ATOM   798  C  CG1 . ILE A 1 97  ? -0.776  8.957   14.580  1.00 28.93  ? 102 ILE A CG1 1 
ATOM   799  C  CG2 . ILE A 1 97  ? -0.600  7.918   16.874  1.00 29.54  ? 102 ILE A CG2 1 
ATOM   800  C  CD1 . ILE A 1 97  ? -1.340  9.039   13.234  1.00 33.11  ? 102 ILE A CD1 1 
ATOM   801  N  N   . MET A 1 98  ? 2.060   6.700   15.290  1.00 27.40  ? 103 MET A N   1 
ATOM   802  C  CA  . MET A 1 98  ? 3.445   7.013   14.977  1.00 26.70  ? 103 MET A CA  1 
ATOM   803  C  C   . MET A 1 98  ? 4.108   5.973   14.076  1.00 29.40  ? 103 MET A C   1 
ATOM   804  O  O   . MET A 1 98  ? 4.822   6.367   13.161  1.00 28.58  ? 103 MET A O   1 
ATOM   805  C  CB  . MET A 1 98  ? 4.268   7.293   16.250  1.00 29.09  ? 103 MET A CB  1 
ATOM   806  C  CG  . MET A 1 98  ? 3.704   8.463   17.089  1.00 32.42  ? 103 MET A CG  1 
ATOM   807  S  SD  . MET A 1 98  ? 3.197   9.955   16.172  1.00 36.65  ? 103 MET A SD  1 
ATOM   808  C  CE  . MET A 1 98  ? 4.701   10.760  16.055  1.00 32.85  ? 103 MET A CE  1 
ATOM   809  N  N   . ALA A 1 99  ? 3.833   4.675   14.282  1.00 26.36  ? 104 ALA A N   1 
ATOM   810  C  CA  . ALA A 1 99  ? 4.385   3.609   13.439  1.00 25.17  ? 104 ALA A CA  1 
ATOM   811  C  C   . ALA A 1 99  ? 3.757   3.679   12.042  1.00 26.70  ? 104 ALA A C   1 
ATOM   812  O  O   . ALA A 1 99  ? 4.474   3.527   11.061  1.00 23.87  ? 104 ALA A O   1 
ATOM   813  C  CB  . ALA A 1 99  ? 4.131   2.245   14.053  1.00 25.75  ? 104 ALA A CB  1 
ATOM   814  N  N   . VAL A 1 100 ? 2.428   3.927   11.958  1.00 23.97  ? 105 VAL A N   1 
ATOM   815  C  CA  . VAL A 1 100 ? 1.697   4.019   10.682  1.00 22.49  ? 105 VAL A CA  1 
ATOM   816  C  C   . VAL A 1 100 ? 2.152   5.251   9.919   1.00 24.11  ? 105 VAL A C   1 
ATOM   817  O  O   . VAL A 1 100 ? 2.424   5.143   8.732   1.00 24.39  ? 105 VAL A O   1 
ATOM   818  C  CB  . VAL A 1 100 ? 0.154   3.932   10.848  1.00 25.50  ? 105 VAL A CB  1 
ATOM   819  C  CG1 . VAL A 1 100 ? -0.577  4.318   9.561   1.00 24.75  ? 105 VAL A CG1 1 
ATOM   820  C  CG2 . VAL A 1 100 ? -0.271  2.535   11.296  1.00 25.18  ? 105 VAL A CG2 1 
ATOM   821  N  N   . MET A 1 101 ? 2.261   6.408   10.594  1.00 19.28  ? 106 MET A N   1 
ATOM   822  C  CA  . MET A 1 101 ? 2.725   7.641   9.943   1.00 18.72  ? 106 MET A CA  1 
ATOM   823  C  C   . MET A 1 101 ? 4.179   7.522   9.452   1.00 20.35  ? 106 MET A C   1 
ATOM   824  O  O   . MET A 1 101 ? 4.464   7.965   8.340   1.00 20.66  ? 106 MET A O   1 
ATOM   825  C  CB  . MET A 1 101 ? 2.526   8.866   10.825  1.00 20.59  ? 106 MET A CB  1 
ATOM   826  C  CG  . MET A 1 101 ? 2.935   10.170  10.152  1.00 24.38  ? 106 MET A CG  1 
ATOM   827  S  SD  . MET A 1 101 ? 2.535   11.604  11.148  1.00 29.51  ? 106 MET A SD  1 
ATOM   828  C  CE  . MET A 1 101 ? 3.281   11.119  12.634  1.00 26.74  ? 106 MET A CE  1 
ATOM   829  N  N   . ALA A 1 102 ? 5.072   6.903   10.251  1.00 16.71  ? 107 ALA A N   1 
ATOM   830  C  CA  . ALA A 1 102 ? 6.480   6.691   9.836   1.00 16.56  ? 107 ALA A CA  1 
ATOM   831  C  C   . ALA A 1 102 ? 6.546   5.815   8.593   1.00 18.73  ? 107 ALA A C   1 
ATOM   832  O  O   . ALA A 1 102 ? 7.271   6.150   7.650   1.00 18.05  ? 107 ALA A O   1 
ATOM   833  C  CB  . ALA A 1 102 ? 7.296   6.074   10.971  1.00 17.31  ? 107 ALA A CB  1 
ATOM   834  N  N   . THR A 1 103 ? 5.708   4.748   8.540   1.00 14.08  ? 108 THR A N   1 
ATOM   835  C  CA  . THR A 1 103 ? 5.658   3.819   7.398   1.00 12.48  ? 108 THR A CA  1 
ATOM   836  C  C   . THR A 1 103 ? 5.081   4.478   6.120   1.00 15.18  ? 108 THR A C   1 
ATOM   837  O  O   . THR A 1 103 ? 5.633   4.244   5.064   1.00 15.93  ? 108 THR A O   1 
ATOM   838  C  CB  . THR A 1 103 ? 4.930   2.520   7.774   1.00 15.62  ? 108 THR A CB  1 
ATOM   839  O  OG1 . THR A 1 103 ? 5.360   2.126   9.066   1.00 20.79  ? 108 THR A OG1 1 
ATOM   840  C  CG2 . THR A 1 103 ? 5.203   1.379   6.774   1.00 14.13  ? 108 THR A CG2 1 
ATOM   841  N  N   . ALA A 1 104 ? 4.003   5.283   6.223   1.00 14.00  ? 109 ALA A N   1 
ATOM   842  C  CA  . ALA A 1 104 ? 3.375   5.988   5.088   1.00 15.34  ? 109 ALA A CA  1 
ATOM   843  C  C   . ALA A 1 104 ? 4.347   7.035   4.485   1.00 21.54  ? 109 ALA A C   1 
ATOM   844  O  O   . ALA A 1 104 ? 4.417   7.183   3.254   1.00 19.78  ? 109 ALA A O   1 
ATOM   845  C  CB  . ALA A 1 104 ? 2.080   6.678   5.544   1.00 15.99  ? 109 ALA A CB  1 
ATOM   846  N  N   . MET A 1 105 ? 5.092   7.737   5.361   1.00 18.95  ? 110 MET A N   1 
ATOM   847  C  CA  . MET A 1 105 ? 6.100   8.743   4.990   1.00 20.96  ? 110 MET A CA  1 
ATOM   848  C  C   . MET A 1 105 ? 7.167   8.053   4.174   1.00 23.61  ? 110 MET A C   1 
ATOM   849  O  O   . MET A 1 105 ? 7.531   8.526   3.110   1.00 22.83  ? 110 MET A O   1 
ATOM   850  C  CB  . MET A 1 105 ? 6.766   9.323   6.238   1.00 24.18  ? 110 MET A CB  1 
ATOM   851  C  CG  . MET A 1 105 ? 6.002   10.440  6.874   1.00 29.39  ? 110 MET A CG  1 
ATOM   852  S  SD  . MET A 1 105 ? 6.748   10.771  8.477   1.00 34.54  ? 110 MET A SD  1 
ATOM   853  C  CE  . MET A 1 105 ? 6.539   12.419  8.514   1.00 31.54  ? 110 MET A CE  1 
ATOM   854  N  N   . TYR A 1 106 ? 7.651   6.912   4.679   1.00 21.86  ? 111 TYR A N   1 
ATOM   855  C  CA  . TYR A 1 106 ? 8.664   6.093   4.026   1.00 20.72  ? 111 TYR A CA  1 
ATOM   856  C  C   . TYR A 1 106 ? 8.138   5.612   2.674   1.00 20.72  ? 111 TYR A C   1 
ATOM   857  O  O   . TYR A 1 106 ? 8.828   5.771   1.670   1.00 18.27  ? 111 TYR A O   1 
ATOM   858  C  CB  . TYR A 1 106 ? 9.042   4.915   4.941   1.00 22.60  ? 111 TYR A CB  1 
ATOM   859  C  CG  . TYR A 1 106 ? 9.986   3.919   4.306   1.00 24.82  ? 111 TYR A CG  1 
ATOM   860  C  CD1 . TYR A 1 106 ? 11.364  4.121   4.333   1.00 27.56  ? 111 TYR A CD1 1 
ATOM   861  C  CD2 . TYR A 1 106 ? 9.510   2.738   3.748   1.00 25.46  ? 111 TYR A CD2 1 
ATOM   862  C  CE1 . TYR A 1 106 ? 12.243  3.182   3.791   1.00 28.61  ? 111 TYR A CE1 1 
ATOM   863  C  CE2 . TYR A 1 106 ? 10.379  1.788   3.215   1.00 26.92  ? 111 TYR A CE2 1 
ATOM   864  C  CZ  . TYR A 1 106 ? 11.747  2.027   3.213   1.00 32.52  ? 111 TYR A CZ  1 
ATOM   865  O  OH  . TYR A 1 106 ? 12.618  1.104   2.685   1.00 29.25  ? 111 TYR A OH  1 
ATOM   866  N  N   . LEU A 1 107 ? 6.895   5.069   2.643   1.00 16.86  ? 112 LEU A N   1 
ATOM   867  C  CA  . LEU A 1 107 ? 6.272   4.574   1.404   1.00 16.65  ? 112 LEU A CA  1 
ATOM   868  C  C   . LEU A 1 107 ? 5.777   5.669   0.440   1.00 20.05  ? 112 LEU A C   1 
ATOM   869  O  O   . LEU A 1 107 ? 5.310   5.332   -0.654  1.00 19.44  ? 112 LEU A O   1 
ATOM   870  C  CB  . LEU A 1 107 ? 5.106   3.608   1.708   1.00 17.07  ? 112 LEU A CB  1 
ATOM   871  C  CG  . LEU A 1 107 ? 5.430   2.279   2.383   1.00 21.62  ? 112 LEU A CG  1 
ATOM   872  C  CD1 . LEU A 1 107 ? 4.151   1.503   2.625   1.00 22.49  ? 112 LEU A CD1 1 
ATOM   873  C  CD2 . LEU A 1 107 ? 6.412   1.442   1.548   1.00 21.07  ? 112 LEU A CD2 1 
ATOM   874  N  N   . GLN A 1 108 ? 5.847   6.956   0.842   1.00 16.40  ? 113 GLN A N   1 
ATOM   875  C  CA  . GLN A 1 108 ? 5.380   8.113   0.039   1.00 15.83  ? 113 GLN A CA  1 
ATOM   876  C  C   . GLN A 1 108 ? 3.905   7.941   -0.357  1.00 21.21  ? 113 GLN A C   1 
ATOM   877  O  O   . GLN A 1 108 ? 3.550   7.764   -1.533  1.00 19.01  ? 113 GLN A O   1 
ATOM   878  C  CB  . GLN A 1 108 ? 6.267   8.371   -1.195  1.00 16.71  ? 113 GLN A CB  1 
ATOM   879  C  CG  . GLN A 1 108 ? 7.751   8.521   -0.876  1.00 21.50  ? 113 GLN A CG  1 
ATOM   880  C  CD  . GLN A 1 108 ? 8.615   8.450   -2.096  1.00 32.88  ? 113 GLN A CD  1 
ATOM   881  O  OE1 . GLN A 1 108 ? 8.172   8.679   -3.229  1.00 23.72  ? 113 GLN A OE1 1 
ATOM   882  N  NE2 . GLN A 1 108 ? 9.877   8.125   -1.883  1.00 30.43  ? 113 GLN A NE2 1 
ATOM   883  N  N   . MET A 1 109 ? 3.055   7.948   0.665   1.00 17.23  ? 114 MET A N   1 
ATOM   884  C  CA  . MET A 1 109 ? 1.616   7.807   0.531   1.00 15.99  ? 114 MET A CA  1 
ATOM   885  C  C   . MET A 1 109 ? 1.084   9.108   1.109   1.00 21.24  ? 114 MET A C   1 
ATOM   886  O  O   . MET A 1 109 ? 0.758   9.185   2.284   1.00 18.62  ? 114 MET A O   1 
ATOM   887  C  CB  . MET A 1 109 ? 1.153   6.580   1.337   1.00 17.47  ? 114 MET A CB  1 
ATOM   888  C  CG  . MET A 1 109 ? 1.795   5.271   0.864   1.00 18.84  ? 114 MET A CG  1 
ATOM   889  S  SD  . MET A 1 109 ? 1.228   3.799   1.750   1.00 20.44  ? 114 MET A SD  1 
ATOM   890  C  CE  . MET A 1 109 ? -0.548  3.710   1.159   1.00 16.74  ? 114 MET A CE  1 
ATOM   891  N  N   . GLU A 1 110 ? 1.066   10.155  0.279   1.00 20.74  ? 115 GLU A N   1 
ATOM   892  C  CA  . GLU A 1 110 ? 0.713   11.515  0.685   1.00 21.29  ? 115 GLU A CA  1 
ATOM   893  C  C   . GLU A 1 110 ? -0.623  11.648  1.401   1.00 24.63  ? 115 GLU A C   1 
ATOM   894  O  O   . GLU A 1 110 ? -0.671  12.370  2.402   1.00 23.51  ? 115 GLU A O   1 
ATOM   895  C  CB  . GLU A 1 110 ? 0.796   12.505  -0.500  1.00 22.92  ? 115 GLU A CB  1 
ATOM   896  C  CG  . GLU A 1 110 ? -0.204  12.331  -1.626  1.00 33.82  ? 115 GLU A CG  1 
ATOM   897  C  CD  . GLU A 1 110 ? -0.069  13.348  -2.742  1.00 62.45  ? 115 GLU A CD  1 
ATOM   898  O  OE1 . GLU A 1 110 ? 0.662   14.351  -2.559  1.00 56.57  ? 115 GLU A OE1 1 
ATOM   899  O  OE2 . GLU A 1 110 ? -0.709  13.148  -3.800  1.00 59.79  ? 115 GLU A OE2 1 
ATOM   900  N  N   . HIS A 1 111 ? -1.698  10.956  0.912   1.00 21.09  ? 116 HIS A N   1 
ATOM   901  C  CA  . HIS A 1 111 ? -3.015  11.035  1.527   1.00 20.65  ? 116 HIS A CA  1 
ATOM   902  C  C   . HIS A 1 111 ? -3.054  10.370  2.865   1.00 19.17  ? 116 HIS A C   1 
ATOM   903  O  O   . HIS A 1 111 ? -3.613  10.967  3.782   1.00 20.43  ? 116 HIS A O   1 
ATOM   904  C  CB  . HIS A 1 111 ? -4.142  10.551  0.611   1.00 23.14  ? 116 HIS A CB  1 
ATOM   905  C  CG  . HIS A 1 111 ? -4.308  11.403  -0.605  1.00 28.01  ? 116 HIS A CG  1 
ATOM   906  N  ND1 . HIS A 1 111 ? -4.505  10.843  -1.861  1.00 30.43  ? 116 HIS A ND1 1 
ATOM   907  C  CD2 . HIS A 1 111 ? -4.243  12.749  -0.732  1.00 29.80  ? 116 HIS A CD2 1 
ATOM   908  C  CE1 . HIS A 1 111 ? -4.577  11.867  -2.699  1.00 29.87  ? 116 HIS A CE1 1 
ATOM   909  N  NE2 . HIS A 1 111 ? -4.433  13.031  -2.066  1.00 30.10  ? 116 HIS A NE2 1 
ATOM   910  N  N   . VAL A 1 112 ? -2.404  9.200   3.026   1.00 13.17  ? 117 VAL A N   1 
ATOM   911  C  CA  . VAL A 1 112 ? -2.302  8.547   4.349   1.00 13.48  ? 117 VAL A CA  1 
ATOM   912  C  C   . VAL A 1 112 ? -1.547  9.506   5.311   1.00 18.75  ? 117 VAL A C   1 
ATOM   913  O  O   . VAL A 1 112 ? -1.998  9.721   6.451   1.00 17.20  ? 117 VAL A O   1 
ATOM   914  C  CB  . VAL A 1 112 ? -1.672  7.128   4.316   1.00 17.32  ? 117 VAL A CB  1 
ATOM   915  C  CG1 . VAL A 1 112 ? -1.667  6.517   5.715   1.00 16.90  ? 117 VAL A CG1 1 
ATOM   916  C  CG2 . VAL A 1 112 ? -2.443  6.221   3.361   1.00 17.34  ? 117 VAL A CG2 1 
ATOM   917  N  N   . VAL A 1 113 ? -0.427  10.101  4.816   1.00 16.26  ? 118 VAL A N   1 
ATOM   918  C  CA  . VAL A 1 113 ? 0.394   11.068  5.565   1.00 16.60  ? 118 VAL A CA  1 
ATOM   919  C  C   . VAL A 1 113 ? -0.466  12.249  6.051   1.00 22.08  ? 118 VAL A C   1 
ATOM   920  O  O   . VAL A 1 113 ? -0.433  12.583  7.234   1.00 22.69  ? 118 VAL A O   1 
ATOM   921  C  CB  . VAL A 1 113 ? 1.671   11.511  4.794   1.00 19.93  ? 118 VAL A CB  1 
ATOM   922  C  CG1 . VAL A 1 113 ? 2.343   12.707  5.466   1.00 19.76  ? 118 VAL A CG1 1 
ATOM   923  C  CG2 . VAL A 1 113 ? 2.666   10.364  4.668   1.00 19.27  ? 118 VAL A CG2 1 
ATOM   924  N  N   . ASP A 1 114 ? -1.261  12.830  5.143   1.00 21.02  ? 119 ASP A N   1 
ATOM   925  C  CA  . ASP A 1 114 ? -2.196  13.924  5.413   1.00 21.85  ? 119 ASP A CA  1 
ATOM   926  C  C   . ASP A 1 114 ? -3.232  13.558  6.510   1.00 23.39  ? 119 ASP A C   1 
ATOM   927  O  O   . ASP A 1 114 ? -3.430  14.343  7.427   1.00 23.01  ? 119 ASP A O   1 
ATOM   928  C  CB  . ASP A 1 114 ? -2.885  14.346  4.109   1.00 24.60  ? 119 ASP A CB  1 
ATOM   929  C  CG  . ASP A 1 114 ? -3.188  15.830  4.056   1.00 43.72  ? 119 ASP A CG  1 
ATOM   930  O  OD1 . ASP A 1 114 ? -3.958  16.310  4.915   1.00 42.55  ? 119 ASP A OD1 1 
ATOM   931  O  OD2 . ASP A 1 114 ? -2.652  16.514  3.148   1.00 56.65  ? 119 ASP A OD2 1 
ATOM   932  N  N   . THR A 1 115 ? -3.856  12.361  6.425   1.00 20.32  ? 120 THR A N   1 
ATOM   933  C  CA  . THR A 1 115 ? -4.824  11.816  7.398   1.00 19.18  ? 120 THR A CA  1 
ATOM   934  C  C   . THR A 1 115 ? -4.180  11.600  8.784   1.00 23.49  ? 120 THR A C   1 
ATOM   935  O  O   . THR A 1 115 ? -4.811  11.875  9.805   1.00 23.00  ? 120 THR A O   1 
ATOM   936  C  CB  . THR A 1 115 ? -5.464  10.533  6.823   1.00 23.88  ? 120 THR A CB  1 
ATOM   937  O  OG1 . THR A 1 115 ? -6.073  10.833  5.563   1.00 21.43  ? 120 THR A OG1 1 
ATOM   938  C  CG2 . THR A 1 115 ? -6.464  9.870   7.777   1.00 16.52  ? 120 THR A CG2 1 
ATOM   939  N  N   . CYS A 1 116 ? -2.930  11.091  8.810   1.00 21.24  ? 121 CYS A N   1 
ATOM   940  C  CA  . CYS A 1 116 ? -2.146  10.895  10.027  1.00 21.87  ? 121 CYS A CA  1 
ATOM   941  C  C   . CYS A 1 116 ? -1.931  12.266  10.696  1.00 28.56  ? 121 CYS A C   1 
ATOM   942  O  O   . CYS A 1 116 ? -2.116  12.374  11.909  1.00 29.71  ? 121 CYS A O   1 
ATOM   943  C  CB  . CYS A 1 116 ? -0.818  10.216  9.711   1.00 21.41  ? 121 CYS A CB  1 
ATOM   944  S  SG  . CYS A 1 116 ? -0.936  8.430   9.453   1.00 24.95  ? 121 CYS A SG  1 
ATOM   945  N  N   . ARG A 1 117 ? -1.596  13.314  9.897   1.00 25.98  ? 122 ARG A N   1 
ATOM   946  C  CA  . ARG A 1 117 ? -1.425  14.694  10.375  1.00 26.25  ? 122 ARG A CA  1 
ATOM   947  C  C   . ARG A 1 117 ? -2.750  15.227  10.960  1.00 32.60  ? 122 ARG A C   1 
ATOM   948  O  O   . ARG A 1 117 ? -2.739  15.914  11.983  1.00 32.81  ? 122 ARG A O   1 
ATOM   949  C  CB  . ARG A 1 117 ? -0.981  15.616  9.234   1.00 24.63  ? 122 ARG A CB  1 
ATOM   950  C  CG  . ARG A 1 117 ? 0.518   15.663  9.010   1.00 27.66  ? 122 ARG A CG  1 
ATOM   951  C  CD  . ARG A 1 117 ? 0.896   16.707  7.972   1.00 36.14  ? 122 ARG A CD  1 
ATOM   952  N  NE  . ARG A 1 117 ? 0.751   18.069  8.486   1.00 50.28  ? 122 ARG A NE  1 
ATOM   953  C  CZ  . ARG A 1 117 ? 1.638   19.044  8.310   1.00 56.03  ? 122 ARG A CZ  1 
ATOM   954  N  NH1 . ARG A 1 117 ? 1.410   20.249  8.807   1.00 37.03  ? 122 ARG A NH1 1 
ATOM   955  N  NH2 . ARG A 1 117 ? 2.757   18.820  7.635   1.00 43.66  ? 122 ARG A NH2 1 
ATOM   956  N  N   . LYS A 1 118 ? -3.883  14.914  10.307  1.00 29.07  ? 123 LYS A N   1 
ATOM   957  C  CA  . LYS A 1 118 ? -5.203  15.335  10.775  1.00 29.12  ? 123 LYS A CA  1 
ATOM   958  C  C   . LYS A 1 118 ? -5.571  14.602  12.057  1.00 34.42  ? 123 LYS A C   1 
ATOM   959  O  O   . LYS A 1 118 ? -6.135  15.223  12.959  1.00 34.80  ? 123 LYS A O   1 
ATOM   960  C  CB  . LYS A 1 118 ? -6.275  15.145  9.694   1.00 30.12  ? 123 LYS A CB  1 
ATOM   961  C  CG  . LYS A 1 118 ? -6.217  16.219  8.616   1.00 35.71  ? 123 LYS A CG  1 
ATOM   962  C  CD  . LYS A 1 118 ? -6.984  15.824  7.371   1.00 39.32  ? 123 LYS A CD  1 
ATOM   963  C  CE  . LYS A 1 118 ? -6.996  16.937  6.361   1.00 48.28  ? 123 LYS A CE  1 
ATOM   964  N  NZ  . LYS A 1 118 ? -7.246  16.432  4.987   1.00 56.32  ? 123 LYS A NZ  1 
ATOM   965  N  N   . PHE A 1 119 ? -5.212  13.305  12.162  1.00 31.17  ? 124 PHE A N   1 
ATOM   966  C  CA  . PHE A 1 119 ? -5.478  12.482  13.345  1.00 32.01  ? 124 PHE A CA  1 
ATOM   967  C  C   . PHE A 1 119 ? -4.783  13.100  14.566  1.00 38.72  ? 124 PHE A C   1 
ATOM   968  O  O   . PHE A 1 119 ? -5.432  13.292  15.591  1.00 37.19  ? 124 PHE A O   1 
ATOM   969  C  CB  . PHE A 1 119 ? -5.003  11.040  13.125  1.00 33.74  ? 124 PHE A CB  1 
ATOM   970  C  CG  . PHE A 1 119 ? -5.417  10.039  14.180  1.00 35.03  ? 124 PHE A CG  1 
ATOM   971  C  CD1 . PHE A 1 119 ? -4.585  9.753   15.257  1.00 37.98  ? 124 PHE A CD1 1 
ATOM   972  C  CD2 . PHE A 1 119 ? -6.616  9.344   14.069  1.00 37.12  ? 124 PHE A CD2 1 
ATOM   973  C  CE1 . PHE A 1 119 ? -4.961  8.813   16.224  1.00 39.14  ? 124 PHE A CE1 1 
ATOM   974  C  CE2 . PHE A 1 119 ? -6.988  8.396   15.028  1.00 39.78  ? 124 PHE A CE2 1 
ATOM   975  C  CZ  . PHE A 1 119 ? -6.159  8.135   16.098  1.00 38.17  ? 124 PHE A CZ  1 
ATOM   976  N  N   . ILE A 1 120 ? -3.481  13.460  14.425  1.00 37.40  ? 125 ILE A N   1 
ATOM   977  C  CA  . ILE A 1 120 ? -2.672  14.088  15.478  1.00 37.77  ? 125 ILE A CA  1 
ATOM   978  C  C   . ILE A 1 120 ? -3.307  15.415  15.939  1.00 43.33  ? 125 ILE A C   1 
ATOM   979  O  O   . ILE A 1 120 ? -3.493  15.610  17.146  1.00 43.45  ? 125 ILE A O   1 
ATOM   980  C  CB  . ILE A 1 120 ? -1.191  14.199  15.023  1.00 40.55  ? 125 ILE A CB  1 
ATOM   981  C  CG1 . ILE A 1 120 ? -0.523  12.816  15.111  1.00 40.58  ? 125 ILE A CG1 1 
ATOM   982  C  CG2 . ILE A 1 120 ? -0.398  15.235  15.843  1.00 41.36  ? 125 ILE A CG2 1 
ATOM   983  C  CD1 . ILE A 1 120 ? 0.433   12.538  14.043  1.00 46.48  ? 125 ILE A CD1 1 
ATOM   984  N  N   . LYS A 1 121 ? -3.722  16.268  14.977  1.00 40.30  ? 126 LYS A N   1 
ATOM   985  C  CA  . LYS A 1 121 ? -4.399  17.544  15.230  1.00 40.31  ? 126 LYS A CA  1 
ATOM   986  C  C   . LYS A 1 121 ? -5.699  17.343  16.040  1.00 44.86  ? 126 LYS A C   1 
ATOM   987  O  O   . LYS A 1 121 ? -6.039  18.182  16.882  1.00 45.30  ? 126 LYS A O   1 
ATOM   988  C  CB  . LYS A 1 121 ? -4.665  18.281  13.900  1.00 41.95  ? 126 LYS A CB  1 
ATOM   989  C  CG  . LYS A 1 121 ? -4.889  19.772  14.048  1.00 52.47  ? 126 LYS A CG  1 
ATOM   990  C  CD  . LYS A 1 121 ? -4.773  20.487  12.718  1.00 64.07  ? 126 LYS A CD  1 
ATOM   991  C  CE  . LYS A 1 121 ? -5.007  21.973  12.865  1.00 79.14  ? 126 LYS A CE  1 
ATOM   992  N  NZ  . LYS A 1 121 ? -4.982  22.671  11.552  1.00 89.48  ? 126 LYS A NZ  1 
ATOM   993  N  N   . ALA A 1 122 ? -6.388  16.207  15.810  1.00 40.24  ? 127 ALA A N   1 
ATOM   994  C  CA  . ALA A 1 122 ? -7.626  15.813  16.479  1.00 39.53  ? 127 ALA A CA  1 
ATOM   995  C  C   . ALA A 1 122 ? -7.370  15.015  17.783  1.00 42.92  ? 127 ALA A C   1 
ATOM   996  O  O   . ALA A 1 122 ? -8.292  14.840  18.584  1.00 43.65  ? 127 ALA A O   1 
ATOM   997  C  CB  . ALA A 1 122 ? -8.481  15.001  15.520  1.00 40.37  ? 127 ALA A CB  1 
ATOM   998  N  N   . SER A 1 123 ? -6.129  14.535  17.986  1.00 37.68  ? 128 SER A N   1 
ATOM   999  C  CA  . SER A 1 123 ? -5.701  13.754  19.148  1.00 44.09  ? 128 SER A CA  1 
ATOM   1000 C  C   . SER A 1 123 ? -5.254  14.707  20.253  1.00 79.34  ? 128 SER A C   1 
ATOM   1001 O  O   . SER A 1 123 ? -5.645  14.545  21.407  1.00 40.42  ? 128 SER A O   1 
ATOM   1002 C  CB  . SER A 1 123 ? -4.551  12.826  18.764  1.00 47.19  ? 128 SER A CB  1 
ATOM   1003 O  OG  . SER A 1 123 ? -4.090  12.033  19.846  1.00 56.71  ? 128 SER A OG  1 
HETATM 1004 CL CL  . CL  B 2 .   ? -2.176  7.747   0.047   1.00 27.15  ? 201 CL  A CL  1 
HETATM 1005 C  C1  . C0Q C 3 .   ? 2.582   8.679   -5.462  1.00 70.04  ? 202 C0Q A C1  1 
HETATM 1006 C  C2  . C0Q C 3 .   ? 1.401   7.889   -5.399  1.00 68.65  ? 202 C0Q A C2  1 
HETATM 1007 C  C3  . C0Q C 3 .   ? 1.091   7.040   -6.458  1.00 68.30  ? 202 C0Q A C3  1 
HETATM 1008 C  C7  . C0Q C 3 .   ? 5.171   9.785   -7.818  1.00 72.94  ? 202 C0Q A C7  1 
HETATM 1009 C  C8  . C0Q C 3 .   ? 4.569   11.066  -8.292  1.00 73.47  ? 202 C0Q A C8  1 
HETATM 1010 C  C9  . C0Q C 3 .   ? 3.160   10.714  -10.211 1.00 75.55  ? 202 C0Q A C9  1 
HETATM 1011 C  C10 . C0Q C 3 .   ? 1.698   10.782  -10.626 1.00 75.61  ? 202 C0Q A C10 1 
HETATM 1012 C  C11 . C0Q C 3 .   ? 1.313   12.283  -10.895 1.00 75.40  ? 202 C0Q A C11 1 
HETATM 1013 C  C12 . C0Q C 3 .   ? 0.924   11.767  -13.213 1.00 74.52  ? 202 C0Q A C12 1 
HETATM 1014 C  C13 . C0Q C 3 .   ? 1.448   10.355  -13.104 1.00 74.44  ? 202 C0Q A C13 1 
HETATM 1015 C  C14 . C0Q C 3 .   ? 1.237   8.437   -11.474 1.00 73.74  ? 202 C0Q A C14 1 
HETATM 1016 C  C15 . C0Q C 3 .   ? 0.764   6.356   -12.262 1.00 72.92  ? 202 C0Q A C15 1 
HETATM 1017 C  C16 . C0Q C 3 .   ? 0.950   5.824   -10.998 1.00 72.45  ? 202 C0Q A C16 1 
HETATM 1018 C  C19 . C0Q C 3 .   ? 0.606   9.090   -3.362  1.00 68.08  ? 202 C0Q A C19 1 
HETATM 1019 C  C20 . C0Q C 3 .   ? 1.971   9.720   -3.301  1.00 68.92  ? 202 C0Q A C20 1 
HETATM 1020 O  O2  . C0Q C 3 .   ? 2.224   10.485  -2.387  1.00 68.60  ? 202 C0Q A O2  1 
HETATM 1021 N  N   . C0Q C 3 .   ? 2.853   9.538   -4.341  1.00 69.68  ? 202 C0Q A N   1 
HETATM 1022 C  C   . C0Q C 3 .   ? 4.095   10.314  -4.321  1.00 70.04  ? 202 C0Q A C   1 
HETATM 1023 C  C18 . C0Q C 3 .   ? 0.582   7.809   -4.137  1.00 67.63  ? 202 C0Q A C18 1 
HETATM 1024 C  C4  . C0Q C 3 .   ? 1.926   6.947   -7.565  1.00 69.51  ? 202 C0Q A C4  1 
HETATM 1025 N  N5  . C0Q C 3 .   ? 1.540   6.219   -8.705  1.00 70.66  ? 202 C0Q A N5  1 
HETATM 1026 C  C17 . C0Q C 3 .   ? 1.313   6.694   -9.970  1.00 71.96  ? 202 C0Q A C17 1 
HETATM 1027 CL CL  . C0Q C 3 .   ? 0.792   4.118   -10.753 1.00 72.96  ? 202 C0Q A CL  1 
HETATM 1028 N  N3  . C0Q C 3 .   ? 0.907   7.661   -12.526 1.00 73.49  ? 202 C0Q A N3  1 
HETATM 1029 N  N4  . C0Q C 3 .   ? 1.463   8.007   -10.212 1.00 72.66  ? 202 C0Q A N4  1 
HETATM 1030 N  N2  . C0Q C 3 .   ? 1.418   9.838   -11.730 1.00 74.80  ? 202 C0Q A N2  1 
HETATM 1031 N  N1  . C0Q C 3 .   ? 1.620   12.636  -12.279 1.00 75.27  ? 202 C0Q A N1  1 
HETATM 1032 O  O1  . C0Q C 3 .   ? 3.255   10.847  -8.795  1.00 74.43  ? 202 C0Q A O1  1 
HETATM 1033 O  O   . C0Q C 3 .   ? 4.547   9.360   -6.591  1.00 71.88  ? 202 C0Q A O   1 
HETATM 1034 C  C6  . C0Q C 3 .   ? 3.405   8.594   -6.599  1.00 70.91  ? 202 C0Q A C6  1 
HETATM 1035 C  C5  . C0Q C 3 .   ? 3.085   7.719   -7.629  1.00 70.20  ? 202 C0Q A C5  1 
HETATM 1036 H  H4  . C0Q C 3 .   ? 0.289   6.316   -6.316  1.00 68.31  ? 202 C0Q A H4  1 
HETATM 1037 H  H6  . C0Q C 3 .   ? 5.223   9.042   -8.610  1.00 73.05  ? 202 C0Q A H6  1 
HETATM 1038 H  H7  . C0Q C 3 .   ? 6.198   9.955   -7.502  1.00 73.13  ? 202 C0Q A H7  1 
HETATM 1039 H  H9  . C0Q C 3 .   ? 4.494   11.787  -7.479  1.00 73.50  ? 202 C0Q A H9  1 
HETATM 1040 H  H8  . C0Q C 3 .   ? 5.251   11.515  -9.012  1.00 73.45  ? 202 C0Q A H8  1 
HETATM 1041 H  H11 . C0Q C 3 .   ? 3.757   11.463  -10.730 1.00 75.66  ? 202 C0Q A H11 1 
HETATM 1042 H  H10 . C0Q C 3 .   ? 3.607   9.760   -10.484 1.00 75.62  ? 202 C0Q A H10 1 
HETATM 1043 H  H   . C0Q C 3 .   ? 1.082   10.499  -9.774  1.00 75.63  ? 202 C0Q A H   1 
HETATM 1044 H  H13 . C0Q C 3 .   ? 1.813   12.905  -10.154 1.00 75.35  ? 202 C0Q A H13 1 
HETATM 1045 H  H12 . C0Q C 3 .   ? 0.250   12.433  -10.714 1.00 75.38  ? 202 C0Q A H12 1 
HETATM 1046 H  H16 . C0Q C 3 .   ? -0.136  11.793  -12.975 1.00 74.45  ? 202 C0Q A H16 1 
HETATM 1047 H  H15 . C0Q C 3 .   ? 0.981   12.101  -14.249 1.00 74.50  ? 202 C0Q A H15 1 
HETATM 1048 H  H17 . C0Q C 3 .   ? 2.483   10.291  -13.432 1.00 74.37  ? 202 C0Q A H17 1 
HETATM 1049 H  H18 . C0Q C 3 .   ? 0.900   9.735   -13.811 1.00 74.49  ? 202 C0Q A H18 1 
HETATM 1050 H  H19 . C0Q C 3 .   ? 0.457   5.721   -13.091 1.00 72.64  ? 202 C0Q A H19 1 
HETATM 1051 H  H23 . C0Q C 3 .   ? 0.242   8.952   -2.346  1.00 67.91  ? 202 C0Q A H23 1 
HETATM 1052 H  H24 . C0Q C 3 .   ? -0.092  9.804   -3.800  1.00 68.14  ? 202 C0Q A H24 1 
HETATM 1053 H  H1  . C0Q C 3 .   ? 4.997   9.705   -4.338  1.00 70.11  ? 202 C0Q A H1  1 
HETATM 1054 H  H3  . C0Q C 3 .   ? 4.185   10.957  -3.448  1.00 70.00  ? 202 C0Q A H3  1 
HETATM 1055 H  H2  . C0Q C 3 .   ? 4.168   11.014  -5.152  1.00 70.00  ? 202 C0Q A H2  1 
HETATM 1056 H  H21 . C0Q C 3 .   ? 0.941   7.006   -3.498  1.00 67.56  ? 202 C0Q A H21 1 
HETATM 1057 H  H22 . C0Q C 3 .   ? -0.442  7.546   -4.396  1.00 67.61  ? 202 C0Q A H22 1 
HETATM 1058 H  H20 . C0Q C 3 .   ? 1.170   5.293   -8.515  1.00 70.61  ? 202 C0Q A H20 1 
HETATM 1059 H  H25 . C0Q C 3 .   ? 2.620   12.651  -12.456 1.00 75.24  ? 202 C0Q A H25 1 
HETATM 1060 H  H5  . C0Q C 3 .   ? 3.582   7.803   -8.593  1.00 70.14  ? 202 C0Q A H5  1 
HETATM 1061 O  O   . HOH D 4 .   ? 8.209   -12.712 -5.418  1.00 29.07  ? 301 HOH A O   1 
HETATM 1062 O  O   . HOH D 4 .   ? 1.373   -6.560  -11.224 1.00 29.78  ? 302 HOH A O   1 
HETATM 1063 O  O   . HOH D 4 .   ? -5.528  -0.754  7.298   1.00 18.19  ? 303 HOH A O   1 
HETATM 1064 O  O   . HOH D 4 .   ? -5.116  -7.891  7.834   1.00 28.98  ? 304 HOH A O   1 
HETATM 1065 O  O   . HOH D 4 .   ? 13.357  -4.864  6.781   1.00 57.88  ? 305 HOH A O   1 
HETATM 1066 O  O   . HOH D 4 .   ? -7.889  17.200  12.502  1.00 47.70  ? 306 HOH A O   1 
HETATM 1067 O  O   . HOH D 4 .   ? 9.413   7.726   7.998   1.00 29.76  ? 307 HOH A O   1 
HETATM 1068 O  O   . HOH D 4 .   ? -0.861  -13.300 -1.856  1.00 24.44  ? 308 HOH A O   1 
HETATM 1069 O  O   . HOH D 4 .   ? -9.859  -10.751 0.505   1.00 29.66  ? 309 HOH A O   1 
HETATM 1070 O  O   . HOH D 4 .   ? -3.394  5.918   -4.708  1.00 23.93  ? 310 HOH A O   1 
HETATM 1071 O  O   . HOH D 4 .   ? -25.059 10.257  -19.754 1.00 32.00  ? 311 HOH A O   1 
HETATM 1072 O  O   . HOH D 4 .   ? 0.529   -1.275  17.370  1.00 42.35  ? 312 HOH A O   1 
HETATM 1073 O  O   . HOH D 4 .   ? -0.328  -9.854  1.246   1.00 17.73  ? 313 HOH A O   1 
HETATM 1074 O  O   . HOH D 4 .   ? 4.060   -7.875  13.008  1.00 44.30  ? 314 HOH A O   1 
HETATM 1075 O  O   . HOH D 4 .   ? 13.900  -5.404  -14.109 1.00 21.24  ? 315 HOH A O   1 
HETATM 1076 O  O   . HOH D 4 .   ? 7.692   2.022   10.426  1.00 33.58  ? 316 HOH A O   1 
HETATM 1077 O  O   . HOH D 4 .   ? 1.569   -15.589 -8.543  1.00 33.43  ? 317 HOH A O   1 
HETATM 1078 O  O   . HOH D 4 .   ? 2.585   -0.651  14.668  1.00 37.93  ? 318 HOH A O   1 
HETATM 1079 O  O   . HOH D 4 .   ? -5.862  -10.049 0.925   1.00 26.03  ? 319 HOH A O   1 
HETATM 1080 O  O   . HOH D 4 .   ? -16.237 3.124   -6.089  1.00 24.64  ? 320 HOH A O   1 
HETATM 1081 O  O   . HOH D 4 .   ? 11.661  -3.641  8.510   1.00 40.40  ? 321 HOH A O   1 
HETATM 1082 O  O   . HOH D 4 .   ? 15.324  -5.837  -4.035  1.00 44.38  ? 322 HOH A O   1 
HETATM 1083 O  O   . HOH D 4 .   ? -5.577  -3.353  8.537   1.00 19.79  ? 323 HOH A O   1 
HETATM 1084 O  O   . HOH D 4 .   ? 10.661  7.669   1.018   1.00 28.72  ? 324 HOH A O   1 
HETATM 1085 O  O   . HOH D 4 .   ? -16.280 4.008   -9.413  1.00 21.88  ? 325 HOH A O   1 
HETATM 1086 O  O   . HOH D 4 .   ? 6.695   11.006  2.345   1.00 22.71  ? 326 HOH A O   1 
HETATM 1087 O  O   . HOH D 4 .   ? -1.524  -6.670  -12.073 0.50 49.38  ? 327 HOH A O   1 
HETATM 1088 O  O   . HOH D 4 .   ? -14.323 5.685   -20.362 1.00 20.66  ? 328 HOH A O   1 
HETATM 1089 O  O   . HOH D 4 .   ? 12.026  6.011   -11.166 1.00 41.00  ? 329 HOH A O   1 
HETATM 1090 O  O   . HOH D 4 .   ? 17.576  4.002   -13.857 1.00 34.77  ? 330 HOH A O   1 
HETATM 1091 O  O   . HOH D 4 .   ? -3.516  -17.434 -0.599  1.00 30.67  ? 331 HOH A O   1 
HETATM 1092 O  O   . HOH D 4 .   ? -6.424  -18.313 -0.264  1.00 30.03  ? 332 HOH A O   1 
HETATM 1093 O  O   . HOH D 4 .   ? 6.149   -13.920 -7.733  1.00 37.80  ? 333 HOH A O   1 
HETATM 1094 O  O   . HOH D 4 .   ? -2.678  -8.208  4.582   1.00 31.35  ? 334 HOH A O   1 
HETATM 1095 O  O   . HOH D 4 .   ? 4.157   -3.594  16.245  1.00 50.43  ? 335 HOH A O   1 
HETATM 1096 O  O   . HOH D 4 .   ? -11.373 -4.066  -0.958  1.00 16.79  ? 336 HOH A O   1 
HETATM 1097 O  O   . HOH D 4 .   ? 6.240   -3.564  -18.130 1.00 24.82  ? 337 HOH A O   1 
HETATM 1098 O  O   . HOH D 4 .   ? -18.991 -2.619  -12.378 1.00 26.76  ? 338 HOH A O   1 
HETATM 1099 O  O   . HOH D 4 .   ? -13.280 -2.137  -2.028  1.00 14.04  ? 339 HOH A O   1 
HETATM 1100 O  O   . HOH D 4 .   ? 7.100   11.256  -3.751  1.00 51.48  ? 340 HOH A O   1 
HETATM 1101 O  O   . HOH D 4 .   ? -24.442 4.142   -12.936 1.00 32.36  ? 341 HOH A O   1 
HETATM 1102 O  O   . HOH D 4 .   ? -24.432 7.377   -11.241 1.00 41.55  ? 342 HOH A O   1 
HETATM 1103 O  O   . HOH D 4 .   ? 13.692  -5.457  -16.958 1.00 22.51  ? 343 HOH A O   1 
HETATM 1104 O  O   . HOH D 4 .   ? -2.370  5.380   -1.713  1.00 24.29  ? 344 HOH A O   1 
HETATM 1105 O  O   . HOH D 4 .   ? 1.200   14.526  2.580   1.00 38.02  ? 345 HOH A O   1 
HETATM 1106 O  O   . HOH D 4 .   ? -5.237  -3.958  11.161  1.00 26.55  ? 346 HOH A O   1 
HETATM 1107 O  O   . HOH D 4 .   ? -8.083  -16.241 0.907   1.00 37.64  ? 347 HOH A O   1 
HETATM 1108 O  O   . HOH D 4 .   ? -4.772  2.573   20.592  1.00 37.85  ? 348 HOH A O   1 
HETATM 1109 O  O   . HOH D 4 .   ? -2.791  9.560   -3.803  1.00 52.52  ? 349 HOH A O   1 
HETATM 1110 O  O   . HOH D 4 .   ? -0.232  -9.085  -12.003 1.00 29.89  ? 350 HOH A O   1 
HETATM 1111 O  O   . HOH D 4 .   ? 5.169   -5.469  13.695  1.00 38.27  ? 351 HOH A O   1 
HETATM 1112 O  O   . HOH D 4 .   ? 15.361  -4.270  -1.833  1.00 30.02  ? 352 HOH A O   1 
HETATM 1113 O  O   . HOH D 4 .   ? -16.527 -6.741  -6.392  1.00 28.03  ? 353 HOH A O   1 
HETATM 1114 O  O   . HOH D 4 .   ? -4.175  -4.422  -10.751 0.50 40.40  ? 354 HOH A O   1 
HETATM 1115 O  O   . HOH D 4 .   ? 7.336   5.886   14.580  1.00 27.79  ? 355 HOH A O   1 
HETATM 1116 O  O   . HOH D 4 .   ? -7.258  -7.022  3.436   1.00 22.71  ? 356 HOH A O   1 
HETATM 1117 O  O   . HOH D 4 .   ? 4.612   11.727  -1.128  1.00 31.28  ? 357 HOH A O   1 
HETATM 1118 O  O   . HOH D 4 .   ? 3.219   3.639   17.000  1.00 22.59  ? 358 HOH A O   1 
HETATM 1119 O  O   . HOH D 4 .   ? 1.364   -12.513 1.805   1.00 23.74  ? 359 HOH A O   1 
HETATM 1120 O  O   . HOH D 4 .   ? -8.614  -21.309 -8.764  1.00 34.35  ? 360 HOH A O   1 
HETATM 1121 O  O   . HOH D 4 .   ? 1.365   -7.462  11.003  1.00 77.44  ? 361 HOH A O   1 
HETATM 1122 O  O   . HOH D 4 .   ? 11.536  7.699   -4.344  1.00 30.69  ? 362 HOH A O   1 
HETATM 1123 O  O   . HOH D 4 .   ? -12.876 0.533   -1.782  1.00 20.75  ? 363 HOH A O   1 
HETATM 1124 O  O   . HOH D 4 .   ? -21.871 1.581   -9.833  1.00 27.12  ? 364 HOH A O   1 
HETATM 1125 O  O   . HOH D 4 .   ? 10.320  -8.845  12.356  1.00 54.02  ? 365 HOH A O   1 
HETATM 1126 O  O   . HOH D 4 .   ? 1.707   5.561   18.222  1.00 28.67  ? 366 HOH A O   1 
HETATM 1127 O  O   . HOH D 4 .   ? -11.457 -6.235  0.607   1.00 24.28  ? 367 HOH A O   1 
HETATM 1128 O  O   . HOH D 4 .   ? 6.953   -15.284 -1.457  1.00 37.73  ? 368 HOH A O   1 
HETATM 1129 O  O   . HOH D 4 .   ? 8.259   -14.793 6.739   1.00 61.82  ? 369 HOH A O   1 
HETATM 1130 O  O   . HOH D 4 .   ? -23.771 4.147   -9.906  1.00 24.84  ? 370 HOH A O   1 
HETATM 1131 O  O   . HOH D 4 .   ? -2.010  -10.222 7.549   1.00 20.49  ? 371 HOH A O   1 
HETATM 1132 O  O   . HOH D 4 .   ? 14.674  -12.725 -6.735  1.00 36.40  ? 372 HOH A O   1 
HETATM 1133 O  O   . HOH D 4 .   ? -13.976 -1.282  8.892   1.00 51.25  ? 373 HOH A O   1 
HETATM 1134 O  O   . HOH D 4 .   ? 2.601   0.896   16.915  1.00 31.96  ? 374 HOH A O   1 
HETATM 1135 O  O   . HOH D 4 .   ? 14.356  -9.857  -7.224  1.00 32.43  ? 375 HOH A O   1 
HETATM 1136 O  O   . HOH D 4 .   ? -2.862  -19.234 -6.621  1.00 38.69  ? 376 HOH A O   1 
HETATM 1137 O  O   . HOH D 4 .   ? 14.355  -11.527 5.838   1.00 43.67  ? 377 HOH A O   1 
HETATM 1138 O  O   . HOH D 4 .   ? -17.753 -7.987  -8.480  1.00 42.73  ? 378 HOH A O   1 
HETATM 1139 O  O   . HOH D 4 .   ? -20.320 -1.421  -10.374 1.00 25.10  ? 379 HOH A O   1 
HETATM 1140 O  O   . HOH D 4 .   ? -18.359 3.241   -3.833  1.00 43.71  ? 380 HOH A O   1 
HETATM 1141 O  O   . HOH D 4 .   ? 11.205  -12.762 6.117   1.00 63.83  ? 381 HOH A O   1 
HETATM 1142 O  O   . HOH D 4 .   ? -3.280  -19.968 -2.458  1.00 35.13  ? 382 HOH A O   1 
HETATM 1143 O  O   . HOH D 4 .   ? -11.550 -8.757  -0.427  1.00 33.42  ? 383 HOH A O   1 
HETATM 1144 O  O   . HOH D 4 .   ? 14.218  -6.802  5.073   1.00 48.63  ? 384 HOH A O   1 
HETATM 1145 O  O   . HOH D 4 .   ? 7.953   2.836   -19.588 1.00 35.40  ? 385 HOH A O   1 
HETATM 1146 O  O   . HOH D 4 .   ? -10.140 6.093   13.922  1.00 41.04  ? 386 HOH A O   1 
HETATM 1147 O  O   . HOH D 4 .   ? 1.793   5.460   -15.053 1.00 37.24  ? 387 HOH A O   1 
HETATM 1148 O  O   . HOH D 4 .   ? -8.649  -5.123  6.285   1.00 38.47  ? 388 HOH A O   1 
HETATM 1149 O  O   . HOH D 4 .   ? 4.098   11.655  1.499   1.00 28.49  ? 389 HOH A O   1 
HETATM 1150 O  O   . HOH D 4 .   ? 10.629  8.662   5.794   1.00 31.82  ? 390 HOH A O   1 
HETATM 1151 O  O   . HOH D 4 .   ? -16.885 12.384  -21.729 1.00 32.52  ? 391 HOH A O   1 
HETATM 1152 O  O   . HOH D 4 .   ? 7.084   -13.383 -10.231 1.00 34.23  ? 392 HOH A O   1 
HETATM 1153 O  O   . HOH D 4 .   ? -2.136  -0.859  17.805  1.00 38.90  ? 393 HOH A O   1 
HETATM 1154 O  O   . HOH D 4 .   ? -15.779 -2.646  -1.095  1.00 38.20  ? 394 HOH A O   1 
HETATM 1155 O  O   . HOH D 4 .   ? 5.270   -15.527 1.147   1.00 46.07  ? 395 HOH A O   1 
HETATM 1156 O  O   . HOH D 4 .   ? 7.820   -9.859  12.683  1.00 39.21  ? 396 HOH A O   1 
HETATM 1157 O  O   . HOH D 4 .   ? 10.510  11.042  4.669   1.00 33.35  ? 397 HOH A O   1 
HETATM 1158 O  O   . HOH D 4 .   ? 3.284   14.174  0.873   1.00 52.16  ? 398 HOH A O   1 
HETATM 1159 O  O   . HOH D 4 .   ? 6.795   -6.423  -17.465 1.00 40.52  ? 399 HOH A O   1 
HETATM 1160 O  O   . HOH D 4 .   ? 6.192   12.784  4.500   1.00 23.54  ? 400 HOH A O   1 
# 
